data_2DRX
# 
_entry.id   2DRX 
# 
_audit_conform.dict_name       mmcif_pdbx.dic 
_audit_conform.dict_version    5.380 
_audit_conform.dict_location   http://mmcif.pdb.org/dictionaries/ascii/mmcif_pdbx.dic 
# 
loop_
_database_2.database_id 
_database_2.database_code 
_database_2.pdbx_database_accession 
_database_2.pdbx_DOI 
PDB   2DRX         pdb_00002drx 10.2210/pdb2drx/pdb 
RCSB  RCSB025770   ?            ?                   
WWPDB D_1000025770 ?            ?                   
# 
loop_
_pdbx_database_related.db_name 
_pdbx_database_related.db_id 
_pdbx_database_related.details 
_pdbx_database_related.content_type 
PDB 2DRT 'similar sequence with one LOG triplet' unspecified 
PDB 1V4F 'similar sequence with no LOG triplet'  unspecified 
# 
_pdbx_database_status.status_code                     REL 
_pdbx_database_status.entry_id                        2DRX 
_pdbx_database_status.recvd_initial_deposition_date   2006-06-16 
_pdbx_database_status.deposit_site                    PDBJ 
_pdbx_database_status.process_site                    PDBJ 
_pdbx_database_status.status_code_sf                  REL 
_pdbx_database_status.status_code_mr                  ? 
_pdbx_database_status.SG_entry                        ? 
_pdbx_database_status.status_code_cs                  ? 
_pdbx_database_status.methods_development_category    ? 
_pdbx_database_status.pdb_format_compatible           Y 
_pdbx_database_status.status_code_nmr_data            ? 
# 
_audit_author.name           'Okuyama, K.' 
_audit_author.pdbx_ordinal   1 
# 
_citation.id                        primary 
_citation.title                     'Unique side chain conformation of a leu residue in a triple-helical structure' 
_citation.journal_abbrev            Biopolymers 
_citation.journal_volume            86 
_citation.page_first                212 
_citation.page_last                 221 
_citation.year                      2007 
_citation.journal_id_ASTM           BIPMAA 
_citation.country                   US 
_citation.journal_id_ISSN           0006-3525 
_citation.journal_id_CSD            0161 
_citation.book_publisher            ? 
_citation.pdbx_database_id_PubMed   17373653 
_citation.pdbx_database_id_DOI      10.1002/bip.20724 
# 
loop_
_citation_author.citation_id 
_citation_author.name 
_citation_author.ordinal 
_citation_author.identifier_ORCID 
primary 'Okuyama, K.'   1 ? 
primary 'Narita, H.'    2 ? 
primary 'Kawaguchi, T.' 3 ? 
primary 'Noguchi, K.'   4 ? 
primary 'Tanaka, Y.'    5 ? 
primary 'Nishino, N.'   6 ? 
# 
_cell.entry_id           2DRX 
_cell.length_a           29.894 
_cell.length_b           22.751 
_cell.length_c           46.372 
_cell.angle_alpha        90.00 
_cell.angle_beta         107.62 
_cell.angle_gamma        90.00 
_cell.Z_PDB              6 
_cell.pdbx_unique_axis   ? 
_cell.length_a_esd       ? 
_cell.length_b_esd       ? 
_cell.length_c_esd       ? 
_cell.angle_alpha_esd    ? 
_cell.angle_beta_esd     ? 
_cell.angle_gamma_esd    ? 
# 
_symmetry.entry_id                         2DRX 
_symmetry.space_group_name_H-M             'P 1 21 1' 
_symmetry.pdbx_full_space_group_name_H-M   ? 
_symmetry.cell_setting                     ? 
_symmetry.Int_Tables_number                4 
_symmetry.space_group_name_Hall            ? 
# 
loop_
_entity.id 
_entity.type 
_entity.src_method 
_entity.pdbx_description 
_entity.formula_weight 
_entity.pdbx_number_of_molecules 
_entity.pdbx_ec 
_entity.pdbx_mutation 
_entity.pdbx_fragment 
_entity.details 
1 polymer syn 'collagen like peptide' 2722.914 3   ? ? ? ? 
2 water   nat water                   18.015   170 ? ? ? ? 
# 
_entity_poly.entity_id                      1 
_entity_poly.type                           'polypeptide(L)' 
_entity_poly.nstd_linkage                   no 
_entity_poly.nstd_monomer                   yes 
_entity_poly.pdbx_seq_one_letter_code       'P(HYP)GP(HYP)GP(HYP)GP(HYP)GL(HYP)GL(HYP)GP(HYP)GP(HYP)GP(HYP)GP(HYP)G' 
_entity_poly.pdbx_seq_one_letter_code_can   PPGPPGPPGPPGLPGLPGPPGPPGPPGPPG 
_entity_poly.pdbx_strand_id                 A,B,C 
_entity_poly.pdbx_target_identifier         ? 
# 
loop_
_entity_poly_seq.entity_id 
_entity_poly_seq.num 
_entity_poly_seq.mon_id 
_entity_poly_seq.hetero 
1 1  PRO n 
1 2  HYP n 
1 3  GLY n 
1 4  PRO n 
1 5  HYP n 
1 6  GLY n 
1 7  PRO n 
1 8  HYP n 
1 9  GLY n 
1 10 PRO n 
1 11 HYP n 
1 12 GLY n 
1 13 LEU n 
1 14 HYP n 
1 15 GLY n 
1 16 LEU n 
1 17 HYP n 
1 18 GLY n 
1 19 PRO n 
1 20 HYP n 
1 21 GLY n 
1 22 PRO n 
1 23 HYP n 
1 24 GLY n 
1 25 PRO n 
1 26 HYP n 
1 27 GLY n 
1 28 PRO n 
1 29 HYP n 
1 30 GLY n 
# 
_pdbx_entity_src_syn.entity_id              1 
_pdbx_entity_src_syn.pdbx_src_id            1 
_pdbx_entity_src_syn.pdbx_alt_source_flag   sample 
_pdbx_entity_src_syn.pdbx_beg_seq_num       ? 
_pdbx_entity_src_syn.pdbx_end_seq_num       ? 
_pdbx_entity_src_syn.organism_scientific    ? 
_pdbx_entity_src_syn.organism_common_name   ? 
_pdbx_entity_src_syn.ncbi_taxonomy_id       ? 
_pdbx_entity_src_syn.details                
'Two LEU-Hyp-Gly guest triplets sandwiched by host Pro-Hyp-Gly sequence; This host triplet is very popular in the collagen sequence.' 
# 
_struct_ref.id                         1 
_struct_ref.entity_id                  1 
_struct_ref.db_name                    PDB 
_struct_ref.db_code                    2DRX 
_struct_ref.pdbx_db_accession          2DRX 
_struct_ref.pdbx_align_begin           ? 
_struct_ref.pdbx_seq_one_letter_code   ? 
_struct_ref.pdbx_db_isoform            ? 
# 
loop_
_struct_ref_seq.align_id 
_struct_ref_seq.ref_id 
_struct_ref_seq.pdbx_PDB_id_code 
_struct_ref_seq.pdbx_strand_id 
_struct_ref_seq.seq_align_beg 
_struct_ref_seq.pdbx_seq_align_beg_ins_code 
_struct_ref_seq.seq_align_end 
_struct_ref_seq.pdbx_seq_align_end_ins_code 
_struct_ref_seq.pdbx_db_accession 
_struct_ref_seq.db_align_beg 
_struct_ref_seq.pdbx_db_align_beg_ins_code 
_struct_ref_seq.db_align_end 
_struct_ref_seq.pdbx_db_align_end_ins_code 
_struct_ref_seq.pdbx_auth_seq_align_beg 
_struct_ref_seq.pdbx_auth_seq_align_end 
1 1 2DRX A 1 ? 30 ? 2DRX 1 ? 30 ? 1 30 
2 1 2DRX B 1 ? 30 ? 2DRX 1 ? 30 ? 1 30 
3 1 2DRX C 1 ? 30 ? 2DRX 1 ? 30 ? 1 30 
# 
loop_
_chem_comp.id 
_chem_comp.type 
_chem_comp.mon_nstd_flag 
_chem_comp.name 
_chem_comp.pdbx_synonyms 
_chem_comp.formula 
_chem_comp.formula_weight 
GLY 'peptide linking'   y GLYCINE          ?              'C2 H5 N O2'  75.067  
HOH non-polymer         . WATER            ?              'H2 O'        18.015  
HYP 'L-peptide linking' n 4-HYDROXYPROLINE HYDROXYPROLINE 'C5 H9 N O3'  131.130 
LEU 'L-peptide linking' y LEUCINE          ?              'C6 H13 N O2' 131.173 
PRO 'L-peptide linking' y PROLINE          ?              'C5 H9 N O2'  115.130 
# 
_exptl.entry_id          2DRX 
_exptl.method            'X-RAY DIFFRACTION' 
_exptl.crystals_number   1 
# 
_exptl_crystal.id                    1 
_exptl_crystal.density_meas          ? 
_exptl_crystal.density_Matthews      1.83 
_exptl_crystal.density_percent_sol   32.95 
_exptl_crystal.description           ? 
_exptl_crystal.F_000                 ? 
_exptl_crystal.preparation           ? 
# 
_exptl_crystal_grow.crystal_id      1 
_exptl_crystal_grow.method          'VAPOR DIFFUSION, HANGING DROP' 
_exptl_crystal_grow.temp            277 
_exptl_crystal_grow.temp_details    ? 
_exptl_crystal_grow.pH              6.0 
_exptl_crystal_grow.pdbx_details    '13.5% PEG 2000, 0.05M citrate buffer, pH 6.0, VAPOR DIFFUSION, HANGING DROP, temperature 277K' 
_exptl_crystal_grow.pdbx_pH_range   . 
# 
_diffrn.id                     1 
_diffrn.ambient_temp           100 
_diffrn.ambient_temp_details   ? 
_diffrn.crystal_id             1 
# 
_diffrn_detector.diffrn_id              1 
_diffrn_detector.detector               CCD 
_diffrn_detector.type                   'ADSC QUANTUM 4' 
_diffrn_detector.pdbx_collection_date   2004-06-25 
_diffrn_detector.details                mirror 
# 
_diffrn_radiation.diffrn_id                        1 
_diffrn_radiation.wavelength_id                    1 
_diffrn_radiation.pdbx_monochromatic_or_laue_m_l   M 
_diffrn_radiation.monochromator                    'Si (111)' 
_diffrn_radiation.pdbx_diffrn_protocol             'SINGLE WAVELENGTH' 
_diffrn_radiation.pdbx_scattering_type             x-ray 
# 
_diffrn_radiation_wavelength.id           1 
_diffrn_radiation_wavelength.wavelength   0.978 
_diffrn_radiation_wavelength.wt           1.0 
# 
_diffrn_source.diffrn_id                   1 
_diffrn_source.source                      SYNCHROTRON 
_diffrn_source.type                        'PHOTON FACTORY BEAMLINE BL-6A' 
_diffrn_source.pdbx_synchrotron_site       'Photon Factory' 
_diffrn_source.pdbx_synchrotron_beamline   BL-6A 
_diffrn_source.pdbx_wavelength             ? 
_diffrn_source.pdbx_wavelength_list        0.978 
# 
_reflns.entry_id                     2DRX 
_reflns.observed_criterion_sigma_F   1.0 
_reflns.observed_criterion_sigma_I   ? 
_reflns.d_resolution_high            1.4 
_reflns.d_resolution_low             50.0 
_reflns.number_all                   11974 
_reflns.number_obs                   10986 
_reflns.percent_possible_obs         99.8 
_reflns.pdbx_Rmerge_I_obs            0.043 
_reflns.pdbx_Rsym_value              ? 
_reflns.pdbx_netI_over_sigmaI        10.5 
_reflns.B_iso_Wilson_estimate        ? 
_reflns.pdbx_redundancy              3.6 
_reflns.R_free_details               ? 
_reflns.limit_h_max                  ? 
_reflns.limit_h_min                  ? 
_reflns.limit_k_max                  ? 
_reflns.limit_k_min                  ? 
_reflns.limit_l_max                  ? 
_reflns.limit_l_min                  ? 
_reflns.observed_criterion_F_max     ? 
_reflns.observed_criterion_F_min     ? 
_reflns.pdbx_chi_squared             ? 
_reflns.pdbx_scaling_rejects         ? 
_reflns.pdbx_ordinal                 1 
_reflns.pdbx_diffrn_id               1 
# 
_reflns_shell.d_res_high             1.4 
_reflns_shell.d_res_low              1.45 
_reflns_shell.percent_possible_all   99.7 
_reflns_shell.Rmerge_I_obs           0.294 
_reflns_shell.pdbx_Rsym_value        ? 
_reflns_shell.meanI_over_sigI_obs    ? 
_reflns_shell.pdbx_redundancy        3.3 
_reflns_shell.percent_possible_obs   ? 
_reflns_shell.number_unique_all      1183 
_reflns_shell.number_measured_all    ? 
_reflns_shell.number_measured_obs    ? 
_reflns_shell.number_unique_obs      ? 
_reflns_shell.pdbx_chi_squared       ? 
_reflns_shell.pdbx_ordinal           1 
_reflns_shell.pdbx_diffrn_id         1 
# 
_refine.entry_id                                 2DRX 
_refine.ls_number_reflns_obs                     10911 
_refine.ls_number_reflns_all                     10254 
_refine.pdbx_ls_sigma_I                          ? 
_refine.pdbx_ls_sigma_F                          0.0 
_refine.pdbx_data_cutoff_high_absF               ? 
_refine.pdbx_data_cutoff_low_absF                ? 
_refine.pdbx_data_cutoff_high_rms_absF           ? 
_refine.ls_d_res_low                             8.00 
_refine.ls_d_res_high                            1.40 
_refine.ls_percent_reflns_obs                    85.5 
_refine.ls_R_factor_obs                          ? 
_refine.ls_R_factor_all                          ? 
_refine.ls_R_factor_R_work                       0.16 
_refine.ls_R_factor_R_free                       0.214 
_refine.ls_R_factor_R_free_error                 ? 
_refine.ls_R_factor_R_free_error_details         ? 
_refine.ls_percent_reflns_R_free                 ? 
_refine.ls_number_reflns_R_free                  657 
_refine.ls_number_parameters                     4655 
_refine.ls_number_restraints                     5584 
_refine.occupancy_min                            ? 
_refine.occupancy_max                            ? 
_refine.correlation_coeff_Fo_to_Fc               ? 
_refine.correlation_coeff_Fo_to_Fc_free          ? 
_refine.B_iso_mean                               ? 
_refine.aniso_B[1][1]                            ? 
_refine.aniso_B[2][2]                            ? 
_refine.aniso_B[3][3]                            ? 
_refine.aniso_B[1][2]                            ? 
_refine.aniso_B[1][3]                            ? 
_refine.aniso_B[2][3]                            ? 
_refine.solvent_model_details                    ? 
_refine.solvent_model_param_ksol                 ? 
_refine.solvent_model_param_bsol                 ? 
_refine.pdbx_solvent_vdw_probe_radii             ? 
_refine.pdbx_solvent_ion_probe_radii             ? 
_refine.pdbx_solvent_shrinkage_radii             ? 
_refine.pdbx_ls_cross_valid_method               'FREE R' 
_refine.details                                  'ANISOTROPIC REFINEMENT REDUCED FREE R (NO CUTOFF) BY ?' 
_refine.pdbx_starting_model                      'PDB ENTRY 1V4F' 
_refine.pdbx_method_to_determine_struct          'MOLECULAR REPLACEMENT' 
_refine.pdbx_isotropic_thermal_model             'anisotropic for peptide, isotropic for water' 
_refine.pdbx_stereochemistry_target_values       'Engh & Huber' 
_refine.pdbx_stereochem_target_val_spec_case     ? 
_refine.pdbx_R_Free_selection_details            RANDOM 
_refine.pdbx_overall_ESU_R                       ? 
_refine.pdbx_overall_ESU_R_Free                  ? 
_refine.overall_SU_ML                            ? 
_refine.overall_SU_B                             ? 
_refine.ls_redundancy_reflns_obs                 ? 
_refine.B_iso_min                                ? 
_refine.B_iso_max                                ? 
_refine.overall_SU_R_Cruickshank_DPI             ? 
_refine.overall_SU_R_free                        ? 
_refine.ls_wR_factor_R_free                      ? 
_refine.ls_wR_factor_R_work                      ? 
_refine.overall_FOM_free_R_set                   ? 
_refine.overall_FOM_work_R_set                   ? 
_refine.pdbx_refine_id                           'X-RAY DIFFRACTION' 
_refine.pdbx_overall_phase_error                 ? 
_refine.pdbx_diffrn_id                           1 
_refine.pdbx_TLS_residual_ADP_flag               ? 
_refine.pdbx_overall_SU_R_free_Cruickshank_DPI   ? 
_refine.pdbx_overall_SU_R_Blow_DPI               ? 
_refine.pdbx_overall_SU_R_free_Blow_DPI          ? 
# 
_refine_analyze.entry_id                        2DRX 
_refine_analyze.Luzzati_coordinate_error_obs    ? 
_refine_analyze.Luzzati_sigma_a_obs             ? 
_refine_analyze.Luzzati_d_res_low_obs           ? 
_refine_analyze.Luzzati_coordinate_error_free   ? 
_refine_analyze.Luzzati_sigma_a_free            ? 
_refine_analyze.Luzzati_d_res_low_free          ? 
_refine_analyze.number_disordered_residues      0 
_refine_analyze.occupancy_sum_hydrogen          482.50 
_refine_analyze.occupancy_sum_non_hydrogen      720.50 
_refine_analyze.pdbx_Luzzati_d_res_high_obs     ? 
_refine_analyze.pdbx_refine_id                  'X-RAY DIFFRACTION' 
# 
_refine_hist.pdbx_refine_id                   'X-RAY DIFFRACTION' 
_refine_hist.cycle_id                         LAST 
_refine_hist.pdbx_number_atoms_protein        558 
_refine_hist.pdbx_number_atoms_nucleic_acid   0 
_refine_hist.pdbx_number_atoms_ligand         0 
_refine_hist.number_atoms_solvent             170 
_refine_hist.number_atoms_total               728 
_refine_hist.d_res_high                       1.40 
_refine_hist.d_res_low                        8.00 
# 
loop_
_refine_ls_restr.type 
_refine_ls_restr.dev_ideal 
_refine_ls_restr.dev_ideal_target 
_refine_ls_restr.weight 
_refine_ls_restr.number 
_refine_ls_restr.pdbx_refine_id 
_refine_ls_restr.pdbx_restraint_function 
s_bond_d               0.009  ? ? ? 'X-RAY DIFFRACTION' ? 
s_angle_d              0.023  ? ? ? 'X-RAY DIFFRACTION' ? 
s_similar_dist         0.000  ? ? ? 'X-RAY DIFFRACTION' ? 
s_from_restr_planes    0.0255 ? ? ? 'X-RAY DIFFRACTION' ? 
s_zero_chiral_vol      0.046  ? ? ? 'X-RAY DIFFRACTION' ? 
s_non_zero_chiral_vol  0.052  ? ? ? 'X-RAY DIFFRACTION' ? 
s_anti_bump_dis_restr  0.009  ? ? ? 'X-RAY DIFFRACTION' ? 
s_rigid_bond_adp_cmpnt 0.003  ? ? ? 'X-RAY DIFFRACTION' ? 
s_similar_adp_cmpnt    0.027  ? ? ? 'X-RAY DIFFRACTION' ? 
s_approx_iso_adps      0.038  ? ? ? 'X-RAY DIFFRACTION' ? 
# 
loop_
_refine_ls_shell.pdbx_total_number_of_bins_used 
_refine_ls_shell.d_res_high 
_refine_ls_shell.d_res_low 
_refine_ls_shell.number_reflns_R_work 
_refine_ls_shell.R_factor_R_work 
_refine_ls_shell.percent_reflns_obs 
_refine_ls_shell.R_factor_R_free 
_refine_ls_shell.R_factor_R_free_error 
_refine_ls_shell.percent_reflns_R_free 
_refine_ls_shell.number_reflns_R_free 
_refine_ls_shell.number_reflns_all 
_refine_ls_shell.R_factor_all 
_refine_ls_shell.number_reflns_obs 
_refine_ls_shell.redundancy_reflns_obs 
_refine_ls_shell.pdbx_refine_id 
. 1.40 1.46 . 0.196 0.103 . . . . . . 1057 . 'X-RAY DIFFRACTION' 
. 1.46 1.53 . 0.206 0.100 . . . . . . 1030 . 'X-RAY DIFFRACTION' 
. 1.53 1.60 . 0.184 0.097 . . . . . . 1001 . 'X-RAY DIFFRACTION' 
. 1.60 1.69 . 0.164 0.102 . . . . . . 1041 . 'X-RAY DIFFRACTION' 
. 1.69 1.81 . 0.158 0.098 . . . . . . 1007 . 'X-RAY DIFFRACTION' 
. 1.81 1.95 . 0.157 0.101 . . . . . . 1032 . 'X-RAY DIFFRACTION' 
# 
_pdbx_refine.entry_id                                    2DRX 
_pdbx_refine.R_factor_all_no_cutoff                      0.1595 
_pdbx_refine.R_factor_obs_no_cutoff                      ? 
_pdbx_refine.free_R_factor_no_cutoff                     ? 
_pdbx_refine.free_R_val_test_set_size_perc_no_cutoff     ? 
_pdbx_refine.free_R_val_test_set_ct_no_cutoff            ? 
_pdbx_refine.R_factor_all_4sig_cutoff                    0.1521 
_pdbx_refine.R_factor_obs_4sig_cutoff                    ? 
_pdbx_refine.free_R_factor_4sig_cutoff                   ? 
_pdbx_refine.free_R_val_test_set_size_perc_4sig_cutoff   ? 
_pdbx_refine.free_R_val_test_set_ct_4sig_cutoff          ? 
_pdbx_refine.number_reflns_obs_4sig_cutoff               8862 
_pdbx_refine.pdbx_refine_id                              'X-RAY DIFFRACTION' 
_pdbx_refine.free_R_error_no_cutoff                      ? 
# 
_struct.entry_id                  2DRX 
_struct.title                     'Structure Analysis of (POG)4-(LOG)2-(POG)4' 
_struct.pdbx_model_details        ? 
_struct.pdbx_CASP_flag            ? 
_struct.pdbx_model_type_details   ? 
# 
_struct_keywords.entry_id        2DRX 
_struct_keywords.pdbx_keywords   'STRUCTURAL PROTEIN' 
_struct_keywords.text            'collagen, triple helix, Leu, STRUCTURAL PROTEIN' 
# 
loop_
_struct_asym.id 
_struct_asym.pdbx_blank_PDB_chainid_flag 
_struct_asym.pdbx_modified 
_struct_asym.entity_id 
_struct_asym.details 
A N N 1 ? 
B N N 1 ? 
C N N 1 ? 
D N N 2 ? 
E N N 2 ? 
F N N 2 ? 
# 
_struct_biol.id   1 
# 
loop_
_struct_conn.id 
_struct_conn.conn_type_id 
_struct_conn.pdbx_leaving_atom_flag 
_struct_conn.pdbx_PDB_id 
_struct_conn.ptnr1_label_asym_id 
_struct_conn.ptnr1_label_comp_id 
_struct_conn.ptnr1_label_seq_id 
_struct_conn.ptnr1_label_atom_id 
_struct_conn.pdbx_ptnr1_label_alt_id 
_struct_conn.pdbx_ptnr1_PDB_ins_code 
_struct_conn.pdbx_ptnr1_standard_comp_id 
_struct_conn.ptnr1_symmetry 
_struct_conn.ptnr2_label_asym_id 
_struct_conn.ptnr2_label_comp_id 
_struct_conn.ptnr2_label_seq_id 
_struct_conn.ptnr2_label_atom_id 
_struct_conn.pdbx_ptnr2_label_alt_id 
_struct_conn.pdbx_ptnr2_PDB_ins_code 
_struct_conn.ptnr1_auth_asym_id 
_struct_conn.ptnr1_auth_comp_id 
_struct_conn.ptnr1_auth_seq_id 
_struct_conn.ptnr2_auth_asym_id 
_struct_conn.ptnr2_auth_comp_id 
_struct_conn.ptnr2_auth_seq_id 
_struct_conn.ptnr2_symmetry 
_struct_conn.pdbx_ptnr3_label_atom_id 
_struct_conn.pdbx_ptnr3_label_seq_id 
_struct_conn.pdbx_ptnr3_label_comp_id 
_struct_conn.pdbx_ptnr3_label_asym_id 
_struct_conn.pdbx_ptnr3_label_alt_id 
_struct_conn.pdbx_ptnr3_PDB_ins_code 
_struct_conn.details 
_struct_conn.pdbx_dist_value 
_struct_conn.pdbx_value_order 
_struct_conn.pdbx_role 
covale1  covale both ? A PRO 1  C ? ? ? 1_555 A HYP 2  N ? ? A PRO 1  A HYP 2  1_555 ? ? ? ? ? ? ? 1.327 ? ? 
covale2  covale both ? A HYP 2  C ? ? ? 1_555 A GLY 3  N ? ? A HYP 2  A GLY 3  1_555 ? ? ? ? ? ? ? 1.323 ? ? 
covale3  covale both ? A PRO 4  C ? ? ? 1_555 A HYP 5  N ? ? A PRO 4  A HYP 5  1_555 ? ? ? ? ? ? ? 1.322 ? ? 
covale4  covale both ? A HYP 5  C ? ? ? 1_555 A GLY 6  N ? ? A HYP 5  A GLY 6  1_555 ? ? ? ? ? ? ? 1.325 ? ? 
covale5  covale both ? A PRO 7  C ? ? ? 1_555 A HYP 8  N ? ? A PRO 7  A HYP 8  1_555 ? ? ? ? ? ? ? 1.326 ? ? 
covale6  covale both ? A HYP 8  C ? ? ? 1_555 A GLY 9  N ? ? A HYP 8  A GLY 9  1_555 ? ? ? ? ? ? ? 1.334 ? ? 
covale7  covale both ? A PRO 10 C ? ? ? 1_555 A HYP 11 N ? ? A PRO 10 A HYP 11 1_555 ? ? ? ? ? ? ? 1.324 ? ? 
covale8  covale both ? A HYP 11 C ? ? ? 1_555 A GLY 12 N ? ? A HYP 11 A GLY 12 1_555 ? ? ? ? ? ? ? 1.322 ? ? 
covale9  covale both ? A LEU 13 C ? ? ? 1_555 A HYP 14 N ? ? A LEU 13 A HYP 14 1_555 ? ? ? ? ? ? ? 1.333 ? ? 
covale10 covale both ? A HYP 14 C ? ? ? 1_555 A GLY 15 N ? ? A HYP 14 A GLY 15 1_555 ? ? ? ? ? ? ? 1.327 ? ? 
covale11 covale both ? A LEU 16 C ? ? ? 1_555 A HYP 17 N ? ? A LEU 16 A HYP 17 1_555 ? ? ? ? ? ? ? 1.327 ? ? 
covale12 covale both ? A HYP 17 C ? ? ? 1_555 A GLY 18 N ? ? A HYP 17 A GLY 18 1_555 ? ? ? ? ? ? ? 1.319 ? ? 
covale13 covale both ? A PRO 19 C ? ? ? 1_555 A HYP 20 N ? ? A PRO 19 A HYP 20 1_555 ? ? ? ? ? ? ? 1.331 ? ? 
covale14 covale both ? A HYP 20 C ? ? ? 1_555 A GLY 21 N ? ? A HYP 20 A GLY 21 1_555 ? ? ? ? ? ? ? 1.339 ? ? 
covale15 covale both ? A PRO 22 C ? ? ? 1_555 A HYP 23 N ? ? A PRO 22 A HYP 23 1_555 ? ? ? ? ? ? ? 1.318 ? ? 
covale16 covale both ? A HYP 23 C ? ? ? 1_555 A GLY 24 N ? ? A HYP 23 A GLY 24 1_555 ? ? ? ? ? ? ? 1.332 ? ? 
covale17 covale both ? A PRO 25 C ? ? ? 1_555 A HYP 26 N ? ? A PRO 25 A HYP 26 1_555 ? ? ? ? ? ? ? 1.326 ? ? 
covale18 covale both ? A HYP 26 C ? ? ? 1_555 A GLY 27 N ? ? A HYP 26 A GLY 27 1_555 ? ? ? ? ? ? ? 1.324 ? ? 
covale19 covale both ? B HYP 2  C ? ? ? 1_555 B GLY 3  N ? ? B HYP 2  B GLY 3  1_555 ? ? ? ? ? ? ? 1.331 ? ? 
covale20 covale both ? B PRO 4  C ? ? ? 1_555 B HYP 5  N ? ? B PRO 4  B HYP 5  1_555 ? ? ? ? ? ? ? 1.323 ? ? 
covale21 covale both ? B HYP 5  C ? ? ? 1_555 B GLY 6  N ? ? B HYP 5  B GLY 6  1_555 ? ? ? ? ? ? ? 1.330 ? ? 
covale22 covale both ? B PRO 7  C ? ? ? 1_555 B HYP 8  N ? ? B PRO 7  B HYP 8  1_555 ? ? ? ? ? ? ? 1.328 ? ? 
covale23 covale both ? B HYP 8  C ? ? ? 1_555 B GLY 9  N ? ? B HYP 8  B GLY 9  1_555 ? ? ? ? ? ? ? 1.344 ? ? 
covale24 covale both ? B PRO 10 C ? ? ? 1_555 B HYP 11 N ? ? B PRO 10 B HYP 11 1_555 ? ? ? ? ? ? ? 1.322 ? ? 
covale25 covale both ? B HYP 11 C ? ? ? 1_555 B GLY 12 N ? ? B HYP 11 B GLY 12 1_555 ? ? ? ? ? ? ? 1.353 ? ? 
covale26 covale both ? B LEU 13 C ? ? ? 1_555 B HYP 14 N ? ? B LEU 13 B HYP 14 1_555 ? ? ? ? ? ? ? 1.316 ? ? 
covale27 covale both ? B HYP 14 C ? ? ? 1_555 B GLY 15 N ? ? B HYP 14 B GLY 15 1_555 ? ? ? ? ? ? ? 1.340 ? ? 
covale28 covale both ? B LEU 16 C ? ? ? 1_555 B HYP 17 N ? ? B LEU 16 B HYP 17 1_555 ? ? ? ? ? ? ? 1.316 ? ? 
covale29 covale both ? B HYP 17 C ? ? ? 1_555 B GLY 18 N ? ? B HYP 17 B GLY 18 1_555 ? ? ? ? ? ? ? 1.312 ? ? 
covale30 covale both ? B PRO 19 C ? ? ? 1_555 B HYP 20 N ? ? B PRO 19 B HYP 20 1_555 ? ? ? ? ? ? ? 1.332 ? ? 
covale31 covale both ? B HYP 20 C ? ? ? 1_555 B GLY 21 N ? ? B HYP 20 B GLY 21 1_555 ? ? ? ? ? ? ? 1.337 ? ? 
covale32 covale both ? B PRO 22 C ? ? ? 1_555 B HYP 23 N ? ? B PRO 22 B HYP 23 1_555 ? ? ? ? ? ? ? 1.335 ? ? 
covale33 covale both ? B HYP 23 C ? ? ? 1_555 B GLY 24 N ? ? B HYP 23 B GLY 24 1_555 ? ? ? ? ? ? ? 1.330 ? ? 
covale34 covale both ? B PRO 25 C ? ? ? 1_555 B HYP 26 N ? ? B PRO 25 B HYP 26 1_555 ? ? ? ? ? ? ? 1.332 ? ? 
covale35 covale both ? B HYP 26 C ? ? ? 1_555 B GLY 27 N ? ? B HYP 26 B GLY 27 1_555 ? ? ? ? ? ? ? 1.320 ? ? 
covale36 covale both ? B PRO 28 C ? ? ? 1_555 B HYP 29 N ? ? B PRO 28 B HYP 29 1_555 ? ? ? ? ? ? ? 1.327 ? ? 
covale37 covale both ? B HYP 29 C ? ? ? 1_555 B GLY 30 N ? ? B HYP 29 B GLY 30 1_555 ? ? ? ? ? ? ? 1.327 ? ? 
covale38 covale both ? C PRO 1  C ? ? ? 1_555 C HYP 2  N ? ? C PRO 1  C HYP 2  1_555 ? ? ? ? ? ? ? 1.325 ? ? 
covale39 covale both ? C HYP 2  C ? ? ? 1_555 C GLY 3  N ? ? C HYP 2  C GLY 3  1_555 ? ? ? ? ? ? ? 1.322 ? ? 
covale40 covale both ? C PRO 4  C ? ? ? 1_555 C HYP 5  N ? ? C PRO 4  C HYP 5  1_555 ? ? ? ? ? ? ? 1.322 ? ? 
covale41 covale both ? C HYP 5  C ? ? ? 1_555 C GLY 6  N ? ? C HYP 5  C GLY 6  1_555 ? ? ? ? ? ? ? 1.339 ? ? 
covale42 covale both ? C PRO 7  C ? ? ? 1_555 C HYP 8  N ? ? C PRO 7  C HYP 8  1_555 ? ? ? ? ? ? ? 1.336 ? ? 
covale43 covale both ? C HYP 8  C ? ? ? 1_555 C GLY 9  N ? ? C HYP 8  C GLY 9  1_555 ? ? ? ? ? ? ? 1.321 ? ? 
covale44 covale both ? C PRO 10 C ? ? ? 1_555 C HYP 11 N ? ? C PRO 10 C HYP 11 1_555 ? ? ? ? ? ? ? 1.324 ? ? 
covale45 covale both ? C HYP 11 C ? ? ? 1_555 C GLY 12 N ? ? C HYP 11 C GLY 12 1_555 ? ? ? ? ? ? ? 1.321 ? ? 
covale46 covale both ? C LEU 13 C ? ? ? 1_555 C HYP 14 N ? ? C LEU 13 C HYP 14 1_555 ? ? ? ? ? ? ? 1.328 ? ? 
covale47 covale both ? C HYP 14 C ? ? ? 1_555 C GLY 15 N ? ? C HYP 14 C GLY 15 1_555 ? ? ? ? ? ? ? 1.338 ? ? 
covale48 covale both ? C LEU 16 C ? ? ? 1_555 C HYP 17 N ? ? C LEU 16 C HYP 17 1_555 ? ? ? ? ? ? ? 1.320 ? ? 
covale49 covale both ? C HYP 17 C ? ? ? 1_555 C GLY 18 N ? ? C HYP 17 C GLY 18 1_555 ? ? ? ? ? ? ? 1.328 ? ? 
covale50 covale both ? C PRO 19 C ? ? ? 1_555 C HYP 20 N ? ? C PRO 19 C HYP 20 1_555 ? ? ? ? ? ? ? 1.331 ? ? 
covale51 covale both ? C HYP 20 C ? ? ? 1_555 C GLY 21 N ? ? C HYP 20 C GLY 21 1_555 ? ? ? ? ? ? ? 1.336 ? ? 
covale52 covale both ? C PRO 22 C ? ? ? 1_555 C HYP 23 N ? ? C PRO 22 C HYP 23 1_555 ? ? ? ? ? ? ? 1.322 ? ? 
covale53 covale both ? C HYP 23 C ? ? ? 1_555 C GLY 24 N ? ? C HYP 23 C GLY 24 1_555 ? ? ? ? ? ? ? 1.319 ? ? 
covale54 covale both ? C PRO 25 C ? ? ? 1_555 C HYP 26 N ? ? C PRO 25 C HYP 26 1_555 ? ? ? ? ? ? ? 1.313 ? ? 
covale55 covale both ? C HYP 26 C ? ? ? 1_555 C GLY 27 N ? ? C HYP 26 C GLY 27 1_555 ? ? ? ? ? ? ? 1.327 ? ? 
covale56 covale both ? C PRO 28 C ? ? ? 1_555 C HYP 29 N ? ? C PRO 28 C HYP 29 1_555 ? ? ? ? ? ? ? 1.335 ? ? 
covale57 covale both ? C HYP 29 C ? ? ? 1_555 C GLY 30 N ? ? C HYP 29 C GLY 30 1_555 ? ? ? ? ? ? ? 1.331 ? ? 
# 
_struct_conn_type.id          covale 
_struct_conn_type.criteria    ? 
_struct_conn_type.reference   ? 
# 
_atom_sites.entry_id                    2DRX 
_atom_sites.fract_transf_matrix[1][1]   -0.01405394 
_atom_sites.fract_transf_matrix[1][2]   0.01206301 
_atom_sites.fract_transf_matrix[1][3]   -0.02981403 
_atom_sites.fract_transf_matrix[2][1]   -0.02865247 
_atom_sites.fract_transf_matrix[2][2]   0.02393945 
_atom_sites.fract_transf_matrix[2][3]   0.02319251 
_atom_sites.fract_transf_matrix[3][1]   0.01114516 
_atom_sites.fract_transf_matrix[3][2]   0.01885089 
_atom_sites.fract_transf_matrix[3][3]   -0.00568905 
_atom_sites.fract_transf_vector[1]      -0.866797 
_atom_sites.fract_transf_vector[2]      0.007237 
_atom_sites.fract_transf_vector[3]      0.544153 
# 
loop_
_atom_type.symbol 
C 
N 
O 
# 
loop_
_atom_site.group_PDB 
_atom_site.id 
_atom_site.type_symbol 
_atom_site.label_atom_id 
_atom_site.label_alt_id 
_atom_site.label_comp_id 
_atom_site.label_asym_id 
_atom_site.label_entity_id 
_atom_site.label_seq_id 
_atom_site.pdbx_PDB_ins_code 
_atom_site.Cartn_x 
_atom_site.Cartn_y 
_atom_site.Cartn_z 
_atom_site.occupancy 
_atom_site.B_iso_or_equiv 
_atom_site.pdbx_formal_charge 
_atom_site.auth_seq_id 
_atom_site.auth_comp_id 
_atom_site.auth_asym_id 
_atom_site.auth_atom_id 
_atom_site.pdbx_PDB_model_num 
ATOM   1   N N   . PRO A 1 1  ? 30.205  11.296  22.318  1.00 37.27 ? 1    PRO A N   1 
ATOM   2   C CA  . PRO A 1 1  ? 30.207  10.606  21.011  1.00 36.44 ? 1    PRO A CA  1 
ATOM   3   C C   . PRO A 1 1  ? 28.899  10.887  20.288  1.00 35.27 ? 1    PRO A C   1 
ATOM   4   O O   . PRO A 1 1  ? 28.069  11.602  20.864  1.00 34.70 ? 1    PRO A O   1 
ATOM   5   C CB  . PRO A 1 1  ? 30.334  9.152   21.478  1.00 38.64 ? 1    PRO A CB  1 
ATOM   6   C CG  . PRO A 1 1  ? 29.344  9.144   22.600  1.00 37.76 ? 1    PRO A CG  1 
ATOM   7   C CD  . PRO A 1 1  ? 29.617  10.424  23.355  1.00 38.62 ? 1    PRO A CD  1 
HETATM 8   N N   . HYP A 1 2  ? 28.658  10.383  19.084  1.00 32.56 ? 2    HYP A N   1 
HETATM 9   C CA  . HYP A 1 2  ? 27.448  10.764  18.350  1.00 30.81 ? 2    HYP A CA  1 
HETATM 10  C C   . HYP A 1 2  ? 26.190  10.331  19.097  1.00 27.39 ? 2    HYP A C   1 
HETATM 11  O O   . HYP A 1 2  ? 26.222  9.440   19.938  1.00 25.50 ? 2    HYP A O   1 
HETATM 12  C CB  . HYP A 1 2  ? 27.540  9.968   17.045  1.00 31.98 ? 2    HYP A CB  1 
HETATM 13  C CG  . HYP A 1 2  ? 29.012  9.707   16.904  1.00 32.18 ? 2    HYP A CG  1 
HETATM 14  C CD  . HYP A 1 2  ? 29.454  9.410   18.316  1.00 33.63 ? 2    HYP A CD  1 
HETATM 15  O OD1 . HYP A 1 2  ? 29.591  10.929  16.525  1.00 35.51 ? 2    HYP A OD1 1 
ATOM   16  N N   . GLY A 1 3  ? 25.085  10.979  18.764  1.00 23.53 ? 3    GLY A N   1 
ATOM   17  C CA  . GLY A 1 3  ? 23.827  10.679  19.419  1.00 20.45 ? 3    GLY A CA  1 
ATOM   18  C C   . GLY A 1 3  ? 23.276  9.340   18.989  1.00 17.00 ? 3    GLY A C   1 
ATOM   19  O O   . GLY A 1 3  ? 23.779  8.681   18.087  1.00 17.42 ? 3    GLY A O   1 
ATOM   20  N N   . PRO A 1 4  ? 22.194  8.930   19.639  1.00 15.62 ? 4    PRO A N   1 
ATOM   21  C CA  . PRO A 1 4  ? 21.542  7.668   19.294  1.00 13.99 ? 4    PRO A CA  1 
ATOM   22  C C   . PRO A 1 4  ? 20.846  7.820   17.932  1.00 11.99 ? 4    PRO A C   1 
ATOM   23  O O   . PRO A 1 4  ? 20.594  8.929   17.468  1.00 11.28 ? 4    PRO A O   1 
ATOM   24  C CB  . PRO A 1 4  ? 20.513  7.483   20.396  1.00 15.64 ? 4    PRO A CB  1 
ATOM   25  C CG  . PRO A 1 4  ? 20.304  8.819   20.989  1.00 18.15 ? 4    PRO A CG  1 
ATOM   26  C CD  . PRO A 1 4  ? 21.538  9.644   20.736  1.00 17.53 ? 4    PRO A CD  1 
HETATM 27  N N   . HYP A 1 5  ? 20.510  6.704   17.309  1.00 12.17 ? 5    HYP A N   1 
HETATM 28  C CA  . HYP A 1 5  ? 19.729  6.711   16.096  1.00 11.81 ? 5    HYP A CA  1 
HETATM 29  C C   . HYP A 1 5  ? 18.378  7.383   16.329  1.00 12.68 ? 5    HYP A C   1 
HETATM 30  O O   . HYP A 1 5  ? 17.821  7.391   17.447  1.00 12.53 ? 5    HYP A O   1 
HETATM 31  C CB  . HYP A 1 5  ? 19.481  5.221   15.833  1.00 13.09 ? 5    HYP A CB  1 
HETATM 32  C CG  . HYP A 1 5  ? 20.639  4.513   16.486  1.00 10.71 ? 5    HYP A CG  1 
HETATM 33  C CD  . HYP A 1 5  ? 20.869  5.316   17.743  1.00 13.12 ? 5    HYP A CD  1 
HETATM 34  O OD1 . HYP A 1 5  ? 21.741  4.701   15.617  1.00 13.21 ? 5    HYP A OD1 1 
ATOM   35  N N   . GLY A 1 6  ? 17.825  7.956   15.270  1.00 10.53 ? 6    GLY A N   1 
ATOM   36  C CA  . GLY A 1 6  ? 16.458  8.445   15.304  1.00 12.07 ? 6    GLY A CA  1 
ATOM   37  C C   . GLY A 1 6  ? 15.416  7.340   15.314  1.00 10.61 ? 6    GLY A C   1 
ATOM   38  O O   . GLY A 1 6  ? 15.773  6.171   15.235  1.00 10.62 ? 6    GLY A O   1 
ATOM   39  N N   . PRO A 1 7  ? 14.144  7.701   15.447  1.00 10.44 ? 7    PRO A N   1 
ATOM   40  C CA  . PRO A 1 7  ? 13.063  6.708   15.460  1.00 10.21 ? 7    PRO A CA  1 
ATOM   41  C C   . PRO A 1 7  ? 12.698  6.299   14.057  1.00 10.45 ? 7    PRO A C   1 
ATOM   42  O O   . PRO A 1 7  ? 13.177  6.896   13.083  1.00 11.55 ? 7    PRO A O   1 
ATOM   43  C CB  . PRO A 1 7  ? 11.900  7.490   16.089  1.00 12.10 ? 7    PRO A CB  1 
ATOM   44  C CG  . PRO A 1 7  ? 12.116  8.847   15.556  1.00 9.81  ? 7    PRO A CG  1 
ATOM   45  C CD  . PRO A 1 7  ? 13.620  9.065   15.574  1.00 11.24 ? 7    PRO A CD  1 
HETATM 46  N N   . HYP A 1 8  ? 11.885  5.255   13.980  1.00 9.73  ? 8    HYP A N   1 
HETATM 47  C CA  . HYP A 1 8  ? 11.486  4.797   12.642  1.00 9.86  ? 8    HYP A CA  1 
HETATM 48  C C   . HYP A 1 8  ? 10.733  5.871   11.858  1.00 9.04  ? 8    HYP A C   1 
HETATM 49  O O   . HYP A 1 8  ? 10.029  6.726   12.375  1.00 9.79  ? 8    HYP A O   1 
HETATM 50  C CB  . HYP A 1 8  ? 10.588  3.591   12.939  1.00 11.88 ? 8    HYP A CB  1 
HETATM 51  C CG  . HYP A 1 8  ? 10.975  3.143   14.321  1.00 12.94 ? 8    HYP A CG  1 
HETATM 52  C CD  . HYP A 1 8  ? 11.341  4.414   15.042  1.00 10.69 ? 8    HYP A CD  1 
HETATM 53  O OD1 . HYP A 1 8  ? 12.116  2.306   14.202  1.00 14.15 ? 8    HYP A OD1 1 
ATOM   54  N N   . GLY A 1 9  ? 10.876  5.807   10.533  1.00 10.24 ? 9    GLY A N   1 
ATOM   55  C CA  . GLY A 1 9  ? 10.217  6.688   9.611   1.00 10.45 ? 9    GLY A CA  1 
ATOM   56  C C   . GLY A 1 9  ? 8.727   6.405   9.438   1.00 9.67  ? 9    GLY A C   1 
ATOM   57  O O   . GLY A 1 9  ? 8.220   5.438   9.997   1.00 10.72 ? 9    GLY A O   1 
ATOM   58  N N   . PRO A 1 10 ? 8.079   7.262   8.661   1.00 9.00  ? 10   PRO A N   1 
ATOM   59  C CA  . PRO A 1 10 ? 6.643   7.109   8.420   1.00 9.95  ? 10   PRO A CA  1 
ATOM   60  C C   . PRO A 1 10 ? 6.309   5.904   7.565   1.00 9.41  ? 10   PRO A C   1 
ATOM   61  O O   . PRO A 1 10 ? 7.133   5.421   6.784   1.00 8.22  ? 10   PRO A O   1 
ATOM   62  C CB  . PRO A 1 10 ? 6.280   8.393   7.654   1.00 12.95 ? 10   PRO A CB  1 
ATOM   63  C CG  . PRO A 1 10 ? 7.370   9.367   7.966   1.00 16.28 ? 10   PRO A CG  1 
ATOM   64  C CD  . PRO A 1 10 ? 8.601   8.466   7.960   1.00 11.98 ? 10   PRO A CD  1 
HETATM 65  N N   . HYP A 1 11 ? 5.097   5.378   7.652   1.00 10.82 ? 11   HYP A N   1 
HETATM 66  C CA  . HYP A 1 11 ? 4.723   4.279   6.746   1.00 9.90  ? 11   HYP A CA  1 
HETATM 67  C C   . HYP A 1 11 ? 4.834   4.722   5.302   1.00 8.82  ? 11   HYP A C   1 
HETATM 68  O O   . HYP A 1 11 ? 4.706   5.894   4.956   1.00 10.59 ? 11   HYP A O   1 
HETATM 69  C CB  . HYP A 1 11 ? 3.260   4.005   7.114   1.00 12.28 ? 11   HYP A CB  1 
HETATM 70  C CG  . HYP A 1 11 ? 3.162   4.489   8.547   1.00 13.72 ? 11   HYP A CG  1 
HETATM 71  C CD  . HYP A 1 11 ? 3.998   5.737   8.553   1.00 13.87 ? 11   HYP A CD  1 
HETATM 72  O OD1 . HYP A 1 11 ? 3.742   3.530   9.407   1.00 15.83 ? 11   HYP A OD1 1 
ATOM   73  N N   . GLY A 1 12 ? 5.066   3.766   4.419   1.00 8.72  ? 12   GLY A N   1 
ATOM   74  C CA  . GLY A 1 12 ? 5.039   4.072   2.999   1.00 8.88  ? 12   GLY A CA  1 
ATOM   75  C C   . GLY A 1 12 ? 3.673   4.427   2.450   1.00 8.33  ? 12   GLY A C   1 
ATOM   76  O O   . GLY A 1 12 ? 2.643   4.399   3.124   1.00 8.17  ? 12   GLY A O   1 
ATOM   77  N N   . LEU A 1 13 ? 3.697   4.803   1.164   1.00 8.62  ? 13   LEU A N   1 
ATOM   78  C CA  . LEU A 1 13 ? 2.439   5.135   0.493   1.00 8.38  ? 13   LEU A CA  1 
ATOM   79  C C   . LEU A 1 13 ? 1.500   3.952   0.369   1.00 7.60  ? 13   LEU A C   1 
ATOM   80  O O   . LEU A 1 13 ? 1.926   2.802   0.223   1.00 9.18  ? 13   LEU A O   1 
ATOM   81  C CB  . LEU A 1 13 ? 2.757   5.658   -0.911  1.00 10.64 ? 13   LEU A CB  1 
ATOM   82  C CG  . LEU A 1 13 ? 3.564   6.955   -0.971  1.00 11.41 ? 13   LEU A CG  1 
ATOM   83  C CD1 . LEU A 1 13 ? 4.271   7.193   -2.297  1.00 15.84 ? 13   LEU A CD1 1 
ATOM   84  C CD2 . LEU A 1 13 ? 2.666   8.158   -0.682  1.00 11.29 ? 13   LEU A CD2 1 
HETATM 85  N N   . HYP A 1 14 ? 0.191   4.202   0.336   1.00 7.60  ? 14   HYP A N   1 
HETATM 86  C CA  . HYP A 1 14 ? -0.709  3.085   0.059   1.00 8.40  ? 14   HYP A CA  1 
HETATM 87  C C   . HYP A 1 14 ? -0.398  2.479   -1.307  1.00 9.38  ? 14   HYP A C   1 
HETATM 88  O O   . HYP A 1 14 ? 0.069   3.152   -2.226  1.00 10.19 ? 14   HYP A O   1 
HETATM 89  C CB  . HYP A 1 14 ? -2.076  3.775   0.061   1.00 11.92 ? 14   HYP A CB  1 
HETATM 90  C CG  . HYP A 1 14 ? -1.893  5.037   0.857   1.00 11.90 ? 14   HYP A CG  1 
HETATM 91  C CD  . HYP A 1 14 ? -0.500  5.484   0.528   1.00 9.15  ? 14   HYP A CD  1 
HETATM 92  O OD1 . HYP A 1 14 ? -2.022  4.744   2.230   1.00 12.29 ? 14   HYP A OD1 1 
ATOM   93  N N   . GLY A 1 15 ? -0.638  1.178   -1.411  1.00 9.84  ? 15   GLY A N   1 
ATOM   94  C CA  . GLY A 1 15 ? -0.409  0.474   -2.650  1.00 10.69 ? 15   GLY A CA  1 
ATOM   95  C C   . GLY A 1 15 ? -1.444  0.852   -3.714  1.00 10.91 ? 15   GLY A C   1 
ATOM   96  O O   . GLY A 1 15 ? -2.452  1.512   -3.490  1.00 12.06 ? 15   GLY A O   1 
ATOM   97  N N   . LEU A 1 16 ? -1.202  0.390   -4.927  1.00 12.33 ? 16   LEU A N   1 
ATOM   98  C CA  . LEU A 1 16 ? -2.074  0.653   -6.070  1.00 11.80 ? 16   LEU A CA  1 
ATOM   99  C C   . LEU A 1 16 ? -3.357  -0.157  -5.996  1.00 10.51 ? 16   LEU A C   1 
ATOM   100 O O   . LEU A 1 16 ? -3.475  -1.179  -5.293  1.00 10.85 ? 16   LEU A O   1 
ATOM   101 C CB  . LEU A 1 16 ? -1.304  0.348   -7.351  1.00 15.77 ? 16   LEU A CB  1 
ATOM   102 C CG  . LEU A 1 16 ? -0.252  1.367   -7.804  1.00 22.43 ? 16   LEU A CG  1 
ATOM   103 C CD1 . LEU A 1 16 ? -0.039  1.303   -9.312  1.00 33.09 ? 16   LEU A CD1 1 
ATOM   104 C CD2 . LEU A 1 16 ? -0.593  2.802   -7.430  1.00 27.82 ? 16   LEU A CD2 1 
HETATM 105 N N   . HYP A 1 17 ? -4.383  0.283   -6.714  1.00 10.35 ? 17   HYP A N   1 
HETATM 106 C CA  . HYP A 1 17 ? -5.607  -0.525  -6.748  1.00 11.02 ? 17   HYP A CA  1 
HETATM 107 C C   . HYP A 1 17 ? -5.325  -1.903  -7.347  1.00 9.66  ? 17   HYP A C   1 
HETATM 108 O O   . HYP A 1 17 ? -4.420  -2.047  -8.176  1.00 11.22 ? 17   HYP A O   1 
HETATM 109 C CB  . HYP A 1 17 ? -6.512  0.297   -7.659  1.00 11.02 ? 17   HYP A CB  1 
HETATM 110 C CG  . HYP A 1 17 ? -5.959  1.695   -7.617  1.00 11.32 ? 17   HYP A CG  1 
HETATM 111 C CD  . HYP A 1 17 ? -4.487  1.520   -7.472  1.00 11.32 ? 17   HYP A CD  1 
HETATM 112 O OD1 . HYP A 1 17 ? -6.483  2.314   -6.462  1.00 14.03 ? 17   HYP A OD1 1 
ATOM   113 N N   . GLY A 1 18 ? -6.096  -2.878  -6.907  1.00 9.09  ? 18   GLY A N   1 
ATOM   114 C CA  . GLY A 1 18 ? -6.004  -4.268  -7.315  1.00 7.93  ? 18   GLY A CA  1 
ATOM   115 C C   . GLY A 1 18 ? -6.368  -4.476  -8.775  1.00 8.37  ? 18   GLY A C   1 
ATOM   116 O O   . GLY A 1 18 ? -6.854  -3.564  -9.461  1.00 8.49  ? 18   GLY A O   1 
ATOM   117 N N   . PRO A 1 19 ? -6.120  -5.690  -9.257  1.00 8.35  ? 19   PRO A N   1 
ATOM   118 C CA  . PRO A 1 19 ? -6.548  -6.064  -10.605 1.00 7.61  ? 19   PRO A CA  1 
ATOM   119 C C   . PRO A 1 19 ? -8.071  -5.979  -10.775 1.00 8.43  ? 19   PRO A C   1 
ATOM   120 O O   . PRO A 1 19 ? -8.820  -6.034  -9.775  1.00 8.04  ? 19   PRO A O   1 
ATOM   121 C CB  . PRO A 1 19 ? -6.028  -7.492  -10.756 1.00 8.52  ? 19   PRO A CB  1 
ATOM   122 C CG  . PRO A 1 19 ? -4.910  -7.602  -9.775  1.00 11.99 ? 19   PRO A CG  1 
ATOM   123 C CD  . PRO A 1 19 ? -5.367  -6.770  -8.592  1.00 8.89  ? 19   PRO A CD  1 
HETATM 124 N N   . HYP A 1 20 ? -8.526  -5.863  -12.021 1.00 8.32  ? 20   HYP A N   1 
HETATM 125 C CA  . HYP A 1 20 ? -9.963  -5.914  -12.275 1.00 9.26  ? 20   HYP A CA  1 
HETATM 126 C C   . HYP A 1 20 ? -10.520 -7.280  -11.886 1.00 8.86  ? 20   HYP A C   1 
HETATM 127 O O   . HYP A 1 20 ? -9.842  -8.299  -11.938 1.00 11.07 ? 20   HYP A O   1 
HETATM 128 C CB  . HYP A 1 20 ? -10.072 -5.709  -13.787 1.00 10.67 ? 20   HYP A CB  1 
HETATM 129 C CG  . HYP A 1 20 ? -8.824  -5.002  -14.180 1.00 10.72 ? 20   HYP A CG  1 
HETATM 130 C CD  . HYP A 1 20 ? -7.784  -5.658  -13.280 1.00 11.52 ? 20   HYP A CD  1 
HETATM 131 O OD1 . HYP A 1 20 ? -8.850  -3.631  -13.917 1.00 14.44 ? 20   HYP A OD1 1 
ATOM   132 N N   . GLY A 1 21 ? -11.793 -7.248  -11.468 1.00 9.40  ? 21   GLY A N   1 
ATOM   133 C CA  . GLY A 1 21 ? -12.506 -8.480  -11.159 1.00 10.07 ? 21   GLY A CA  1 
ATOM   134 C C   . GLY A 1 21 ? -12.798 -9.262  -12.436 1.00 10.21 ? 21   GLY A C   1 
ATOM   135 O O   . GLY A 1 21 ? -12.686 -8.741  -13.548 1.00 10.71 ? 21   GLY A O   1 
ATOM   136 N N   . PRO A 1 22 ? -13.170 -10.526 -12.239 1.00 11.49 ? 22   PRO A N   1 
ATOM   137 C CA  . PRO A 1 22 ? -13.547 -11.377 -13.382 1.00 10.61 ? 22   PRO A CA  1 
ATOM   138 C C   . PRO A 1 22 ? -14.925 -11.004 -13.910 1.00 9.77  ? 22   PRO A C   1 
ATOM   139 O O   . PRO A 1 22 ? -15.727 -10.312 -13.252 1.00 9.87  ? 22   PRO A O   1 
ATOM   140 C CB  . PRO A 1 22 ? -13.608 -12.784 -12.810 1.00 14.24 ? 22   PRO A CB  1 
ATOM   141 C CG  . PRO A 1 22 ? -13.666 -12.609 -11.347 1.00 16.03 ? 22   PRO A CG  1 
ATOM   142 C CD  . PRO A 1 22 ? -13.280 -11.221 -10.954 1.00 14.59 ? 22   PRO A CD  1 
HETATM 143 N N   . HYP A 1 23 ? -15.198 -11.483 -15.106 1.00 9.11  ? 23   HYP A N   1 
HETATM 144 C CA  . HYP A 1 23 ? -16.545 -11.278 -15.649 1.00 9.31  ? 23   HYP A CA  1 
HETATM 145 C C   . HYP A 1 23 ? -17.640 -11.846 -14.770 1.00 8.91  ? 23   HYP A C   1 
HETATM 146 O O   . HYP A 1 23 ? -17.499 -12.798 -14.030 1.00 10.43 ? 23   HYP A O   1 
HETATM 147 C CB  . HYP A 1 23 ? -16.494 -12.041 -16.985 1.00 11.85 ? 23   HYP A CB  1 
HETATM 148 C CG  . HYP A 1 23 ? -15.038 -12.051 -17.324 1.00 11.33 ? 23   HYP A CG  1 
HETATM 149 C CD  . HYP A 1 23 ? -14.326 -12.247 -16.025 1.00 11.65 ? 23   HYP A CD  1 
HETATM 150 O OD1 . HYP A 1 23 ? -14.656 -10.869 -17.953 1.00 14.00 ? 23   HYP A OD1 1 
ATOM   151 N N   . GLY A 1 24 ? -18.805 -11.209 -14.878 1.00 10.40 ? 24   GLY A N   1 
ATOM   152 C CA  . GLY A 1 24 ? -19.938 -11.594 -14.068 1.00 11.89 ? 24   GLY A CA  1 
ATOM   153 C C   . GLY A 1 24 ? -20.623 -12.867 -14.554 1.00 13.37 ? 24   GLY A C   1 
ATOM   154 O O   . GLY A 1 24 ? -20.211 -13.519 -15.517 1.00 15.13 ? 24   GLY A O   1 
ATOM   155 N N   . PRO A 1 25 ? -21.690 -13.212 -13.825 1.00 14.70 ? 25   PRO A N   1 
ATOM   156 C CA  . PRO A 1 25 ? -22.547 -14.329 -14.190 1.00 16.38 ? 25   PRO A CA  1 
ATOM   157 C C   . PRO A 1 25 ? -23.279 -14.135 -15.505 1.00 18.89 ? 25   PRO A C   1 
ATOM   158 O O   . PRO A 1 25 ? -23.536 -13.017 -15.934 1.00 17.15 ? 25   PRO A O   1 
ATOM   159 C CB  . PRO A 1 25 ? -23.622 -14.354 -13.101 1.00 16.41 ? 25   PRO A CB  1 
ATOM   160 C CG  . PRO A 1 25 ? -23.026 -13.608 -11.970 1.00 17.74 ? 25   PRO A CG  1 
ATOM   161 C CD  . PRO A 1 25 ? -22.115 -12.569 -12.569 1.00 15.25 ? 25   PRO A CD  1 
HETATM 162 N N   . HYP A 1 26 ? -23.642 -15.245 -16.134 1.00 21.74 ? 26   HYP A N   1 
HETATM 163 C CA  . HYP A 1 26 ? -24.444 -15.146 -17.362 1.00 21.90 ? 26   HYP A CA  1 
HETATM 164 C C   . HYP A 1 26 ? -25.770 -14.434 -17.095 1.00 24.24 ? 26   HYP A C   1 
HETATM 165 O O   . HYP A 1 26 ? -26.290 -14.532 -15.994 1.00 24.43 ? 26   HYP A O   1 
HETATM 166 C CB  . HYP A 1 26 ? -24.730 -16.599 -17.727 1.00 24.03 ? 26   HYP A CB  1 
HETATM 167 C CG  . HYP A 1 26 ? -23.629 -17.370 -17.061 1.00 22.67 ? 26   HYP A CG  1 
HETATM 168 C CD  . HYP A 1 26 ? -23.343 -16.642 -15.784 1.00 23.76 ? 26   HYP A CD  1 
HETATM 169 O OD1 . HYP A 1 26 ? -22.471 -17.376 -17.852 1.00 31.60 ? 26   HYP A OD1 1 
ATOM   170 N N   . GLY A 1 27 ? -26.308 -13.747 -18.090 1.00 27.05 ? 27   GLY A N   1 
ATOM   171 C CA  . GLY A 1 27 ? -27.527 -12.956 -17.910 1.00 28.74 ? 27   GLY A CA  1 
ATOM   172 C C   . GLY A 1 27 ? -28.749 -13.862 -17.975 1.00 31.93 ? 27   GLY A C   1 
ATOM   173 O O   . GLY A 1 27 ? -28.564 -14.996 -18.408 1.00 34.22 ? 27   GLY A O   1 
ATOM   174 N N   . PRO A 1 28 ? -29.887 -13.358 -17.544 1.00 34.79 ? 28   PRO A N   1 
ATOM   175 C CA  . PRO A 1 28 ? -31.177 -14.061 -17.648 1.00 36.67 ? 28   PRO A CA  1 
ATOM   176 C C   . PRO A 1 28 ? -31.323 -14.940 -18.880 1.00 37.97 ? 28   PRO A C   1 
ATOM   177 O O   . PRO A 1 28 ? -31.199 -14.555 -20.044 1.00 39.80 ? 28   PRO A O   1 
ATOM   178 C CB  . PRO A 1 28 ? -32.143 -12.858 -17.698 1.00 39.09 ? 28   PRO A CB  1 
ATOM   179 C CG  . PRO A 1 28 ? -31.539 -11.945 -16.669 1.00 38.06 ? 28   PRO A CG  1 
ATOM   180 C CD  . PRO A 1 28 ? -30.055 -12.060 -16.870 1.00 36.97 ? 28   PRO A CD  1 
HETATM 181 N N   . HYP B 1 2  ? 27.530  18.583  23.059  0.50 38.20 ? 2    HYP B N   1 
HETATM 182 C CA  . HYP B 1 2  ? 27.950  17.174  23.100  0.50 37.54 ? 2    HYP B CA  1 
HETATM 183 C C   . HYP B 1 2  ? 28.543  16.821  21.731  0.50 37.33 ? 2    HYP B C   1 
HETATM 184 O O   . HYP B 1 2  ? 29.133  17.697  21.094  0.50 40.11 ? 2    HYP B O   1 
HETATM 185 C CB  . HYP B 1 2  ? 26.689  16.370  23.350  0.50 38.86 ? 2    HYP B CB  1 
HETATM 186 C CG  . HYP B 1 2  ? 25.694  17.358  23.861  0.50 38.88 ? 2    HYP B CG  1 
HETATM 187 C CD  . HYP B 1 2  ? 26.071  18.685  23.264  0.50 39.16 ? 2    HYP B CD  1 
HETATM 188 O OD1 . HYP B 1 2  ? 25.876  17.385  25.257  0.50 28.76 ? 2    HYP B OD1 1 
ATOM   189 N N   . GLY B 1 3  ? 28.399  15.592  21.239  1.00 36.97 ? 3    GLY B N   1 
ATOM   190 C CA  . GLY B 1 3  ? 28.844  15.292  19.873  1.00 35.66 ? 3    GLY B CA  1 
ATOM   191 C C   . GLY B 1 3  ? 27.754  15.592  18.859  1.00 34.01 ? 3    GLY B C   1 
ATOM   192 O O   . GLY B 1 3  ? 26.801  16.311  19.174  1.00 38.18 ? 3    GLY B O   1 
ATOM   193 N N   . PRO B 1 4  ? 27.871  15.064  17.643  1.00 31.02 ? 4    PRO B N   1 
ATOM   194 C CA  . PRO B 1 4  ? 26.940  15.397  16.558  1.00 29.41 ? 4    PRO B CA  1 
ATOM   195 C C   . PRO B 1 4  ? 25.647  14.585  16.669  1.00 27.82 ? 4    PRO B C   1 
ATOM   196 O O   . PRO B 1 4  ? 25.649  13.606  17.415  1.00 25.94 ? 4    PRO B O   1 
ATOM   197 C CB  . PRO B 1 4  ? 27.719  15.007  15.302  1.00 30.03 ? 4    PRO B CB  1 
ATOM   198 C CG  . PRO B 1 4  ? 28.652  13.948  15.753  1.00 33.10 ? 4    PRO B CG  1 
ATOM   199 C CD  . PRO B 1 4  ? 28.912  14.112  17.218  1.00 31.74 ? 4    PRO B CD  1 
HETATM 200 N N   . HYP B 1 5  ? 24.586  14.983  15.986  1.00 25.78 ? 5    HYP B N   1 
HETATM 201 C CA  . HYP B 1 5  ? 23.376  14.145  16.036  1.00 23.15 ? 5    HYP B CA  1 
HETATM 202 C C   . HYP B 1 5  ? 23.675  12.735  15.564  1.00 19.47 ? 5    HYP B C   1 
HETATM 203 O O   . HYP B 1 5  ? 24.612  12.444  14.825  1.00 21.60 ? 5    HYP B O   1 
HETATM 204 C CB  . HYP B 1 5  ? 22.396  14.807  15.071  1.00 24.36 ? 5    HYP B CB  1 
HETATM 205 C CG  . HYP B 1 5  ? 22.864  16.212  14.957  1.00 29.15 ? 5    HYP B CG  1 
HETATM 206 C CD  . HYP B 1 5  ? 24.351  16.169  15.154  1.00 28.77 ? 5    HYP B CD  1 
HETATM 207 O OD1 . HYP B 1 5  ? 22.206  17.001  15.919  1.00 38.22 ? 5    HYP B OD1 1 
ATOM   208 N N   . GLY B 1 6  ? 22.798  11.830  15.989  1.00 16.56 ? 6    GLY B N   1 
ATOM   209 C CA  . GLY B 1 6  ? 22.960  10.453  15.565  1.00 14.49 ? 6    GLY B CA  1 
ATOM   210 C C   . GLY B 1 6  ? 22.458  10.177  14.172  1.00 14.78 ? 6    GLY B C   1 
ATOM   211 O O   . GLY B 1 6  ? 21.968  11.063  13.488  1.00 15.27 ? 6    GLY B O   1 
ATOM   212 N N   . PRO B 1 7  ? 22.603  8.920   13.769  1.00 14.81 ? 7    PRO B N   1 
ATOM   213 C CA  . PRO B 1 7  ? 22.144  8.593   12.412  1.00 14.55 ? 7    PRO B CA  1 
ATOM   214 C C   . PRO B 1 7  ? 20.636  8.626   12.281  1.00 12.70 ? 7    PRO B C   1 
ATOM   215 O O   . PRO B 1 7  ? 19.894  8.531   13.262  1.00 12.55 ? 7    PRO B O   1 
ATOM   216 C CB  . PRO B 1 7  ? 22.692  7.183   12.218  1.00 17.58 ? 7    PRO B CB  1 
ATOM   217 C CG  . PRO B 1 7  ? 22.974  6.630   13.561  1.00 20.01 ? 7    PRO B CG  1 
ATOM   218 C CD  . PRO B 1 7  ? 23.148  7.787   14.503  1.00 17.11 ? 7    PRO B CD  1 
HETATM 219 N N   . HYP B 1 8  ? 20.153  8.758   11.051  1.00 13.85 ? 8    HYP B N   1 
HETATM 220 C CA  . HYP B 1 8  ? 18.711  8.644   10.798  1.00 12.17 ? 8    HYP B CA  1 
HETATM 221 C C   . HYP B 1 8  ? 18.175  7.323   11.309  1.00 11.65 ? 8    HYP B C   1 
HETATM 222 O O   . HYP B 1 8  ? 18.870  6.308   11.328  1.00 11.48 ? 8    HYP B O   1 
HETATM 223 C CB  . HYP B 1 8  ? 18.628  8.659   9.274   1.00 15.06 ? 8    HYP B CB  1 
HETATM 224 C CG  . HYP B 1 8  ? 19.848  9.444   8.844   1.00 15.11 ? 8    HYP B CG  1 
HETATM 225 C CD  . HYP B 1 8  ? 20.917  9.007   9.822   1.00 17.85 ? 8    HYP B CD  1 
HETATM 226 O OD1 . HYP B 1 8  ? 19.612  10.814  9.039   1.00 18.84 ? 8    HYP B OD1 1 
ATOM   227 N N   . GLY B 1 9  ? 16.885  7.320   11.685  1.00 12.16 ? 9    GLY B N   1 
ATOM   228 C CA  . GLY B 1 9  ? 16.289  6.087   12.142  1.00 10.92 ? 9    GLY B CA  1 
ATOM   229 C C   . GLY B 1 9  ? 16.059  5.105   11.006  1.00 9.07  ? 9    GLY B C   1 
ATOM   230 O O   . GLY B 1 9  ? 16.270  5.418   9.839   1.00 11.65 ? 9    GLY B O   1 
ATOM   231 N N   . PRO B 1 10 ? 15.559  3.926   11.378  1.00 10.06 ? 10   PRO B N   1 
ATOM   232 C CA  . PRO B 1 10 ? 15.153  2.916   10.384  1.00 9.63  ? 10   PRO B CA  1 
ATOM   233 C C   . PRO B 1 10 ? 14.084  3.430   9.440   1.00 10.57 ? 10   PRO B C   1 
ATOM   234 O O   . PRO B 1 10 ? 13.261  4.277   9.805   1.00 11.66 ? 10   PRO B O   1 
ATOM   235 C CB  . PRO B 1 10 ? 14.565  1.808   11.227  1.00 12.31 ? 10   PRO B CB  1 
ATOM   236 C CG  . PRO B 1 10 ? 15.242  1.981   12.561  1.00 13.68 ? 10   PRO B CG  1 
ATOM   237 C CD  . PRO B 1 10 ? 15.309  3.473   12.750  1.00 11.37 ? 10   PRO B CD  1 
HETATM 238 N N   . HYP B 1 11 ? 14.077  2.904   8.227   1.00 11.37 ? 11   HYP B N   1 
HETATM 239 C CA  . HYP B 1 11 ? 12.985  3.230   7.315   1.00 10.43 ? 11   HYP B CA  1 
HETATM 240 C C   . HYP B 1 11 ? 11.652  2.821   7.913   1.00 9.63  ? 11   HYP B C   1 
HETATM 241 O O   . HYP B 1 11 ? 11.559  1.906   8.735   1.00 11.04 ? 11   HYP B O   1 
HETATM 242 C CB  . HYP B 1 11 ? 13.303  2.403   6.055   1.00 13.25 ? 11   HYP B CB  1 
HETATM 243 C CG  . HYP B 1 11 ? 14.764  2.145   6.123   1.00 11.97 ? 11   HYP B CG  1 
HETATM 244 C CD  . HYP B 1 11 ? 15.043  1.976   7.589   1.00 13.73 ? 11   HYP B CD  1 
HETATM 245 O OD1 . HYP B 1 11 ? 15.472  3.263   5.670   1.00 13.97 ? 11   HYP B OD1 1 
ATOM   246 N N   . GLY B 1 12 ? 10.582  3.508   7.449   1.00 8.78  ? 12   GLY B N   1 
ATOM   247 C CA  . GLY B 1 12 ? 9.246   3.134   7.897   1.00 9.22  ? 12   GLY B CA  1 
ATOM   248 C C   . GLY B 1 12 ? 8.803   1.773   7.382   1.00 8.46  ? 12   GLY B C   1 
ATOM   249 O O   . GLY B 1 12 ? 9.461   1.161   6.516   1.00 10.03 ? 12   GLY B O   1 
ATOM   250 N N   . LEU B 1 13 ? 7.685   1.299   7.906   1.00 9.44  ? 13   LEU B N   1 
ATOM   251 C CA  . LEU B 1 13 ? 7.111   0.048   7.436   1.00 9.68  ? 13   LEU B CA  1 
ATOM   252 C C   . LEU B 1 13 ? 6.439   0.235   6.084   1.00 9.14  ? 13   LEU B C   1 
ATOM   253 O O   . LEU B 1 13 ? 6.139   1.378   5.667   1.00 8.57  ? 13   LEU B O   1 
ATOM   254 C CB  . LEU B 1 13 ? 6.130   -0.503  8.462   1.00 15.30 ? 13   LEU B CB  1 
ATOM   255 C CG  . LEU B 1 13 ? 6.809   -0.880  9.803   1.00 17.30 ? 13   LEU B CG  1 
ATOM   256 C CD1 . LEU B 1 13 ? 5.727   -1.243  10.780  1.00 21.07 ? 13   LEU B CD1 1 
ATOM   257 C CD2 . LEU B 1 13 ? 7.843   -1.972  9.645   1.00 21.83 ? 13   LEU B CD2 1 
HETATM 258 N N   . HYP B 1 14 ? 6.222   -0.840  5.357   1.00 8.03  ? 14   HYP B N   1 
HETATM 259 C CA  . HYP B 1 14 ? 5.514   -0.675  4.074   1.00 7.54  ? 14   HYP B CA  1 
HETATM 260 C C   . HYP B 1 14 ? 4.121   -0.074  4.234   1.00 6.85  ? 14   HYP B C   1 
HETATM 261 O O   . HYP B 1 14 ? 3.464   -0.214  5.273   1.00 9.14  ? 14   HYP B O   1 
HETATM 262 C CB  . HYP B 1 14 ? 5.440   -2.109  3.558   1.00 8.43  ? 14   HYP B CB  1 
HETATM 263 C CG  . HYP B 1 14 ? 6.602   -2.819  4.192   1.00 8.83  ? 14   HYP B CG  1 
HETATM 264 C CD  . HYP B 1 14 ? 6.629   -2.244  5.577   1.00 10.39 ? 14   HYP B CD  1 
HETATM 265 O OD1 . HYP B 1 14 ? 7.794   -2.510  3.518   1.00 11.76 ? 14   HYP B OD1 1 
ATOM   266 N N   . GLY B 1 15 ? 3.658   0.583   3.162   1.00 7.71  ? 15   GLY B N   1 
ATOM   267 C CA  . GLY B 1 15 ? 2.340   1.160   3.186   1.00 7.96  ? 15   GLY B CA  1 
ATOM   268 C C   . GLY B 1 15 ? 1.220   0.142   3.216   1.00 8.39  ? 15   GLY B C   1 
ATOM   269 O O   . GLY B 1 15 ? 1.462   -1.058  3.050   1.00 8.65  ? 15   GLY B O   1 
ATOM   270 N N   . LEU B 1 16 ? -0.027  0.598   3.459   1.00 8.00  ? 16   LEU B N   1 
ATOM   271 C CA  . LEU B 1 16 ? -1.171  -0.257  3.398   1.00 8.13  ? 16   LEU B CA  1 
ATOM   272 C C   . LEU B 1 16 ? -1.340  -0.794  1.975   1.00 8.11  ? 16   LEU B C   1 
ATOM   273 O O   . LEU B 1 16 ? -0.941  -0.143  1.021   1.00 9.29  ? 16   LEU B O   1 
ATOM   274 C CB  . LEU B 1 16 ? -2.417  0.587   3.715   1.00 10.01 ? 16   LEU B CB  1 
ATOM   275 C CG  . LEU B 1 16 ? -2.574  1.070   5.154   1.00 9.45  ? 16   LEU B CG  1 
ATOM   276 C CD1 . LEU B 1 16 ? -3.529  2.246   5.324   1.00 11.88 ? 16   LEU B CD1 1 
ATOM   277 C CD2 . LEU B 1 16 ? -3.059  -0.114  5.973   1.00 15.32 ? 16   LEU B CD2 1 
HETATM 278 N N   . HYP B 1 17 ? -1.969  -1.942  1.845   1.00 8.98  ? 17   HYP B N   1 
HETATM 279 C CA  . HYP B 1 17 ? -2.311  -2.364  0.492   1.00 9.93  ? 17   HYP B CA  1 
HETATM 280 C C   . HYP B 1 17 ? -3.313  -1.402  -0.134  1.00 9.80  ? 17   HYP B C   1 
HETATM 281 O O   . HYP B 1 17 ? -4.086  -0.749  0.592   1.00 11.49 ? 17   HYP B O   1 
HETATM 282 C CB  . HYP B 1 17 ? -3.078  -3.676  0.727   1.00 13.66 ? 17   HYP B CB  1 
HETATM 283 C CG  . HYP B 1 17 ? -2.568  -4.145  2.056   1.00 13.88 ? 17   HYP B CG  1 
HETATM 284 C CD  . HYP B 1 17 ? -2.411  -2.873  2.870   1.00 12.47 ? 17   HYP B CD  1 
HETATM 285 O OD1 . HYP B 1 17 ? -1.301  -4.757  1.930   1.00 14.42 ? 17   HYP B OD1 1 
ATOM   286 N N   . GLY B 1 18 ? -3.318  -1.359  -1.446  1.00 9.92  ? 18   GLY B N   1 
ATOM   287 C CA  . GLY B 1 18 ? -4.292  -0.551  -2.188  1.00 9.06  ? 18   GLY B CA  1 
ATOM   288 C C   . GLY B 1 18 ? -5.696  -1.081  -2.062  1.00 8.33  ? 18   GLY B C   1 
ATOM   289 O O   . GLY B 1 18 ? -5.897  -2.202  -1.549  1.00 8.89  ? 18   GLY B O   1 
ATOM   290 N N   . PRO B 1 19 ? -6.670  -0.307  -2.532  1.00 9.23  ? 19   PRO B N   1 
ATOM   291 C CA  . PRO B 1 19 ? -8.054  -0.795  -2.481  1.00 9.07  ? 19   PRO B CA  1 
ATOM   292 C C   . PRO B 1 19 ? -8.307  -1.889  -3.517  1.00 8.74  ? 19   PRO B C   1 
ATOM   293 O O   . PRO B 1 19 ? -7.447  -2.121  -4.386  1.00 8.69  ? 19   PRO B O   1 
ATOM   294 C CB  . PRO B 1 19 ? -8.889  0.436   -2.889  1.00 12.13 ? 19   PRO B CB  1 
ATOM   295 C CG  . PRO B 1 19 ? -7.940  1.239   -3.729  1.00 12.83 ? 19   PRO B CG  1 
ATOM   296 C CD  . PRO B 1 19 ? -6.563  1.032   -3.146  1.00 12.22 ? 19   PRO B CD  1 
HETATM 297 N N   . HYP B 1 20 ? -9.440  -2.582  -3.419  1.00 8.68  ? 20   HYP B N   1 
HETATM 298 C CA  . HYP B 1 20 ? -9.808  -3.595  -4.390  1.00 8.17  ? 20   HYP B CA  1 
HETATM 299 C C   . HYP B 1 20 ? -9.820  -2.955  -5.784  1.00 8.05  ? 20   HYP B C   1 
HETATM 300 O O   . HYP B 1 20 ? -10.036 -1.770  -5.948  1.00 10.02 ? 20   HYP B O   1 
HETATM 301 C CB  . HYP B 1 20 ? -11.216 -4.029  -3.979  1.00 10.47 ? 20   HYP B CB  1 
HETATM 302 C CG  . HYP B 1 20 ? -11.261 -3.704  -2.510  1.00 12.42 ? 20   HYP B CG  1 
HETATM 303 C CD  . HYP B 1 20 ? -10.450 -2.441  -2.358  1.00 10.51 ? 20   HYP B CD  1 
HETATM 304 O OD1 . HYP B 1 20 ? -10.691 -4.753  -1.765  1.00 14.37 ? 20   HYP B OD1 1 
ATOM   305 N N   . GLY B 1 21 ? -9.597  -3.817  -6.781  1.00 7.58  ? 21   GLY B N   1 
ATOM   306 C CA  . GLY B 1 21 ? -9.658  -3.378  -8.145  1.00 7.51  ? 21   GLY B CA  1 
ATOM   307 C C   . GLY B 1 21 ? -11.080 -3.082  -8.584  1.00 8.13  ? 21   GLY B C   1 
ATOM   308 O O   . GLY B 1 21 ? -12.034 -3.293  -7.841  1.00 9.91  ? 21   GLY B O   1 
ATOM   309 N N   . PRO B 1 22 ? -11.220 -2.573  -9.801  1.00 9.51  ? 22   PRO B N   1 
ATOM   310 C CA  . PRO B 1 22 ? -12.558 -2.280  -10.343 1.00 10.09 ? 22   PRO B CA  1 
ATOM   311 C C   . PRO B 1 22 ? -13.395 -3.535  -10.547 1.00 10.01 ? 22   PRO B C   1 
ATOM   312 O O   . PRO B 1 22 ? -12.889 -4.657  -10.697 1.00 9.82  ? 22   PRO B O   1 
ATOM   313 C CB  . PRO B 1 22 ? -12.285 -1.642  -11.698 1.00 11.25 ? 22   PRO B CB  1 
ATOM   314 C CG  . PRO B 1 22 ? -10.864 -1.872  -11.992 1.00 14.15 ? 22   PRO B CG  1 
ATOM   315 C CD  . PRO B 1 22 ? -10.146 -2.256  -10.732 1.00 9.41  ? 22   PRO B CD  1 
HETATM 316 N N   . HYP B 1 23 ? -14.723 -3.397  -10.568 1.00 10.48 ? 23   HYP B N   1 
HETATM 317 C CA  . HYP B 1 23 ? -15.536 -4.568  -10.854 1.00 10.25 ? 23   HYP B CA  1 
HETATM 318 C C   . HYP B 1 23 ? -15.226 -5.103  -12.248 1.00 8.86  ? 23   HYP B C   1 
HETATM 319 O O   . HYP B 1 23 ? -14.810 -4.402  -13.172 1.00 11.62 ? 23   HYP B O   1 
HETATM 320 C CB  . HYP B 1 23 ? -16.961 -4.042  -10.781 1.00 13.85 ? 23   HYP B CB  1 
HETATM 321 C CG  . HYP B 1 23 ? -16.852 -2.799  -9.939  1.00 12.41 ? 23   HYP B CG  1 
HETATM 322 C CD  . HYP B 1 23 ? -15.528 -2.199  -10.335 1.00 11.37 ? 23   HYP B CD  1 
HETATM 323 O OD1 . HYP B 1 23 ? -16.796 -3.152  -8.577  1.00 14.10 ? 23   HYP B OD1 1 
ATOM   324 N N   . GLY B 1 24 ? -15.428 -6.415  -12.332 1.00 9.29  ? 24   GLY B N   1 
ATOM   325 C CA  . GLY B 1 24 ? -15.241 -7.045  -13.626 1.00 10.00 ? 24   GLY B CA  1 
ATOM   326 C C   . GLY B 1 24 ? -16.318 -6.664  -14.617 1.00 10.61 ? 24   GLY B C   1 
ATOM   327 O O   . GLY B 1 24 ? -17.327 -6.038  -14.297 1.00 12.31 ? 24   GLY B O   1 
ATOM   328 N N   . PRO B 1 25 ? -16.129 -7.051  -15.888 1.00 11.23 ? 25   PRO B N   1 
ATOM   329 C CA  . PRO B 1 25 ? -17.143 -6.821  -16.893 1.00 12.04 ? 25   PRO B CA  1 
ATOM   330 C C   . PRO B 1 25 ? -18.466 -7.541  -16.644 1.00 12.28 ? 25   PRO B C   1 
ATOM   331 O O   . PRO B 1 25 ? -18.490 -8.514  -15.893 1.00 11.59 ? 25   PRO B O   1 
ATOM   332 C CB  . PRO B 1 25 ? -16.472 -7.439  -18.139 1.00 16.38 ? 25   PRO B CB  1 
ATOM   333 C CG  . PRO B 1 25 ? -14.997 -7.391  -17.854 1.00 15.87 ? 25   PRO B CG  1 
ATOM   334 C CD  . PRO B 1 25 ? -14.924 -7.721  -16.391 1.00 12.15 ? 25   PRO B CD  1 
HETATM 335 N N   . HYP B 1 26 ? -19.556 -7.080  -17.256 1.00 13.52 ? 26   HYP B N   1 
HETATM 336 C CA  . HYP B 1 26 ? -20.780 -7.886  -17.215 1.00 13.21 ? 26   HYP B CA  1 
HETATM 337 C C   . HYP B 1 26 ? -20.518 -9.266  -17.803 1.00 11.96 ? 26   HYP B C   1 
HETATM 338 O O   . HYP B 1 26 ? -19.673 -9.419  -18.674 1.00 14.34 ? 26   HYP B O   1 
HETATM 339 C CB  . HYP B 1 26 ? -21.745 -7.134  -18.122 1.00 15.18 ? 26   HYP B CB  1 
HETATM 340 C CG  . HYP B 1 26 ? -21.264 -5.735  -18.127 1.00 14.75 ? 26   HYP B CG  1 
HETATM 341 C CD  . HYP B 1 26 ? -19.762 -5.813  -17.982 1.00 15.92 ? 26   HYP B CD  1 
HETATM 342 O OD1 . HYP B 1 26 ? -21.799 -5.051  -17.024 1.00 21.85 ? 26   HYP B OD1 1 
ATOM   343 N N   . GLY B 1 27 ? -21.246 -10.244 -17.298 1.00 12.21 ? 27   GLY B N   1 
ATOM   344 C CA  . GLY B 1 27 ? -21.187 -11.611 -17.739 1.00 13.46 ? 27   GLY B CA  1 
ATOM   345 C C   . GLY B 1 27 ? -21.712 -11.789 -19.146 1.00 13.29 ? 27   GLY B C   1 
ATOM   346 O O   . GLY B 1 27 ? -22.177 -10.869 -19.788 1.00 15.67 ? 27   GLY B O   1 
ATOM   347 N N   . PRO B 1 28 ? -21.573 -13.008 -19.653 1.00 16.35 ? 28   PRO B N   1 
ATOM   348 C CA  . PRO B 1 28 ? -21.986 -13.257 -21.048 1.00 17.85 ? 28   PRO B CA  1 
ATOM   349 C C   . PRO B 1 28 ? -23.484 -13.064 -21.205 1.00 21.53 ? 28   PRO B C   1 
ATOM   350 O O   . PRO B 1 28 ? -24.243 -13.134 -20.236 1.00 20.05 ? 28   PRO B O   1 
ATOM   351 C CB  . PRO B 1 28 ? -21.578 -14.699 -21.304 1.00 19.10 ? 28   PRO B CB  1 
ATOM   352 C CG  . PRO B 1 28 ? -20.872 -15.174 -20.074 1.00 19.54 ? 28   PRO B CG  1 
ATOM   353 C CD  . PRO B 1 28 ? -21.008 -14.169 -18.975 1.00 18.36 ? 28   PRO B CD  1 
HETATM 354 N N   . HYP B 1 29 ? -23.943 -12.806 -22.424 1.00 24.14 ? 29   HYP B N   1 
HETATM 355 C CA  . HYP B 1 29 ? -25.389 -12.663 -22.644 1.00 25.46 ? 29   HYP B CA  1 
HETATM 356 C C   . HYP B 1 29 ? -26.111 -13.966 -22.344 1.00 28.59 ? 29   HYP B C   1 
HETATM 357 O O   . HYP B 1 29 ? -25.548 -15.064 -22.393 1.00 28.12 ? 29   HYP B O   1 
HETATM 358 C CB  . HYP B 1 29 ? -25.501 -12.335 -24.134 1.00 27.07 ? 29   HYP B CB  1 
HETATM 359 C CG  . HYP B 1 29 ? -24.157 -11.809 -24.507 1.00 29.29 ? 29   HYP B CG  1 
HETATM 360 C CD  . HYP B 1 29 ? -23.188 -12.612 -23.675 1.00 25.15 ? 29   HYP B CD  1 
HETATM 361 O OD1 . HYP B 1 29 ? -24.123 -10.456 -24.083 1.00 29.55 ? 29   HYP B OD1 1 
ATOM   362 N N   . GLY B 1 30 ? -27.392 -13.809 -22.037 1.00 32.74 ? 30   GLY B N   1 
ATOM   363 C CA  . GLY B 1 30 ? -28.217 -14.930 -21.683 1.00 34.71 ? 30   GLY B CA  1 
ATOM   364 C C   . GLY B 1 30 ? -28.768 -15.749 -22.837 1.00 37.41 ? 30   GLY B C   1 
ATOM   365 O O   . GLY B 1 30 ? -28.699 -15.366 -24.028 1.00 42.14 ? 30   GLY B O   1 
ATOM   366 O OXT . GLY B 1 30 ? -29.310 -16.837 -22.501 1.00 44.78 ? 30   GLY B OXT 1 
ATOM   367 N N   . PRO C 1 1  ? 29.834  12.958  25.886  0.50 40.94 ? 1    PRO C N   1 
ATOM   368 C CA  . PRO C 1 1  ? 28.541  13.640  25.811  0.50 40.56 ? 1    PRO C CA  1 
ATOM   369 C C   . PRO C 1 1  ? 27.777  13.293  24.541  0.50 41.12 ? 1    PRO C C   1 
ATOM   370 O O   . PRO C 1 1  ? 27.949  13.975  23.526  0.50 41.58 ? 1    PRO C O   1 
ATOM   371 C CB  . PRO C 1 1  ? 28.969  15.113  25.771  0.50 41.07 ? 1    PRO C CB  1 
ATOM   372 C CG  . PRO C 1 1  ? 30.213  15.162  26.590  0.50 40.31 ? 1    PRO C CG  1 
ATOM   373 C CD  . PRO C 1 1  ? 30.885  13.827  26.450  0.50 40.32 ? 1    PRO C CD  1 
HETATM 374 N N   . HYP C 1 2  ? 26.945  12.264  24.582  1.00 40.89 ? 2    HYP C N   1 
HETATM 375 C CA  . HYP C 1 2  ? 26.204  11.843  23.391  1.00 40.75 ? 2    HYP C CA  1 
HETATM 376 C C   . HYP C 1 2  ? 25.335  13.015  22.915  1.00 38.06 ? 2    HYP C C   1 
HETATM 377 O O   . HYP C 1 2  ? 24.567  13.572  23.701  1.00 38.46 ? 2    HYP C O   1 
HETATM 378 C CB  . HYP C 1 2  ? 25.311  10.690  23.837  1.00 42.61 ? 2    HYP C CB  1 
HETATM 379 C CG  . HYP C 1 2  ? 25.938  10.213  25.111  1.00 45.83 ? 2    HYP C CG  1 
HETATM 380 C CD  . HYP C 1 2  ? 26.610  11.408  25.732  1.00 42.89 ? 2    HYP C CD  1 
HETATM 381 O OD1 . HYP C 1 2  ? 26.917  9.268   24.756  1.00 57.39 ? 2    HYP C OD1 1 
ATOM   382 N N   . GLY C 1 3  ? 25.454  13.388  21.653  1.00 33.58 ? 3    GLY C N   1 
ATOM   383 C CA  . GLY C 1 3  ? 24.635  14.393  21.003  1.00 31.42 ? 3    GLY C CA  1 
ATOM   384 C C   . GLY C 1 3  ? 23.187  13.955  20.846  1.00 27.21 ? 3    GLY C C   1 
ATOM   385 O O   . GLY C 1 3  ? 22.777  12.902  21.338  1.00 27.02 ? 3    GLY C O   1 
ATOM   386 N N   . PRO C 1 4  ? 22.413  14.769  20.145  1.00 24.16 ? 4    PRO C N   1 
ATOM   387 C CA  . PRO C 1 4  ? 20.970  14.564  20.042  1.00 21.22 ? 4    PRO C CA  1 
ATOM   388 C C   . PRO C 1 4  ? 20.666  13.322  19.204  1.00 17.83 ? 4    PRO C C   1 
ATOM   389 O O   . PRO C 1 4  ? 21.514  12.890  18.414  1.00 18.23 ? 4    PRO C O   1 
ATOM   390 C CB  . PRO C 1 4  ? 20.452  15.788  19.300  1.00 24.58 ? 4    PRO C CB  1 
ATOM   391 C CG  . PRO C 1 4  ? 21.641  16.480  18.745  1.00 28.71 ? 4    PRO C CG  1 
ATOM   392 C CD  . PRO C 1 4  ? 22.878  15.915  19.363  1.00 28.11 ? 4    PRO C CD  1 
HETATM 393 N N   . HYP C 1 5  ? 19.472  12.778  19.365  1.00 15.20 ? 5    HYP C N   1 
HETATM 394 C CA  . HYP C 1 5  ? 19.080  11.658  18.510  1.00 14.03 ? 5    HYP C CA  1 
HETATM 395 C C   . HYP C 1 5  ? 19.060  12.122  17.069  1.00 13.37 ? 5    HYP C C   1 
HETATM 396 O O   . HYP C 1 5  ? 18.804  13.291  16.799  1.00 15.84 ? 5    HYP C O   1 
HETATM 397 C CB  . HYP C 1 5  ? 17.665  11.336  18.999  1.00 14.01 ? 5    HYP C CB  1 
HETATM 398 C CG  . HYP C 1 5  ? 17.630  11.843  20.409  1.00 14.10 ? 5    HYP C CG  1 
HETATM 399 C CD  . HYP C 1 5  ? 18.395  13.142  20.303  1.00 15.72 ? 5    HYP C CD  1 
HETATM 400 O OD1 . HYP C 1 5  ? 18.319  10.915  21.187  1.00 17.35 ? 5    HYP C OD1 1 
ATOM   401 N N   . GLY C 1 6  ? 19.303  11.155  16.176  1.00 11.10 ? 6    GLY C N   1 
ATOM   402 C CA  . GLY C 1 6  ? 19.178  11.460  14.779  1.00 11.52 ? 6    GLY C CA  1 
ATOM   403 C C   . GLY C 1 6  ? 17.741  11.684  14.351  1.00 12.21 ? 6    GLY C C   1 
ATOM   404 O O   . GLY C 1 6  ? 16.783  11.487  15.091  1.00 12.49 ? 6    GLY C O   1 
ATOM   405 N N   . PRO C 1 7  ? 17.588  12.084  13.088  1.00 13.39 ? 7    PRO C N   1 
ATOM   406 C CA  . PRO C 1 7  ? 16.237  12.336  12.588  1.00 13.43 ? 7    PRO C CA  1 
ATOM   407 C C   . PRO C 1 7  ? 15.451  11.050  12.370  1.00 12.33 ? 7    PRO C C   1 
ATOM   408 O O   . PRO C 1 7  ? 16.029  9.971   12.344  1.00 12.79 ? 7    PRO C O   1 
ATOM   409 C CB  . PRO C 1 7  ? 16.520  13.056  11.270  1.00 15.69 ? 7    PRO C CB  1 
ATOM   410 C CG  . PRO C 1 7  ? 17.863  12.592  10.830  1.00 18.91 ? 7    PRO C CG  1 
ATOM   411 C CD  . PRO C 1 7  ? 18.641  12.316  12.093  1.00 15.73 ? 7    PRO C CD  1 
HETATM 412 N N   . HYP C 1 8  ? 14.133  11.185  12.198  1.00 13.07 ? 8    HYP C N   1 
HETATM 413 C CA  . HYP C 1 8  ? 13.307  10.020  11.836  1.00 12.59 ? 8    HYP C CA  1 
HETATM 414 C C   . HYP C 1 8  ? 13.821  9.416   10.527  1.00 13.22 ? 8    HYP C C   1 
HETATM 415 O O   . HYP C 1 8  ? 14.333  10.145  9.674   1.00 13.16 ? 8    HYP C O   1 
HETATM 416 C CB  . HYP C 1 8  ? 11.924  10.639  11.639  1.00 14.50 ? 8    HYP C CB  1 
HETATM 417 C CG  . HYP C 1 8  ? 11.939  11.868  12.501  1.00 16.55 ? 8    HYP C CG  1 
HETATM 418 C CD  . HYP C 1 8  ? 13.333  12.405  12.323  1.00 14.74 ? 8    HYP C CD  1 
HETATM 419 O OD1 . HYP C 1 8  ? 11.682  11.516  13.843  1.00 15.76 ? 8    HYP C OD1 1 
ATOM   420 N N   . GLY C 1 9  ? 13.706  8.107   10.391  1.00 11.72 ? 9    GLY C N   1 
ATOM   421 C CA  . GLY C 1 9  ? 14.031  7.407   9.161   1.00 11.91 ? 9    GLY C CA  1 
ATOM   422 C C   . GLY C 1 9  ? 13.179  7.912   8.002   1.00 11.32 ? 9    GLY C C   1 
ATOM   423 O O   . GLY C 1 9  ? 12.207  8.667   8.140   1.00 11.87 ? 9    GLY C O   1 
ATOM   424 N N   . PRO C 1 10 ? 13.582  7.486   6.800   1.00 11.21 ? 10   PRO C N   1 
ATOM   425 C CA  . PRO C 1 10 ? 12.800  7.837   5.610   1.00 11.44 ? 10   PRO C CA  1 
ATOM   426 C C   . PRO C 1 10 ? 11.503  7.050   5.570   1.00 10.23 ? 10   PRO C C   1 
ATOM   427 O O   . PRO C 1 10 ? 11.289  6.078   6.307   1.00 9.93  ? 10   PRO C O   1 
ATOM   428 C CB  . PRO C 1 10 ? 13.731  7.464   4.468   1.00 14.99 ? 10   PRO C CB  1 
ATOM   429 C CG  . PRO C 1 10 ? 14.591  6.393   5.017   1.00 12.78 ? 10   PRO C CG  1 
ATOM   430 C CD  . PRO C 1 10 ? 14.751  6.683   6.487   1.00 11.94 ? 10   PRO C CD  1 
HETATM 431 N N   . HYP C 1 11 ? 10.590  7.462   4.705   1.00 10.41 ? 11   HYP C N   1 
HETATM 432 C CA  . HYP C 1 11 ? 9.326   6.727   4.596   1.00 9.23  ? 11   HYP C CA  1 
HETATM 433 C C   . HYP C 1 11 ? 9.548   5.319   4.076   1.00 8.48  ? 11   HYP C C   1 
HETATM 434 O O   . HYP C 1 11 ? 10.490  5.049   3.336   1.00 10.90 ? 11   HYP C O   1 
HETATM 435 C CB  . HYP C 1 11 ? 8.540   7.527   3.555   1.00 11.24 ? 11   HYP C CB  1 
HETATM 436 C CG  . HYP C 1 11 ? 9.168   8.895   3.573   1.00 13.05 ? 11   HYP C CG  1 
HETATM 437 C CD  . HYP C 1 11 ? 10.629  8.602   3.790   1.00 13.35 ? 11   HYP C CD  1 
HETATM 438 O OD1 . HYP C 1 11 ? 8.615   9.489   4.745   1.00 15.65 ? 11   HYP C OD1 1 
ATOM   439 N N   . GLY C 1 12 ? 8.631   4.446   4.450   1.00 8.64  ? 12   GLY C N   1 
ATOM   440 C CA  . GLY C 1 12 ? 8.651   3.081   3.986   1.00 9.20  ? 12   GLY C CA  1 
ATOM   441 C C   . GLY C 1 12 ? 8.350   2.874   2.517   1.00 9.27  ? 12   GLY C C   1 
ATOM   442 O O   . GLY C 1 12 ? 8.032   3.844   1.813   1.00 10.33 ? 12   GLY C O   1 
ATOM   443 N N   . LEU C 1 13 ? 8.468   1.611   2.118   1.00 9.23  ? 13   LEU C N   1 
ATOM   444 C CA  . LEU C 1 13 ? 8.126   1.226   0.740   1.00 9.05  ? 13   LEU C CA  1 
ATOM   445 C C   . LEU C 1 13 ? 6.654   1.375   0.420   1.00 7.55  ? 13   LEU C C   1 
ATOM   446 O O   . LEU C 1 13 ? 5.814   1.314   1.320   1.00 8.71  ? 13   LEU C O   1 
ATOM   447 C CB  . LEU C 1 13 ? 8.478   -0.252  0.498   1.00 11.81 ? 13   LEU C CB  1 
ATOM   448 C CG  . LEU C 1 13 ? 9.968   -0.613  0.501   1.00 13.44 ? 13   LEU C CG  1 
ATOM   449 C CD1 . LEU C 1 13 ? 10.066  -2.088  0.142   1.00 19.74 ? 13   LEU C CD1 1 
ATOM   450 C CD2 . LEU C 1 13 ? 10.768  0.216   -0.470  1.00 18.29 ? 13   LEU C CD2 1 
HETATM 451 N N   . HYP C 1 14 ? 6.283   1.558   -0.841  1.00 8.26  ? 14   HYP C N   1 
HETATM 452 C CA  . HYP C 1 14 ? 4.872   1.501   -1.204  1.00 7.67  ? 14   HYP C CA  1 
HETATM 453 C C   . HYP C 1 14 ? 4.243   0.160   -0.844  1.00 7.97  ? 14   HYP C C   1 
HETATM 454 O O   . HYP C 1 14 ? 4.892   -0.895  -0.887  1.00 8.40  ? 14   HYP C O   1 
HETATM 455 C CB  . HYP C 1 14 ? 4.898   1.660   -2.729  1.00 8.88  ? 14   HYP C CB  1 
HETATM 456 C CG  . HYP C 1 14 ? 6.177   2.379   -3.014  1.00 10.60 ? 14   HYP C CG  1 
HETATM 457 C CD  . HYP C 1 14 ? 7.144   1.820   -2.005  1.00 10.69 ? 14   HYP C CD  1 
HETATM 458 O OD1 . HYP C 1 14 ? 6.069   3.760   -2.811  1.00 13.23 ? 14   HYP C OD1 1 
ATOM   459 N N   . GLY C 1 15 ? 2.955   0.225   -0.485  1.00 8.68  ? 15   GLY C N   1 
ATOM   460 C CA  . GLY C 1 15 ? 2.235   -0.999  -0.125  1.00 9.12  ? 15   GLY C CA  1 
ATOM   461 C C   . GLY C 1 15 ? 1.991   -1.865  -1.348  1.00 10.17 ? 15   GLY C C   1 
ATOM   462 O O   . GLY C 1 15 ? 2.169   -1.477  -2.506  1.00 11.13 ? 15   GLY C O   1 
ATOM   463 N N   . LEU C 1 16 ? 1.548   -3.080  -1.082  1.00 10.98 ? 16   LEU C N   1 
ATOM   464 C CA  . LEU C 1 16 ? 1.166   -4.067  -2.072  1.00 9.74  ? 16   LEU C CA  1 
ATOM   465 C C   . LEU C 1 16 ? -0.059  -3.597  -2.824  1.00 10.37 ? 16   LEU C C   1 
ATOM   466 O O   . LEU C 1 16 ? -0.850  -2.793  -2.307  1.00 10.19 ? 16   LEU C O   1 
ATOM   467 C CB  . LEU C 1 16 ? 0.840   -5.402  -1.396  1.00 10.39 ? 16   LEU C CB  1 
ATOM   468 C CG  . LEU C 1 16 ? 2.034   -6.133  -0.785  1.00 10.45 ? 16   LEU C CG  1 
ATOM   469 C CD1 . LEU C 1 16 ? 1.545   -7.171  0.205   1.00 15.35 ? 16   LEU C CD1 1 
ATOM   470 C CD2 . LEU C 1 16 ? 2.894   -6.694  -1.916  1.00 13.16 ? 16   LEU C CD2 1 
HETATM 471 N N   . HYP C 1 17 ? -0.274  -4.133  -4.011  1.00 10.91 ? 17   HYP C N   1 
HETATM 472 C CA  . HYP C 1 17 ? -1.522  -3.798  -4.708  1.00 11.12 ? 17   HYP C CA  1 
HETATM 473 C C   . HYP C 1 17 ? -2.675  -4.468  -3.970  1.00 9.08  ? 17   HYP C C   1 
HETATM 474 O O   . HYP C 1 17 ? -2.494  -5.508  -3.327  1.00 11.51 ? 17   HYP C O   1 
HETATM 475 C CB  . HYP C 1 17 ? -1.341  -4.408  -6.093  1.00 14.73 ? 17   HYP C CB  1 
HETATM 476 C CG  . HYP C 1 17 ? 0.119   -4.779  -6.196  1.00 12.67 ? 17   HYP C CG  1 
HETATM 477 C CD  . HYP C 1 17 ? 0.554   -5.085  -4.777  1.00 10.99 ? 17   HYP C CD  1 
HETATM 478 O OD1 . HYP C 1 17 ? 0.761   -3.640  -6.662  1.00 12.96 ? 17   HYP C OD1 1 
ATOM   479 N N   . GLY C 1 18 ? -3.844  -3.851  -4.093  1.00 9.49  ? 18   GLY C N   1 
ATOM   480 C CA  . GLY C 1 18 ? -5.056  -4.421  -3.538  1.00 9.02  ? 18   GLY C CA  1 
ATOM   481 C C   . GLY C 1 18 ? -5.424  -5.726  -4.199  1.00 8.03  ? 18   GLY C C   1 
ATOM   482 O O   . GLY C 1 18 ? -4.825  -6.150  -5.205  1.00 9.56  ? 18   GLY C O   1 
ATOM   483 N N   . PRO C 1 19 ? -6.472  -6.348  -3.622  1.00 8.52  ? 19   PRO C N   1 
ATOM   484 C CA  . PRO C 1 19 ? -6.975  -7.580  -4.216  1.00 8.48  ? 19   PRO C CA  1 
ATOM   485 C C   . PRO C 1 19 ? -7.762  -7.293  -5.487  1.00 8.41  ? 19   PRO C C   1 
ATOM   486 O O   . PRO C 1 19 ? -8.158  -6.154  -5.765  1.00 7.71  ? 19   PRO C O   1 
ATOM   487 C CB  . PRO C 1 19 ? -7.860  -8.173  -3.126  1.00 11.02 ? 19   PRO C CB  1 
ATOM   488 C CG  . PRO C 1 19 ? -8.345  -6.971  -2.408  1.00 14.04 ? 19   PRO C CG  1 
ATOM   489 C CD  . PRO C 1 19 ? -7.259  -5.924  -2.464  1.00 8.85  ? 19   PRO C CD  1 
HETATM 490 N N   . HYP C 1 20 ? -8.004  -8.354  -6.253  1.00 8.19  ? 20   HYP C N   1 
HETATM 491 C CA  . HYP C 1 20 ? -8.850  -8.203  -7.436  1.00 8.17  ? 20   HYP C CA  1 
HETATM 492 C C   . HYP C 1 20 ? -10.219 -7.663  -7.056  1.00 8.49  ? 20   HYP C C   1 
HETATM 493 O O   . HYP C 1 20 ? -10.730 -7.899  -5.955  1.00 8.73  ? 20   HYP C O   1 
HETATM 494 C CB  . HYP C 1 20 ? -8.988  -9.631  -7.962  1.00 9.96  ? 20   HYP C CB  1 
HETATM 495 C CG  . HYP C 1 20 ? -7.757  -10.327 -7.494  1.00 9.79  ? 20   HYP C CG  1 
HETATM 496 C CD  . HYP C 1 20 ? -7.538  -9.735  -6.107  1.00 9.44  ? 20   HYP C CD  1 
HETATM 497 O OD1 . HYP C 1 20 ? -6.691  -9.994  -8.320  1.00 9.60  ? 20   HYP C OD1 1 
ATOM   498 N N   . GLY C 1 21 ? -10.789 -6.921  -8.010  1.00 8.72  ? 21   GLY C N   1 
ATOM   499 C CA  . GLY C 1 21 ? -12.144 -6.423  -7.768  1.00 8.38  ? 21   GLY C CA  1 
ATOM   500 C C   . GLY C 1 21 ? -13.153 -7.546  -7.775  1.00 9.48  ? 21   GLY C C   1 
ATOM   501 O O   . GLY C 1 21 ? -12.821 -8.702  -8.065  1.00 10.39 ? 21   GLY C O   1 
ATOM   502 N N   . PRO C 1 22 ? -14.415 -7.218  -7.484  1.00 10.76 ? 22   PRO C N   1 
ATOM   503 C CA  . PRO C 1 22 ? -15.456 -8.254  -7.489  1.00 11.00 ? 22   PRO C CA  1 
ATOM   504 C C   . PRO C 1 22 ? -15.854 -8.649  -8.891  1.00 11.02 ? 22   PRO C C   1 
ATOM   505 O O   . PRO C 1 22 ? -15.585 -7.913  -9.847  1.00 10.19 ? 22   PRO C O   1 
ATOM   506 C CB  . PRO C 1 22 ? -16.652 -7.567  -6.801  1.00 12.70 ? 22   PRO C CB  1 
ATOM   507 C CG  . PRO C 1 22 ? -16.449 -6.137  -7.120  1.00 12.52 ? 22   PRO C CG  1 
ATOM   508 C CD  . PRO C 1 22 ? -14.938 -5.892  -7.147  1.00 10.69 ? 22   PRO C CD  1 
HETATM 509 N N   . HYP C 1 23 ? -16.527 -9.781  -8.998  1.00 10.82 ? 23   HYP C N   1 
HETATM 510 C CA  . HYP C 1 23 ? -17.118 -10.197 -10.284 1.00 11.32 ? 23   HYP C CA  1 
HETATM 511 C C   . HYP C 1 23 ? -18.022 -9.083  -10.794 1.00 10.61 ? 23   HYP C C   1 
HETATM 512 O O   . HYP C 1 23 ? -18.679 -8.364  -10.053 1.00 12.76 ? 23   HYP C O   1 
HETATM 513 C CB  . HYP C 1 23 ? -17.883 -11.462 -9.932  1.00 12.70 ? 23   HYP C CB  1 
HETATM 514 C CG  . HYP C 1 23 ? -17.209 -12.003 -8.715  1.00 13.48 ? 23   HYP C CG  1 
HETATM 515 C CD  . HYP C 1 23 ? -16.799 -10.773 -7.962  1.00 11.99 ? 23   HYP C CD  1 
HETATM 516 O OD1 . HYP C 1 23 ? -16.042 -12.706 -9.098  1.00 14.68 ? 23   HYP C OD1 1 
ATOM   517 N N   . GLY C 1 24 ? -18.069 -8.958  -12.106 1.00 12.72 ? 24   GLY C N   1 
ATOM   518 C CA  . GLY C 1 24 ? -18.967 -8.048  -12.785 1.00 12.41 ? 24   GLY C CA  1 
ATOM   519 C C   . GLY C 1 24 ? -20.418 -8.410  -12.530 1.00 13.33 ? 24   GLY C C   1 
ATOM   520 O O   . GLY C 1 24 ? -20.777 -9.427  -11.946 1.00 13.16 ? 24   GLY C O   1 
ATOM   521 N N   . PRO C 1 25 ? -21.319 -7.534  -12.974 1.00 13.23 ? 25   PRO C N   1 
ATOM   522 C CA  . PRO C 1 25 ? -22.737 -7.827  -12.807 1.00 14.60 ? 25   PRO C CA  1 
ATOM   523 C C   . PRO C 1 25 ? -23.136 -8.936  -13.774 1.00 14.90 ? 25   PRO C C   1 
ATOM   524 O O   . PRO C 1 25 ? -22.368 -9.242  -14.695 1.00 15.27 ? 25   PRO C O   1 
ATOM   525 C CB  . PRO C 1 25 ? -23.421 -6.529  -13.219 1.00 17.86 ? 25   PRO C CB  1 
ATOM   526 C CG  . PRO C 1 25 ? -22.389 -5.572  -13.650 1.00 19.91 ? 25   PRO C CG  1 
ATOM   527 C CD  . PRO C 1 25 ? -21.046 -6.251  -13.586 1.00 15.89 ? 25   PRO C CD  1 
HETATM 528 N N   . HYP C 1 26 ? -24.300 -9.513  -13.588 1.00 17.06 ? 26   HYP C N   1 
HETATM 529 C CA  . HYP C 1 26 ? -24.783 -10.509 -14.539 1.00 18.28 ? 26   HYP C CA  1 
HETATM 530 C C   . HYP C 1 26 ? -24.946 -9.864  -15.923 1.00 17.94 ? 26   HYP C C   1 
HETATM 531 O O   . HYP C 1 26 ? -25.151 -8.652  -16.052 1.00 17.41 ? 26   HYP C O   1 
HETATM 532 C CB  . HYP C 1 26 ? -26.126 -10.933 -13.945 1.00 19.66 ? 26   HYP C CB  1 
HETATM 533 C CG  . HYP C 1 26 ? -26.055 -10.551 -12.523 1.00 17.38 ? 26   HYP C CG  1 
HETATM 534 C CD  . HYP C 1 26 ? -25.262 -9.269  -12.494 1.00 19.69 ? 26   HYP C CD  1 
HETATM 535 O OD1 . HYP C 1 26 ? -25.515 -11.495 -11.664 1.00 19.13 ? 26   HYP C OD1 1 
ATOM   536 N N   . GLY C 1 27 ? -24.829 -10.693 -16.952 1.00 16.23 ? 27   GLY C N   1 
ATOM   537 C CA  . GLY C 1 27 ? -24.928 -10.279 -18.335 1.00 17.18 ? 27   GLY C CA  1 
ATOM   538 C C   . GLY C 1 27 ? -26.318 -9.844  -18.749 1.00 19.83 ? 27   GLY C C   1 
ATOM   539 O O   . GLY C 1 27 ? -27.273 -9.956  -17.992 1.00 20.24 ? 27   GLY C O   1 
ATOM   540 N N   . PRO C 1 28 ? -26.373 -9.318  -19.976 1.00 22.19 ? 28   PRO C N   1 
ATOM   541 C CA  . PRO C 1 28 ? -27.658 -8.899  -20.538 1.00 25.03 ? 28   PRO C CA  1 
ATOM   542 C C   . PRO C 1 28 ? -28.637 -10.067 -20.619 1.00 28.02 ? 28   PRO C C   1 
ATOM   543 O O   . PRO C 1 28 ? -28.254 -11.231 -20.812 1.00 27.88 ? 28   PRO C O   1 
ATOM   544 C CB  . PRO C 1 28 ? -27.293 -8.370  -21.923 1.00 26.85 ? 28   PRO C CB  1 
ATOM   545 C CG  . PRO C 1 28 ? -25.847 -8.586  -22.154 1.00 25.17 ? 28   PRO C CG  1 
ATOM   546 C CD  . PRO C 1 28 ? -25.249 -9.096  -20.875 1.00 22.75 ? 28   PRO C CD  1 
HETATM 547 N N   . HYP C 1 29 ? -29.935 -9.799  -20.459 1.00 31.24 ? 29   HYP C N   1 
HETATM 548 C CA  . HYP C 1 29 ? -30.939 -10.830 -20.689 1.00 34.03 ? 29   HYP C CA  1 
HETATM 549 C C   . HYP C 1 29 ? -31.019 -11.172 -22.180 1.00 37.48 ? 29   HYP C C   1 
HETATM 550 O O   . HYP C 1 29 ? -30.689 -10.330 -23.026 1.00 39.59 ? 29   HYP C O   1 
HETATM 551 C CB  . HYP C 1 29 ? -32.266 -10.183 -20.286 1.00 37.19 ? 29   HYP C CB  1 
HETATM 552 C CG  . HYP C 1 29 ? -31.908 -8.970  -19.509 1.00 37.72 ? 29   HYP C CG  1 
HETATM 553 C CD  . HYP C 1 29 ? -30.569 -8.526  -20.043 1.00 36.16 ? 29   HYP C CD  1 
HETATM 554 O OD1 . HYP C 1 29 ? -31.739 -9.273  -18.142 1.00 51.50 ? 29   HYP C OD1 1 
ATOM   555 N N   . GLY C 1 30 ? -31.467 -12.398 -22.444 1.00 38.86 ? 30   GLY C N   1 
ATOM   556 C CA  . GLY C 1 30 ? -31.736 -12.838 -23.810 1.00 40.52 ? 30   GLY C CA  1 
ATOM   557 C C   . GLY C 1 30 ? -32.965 -12.164 -24.396 1.00 41.93 ? 30   GLY C C   1 
ATOM   558 O O   . GLY C 1 30 ? -32.982 -10.963 -24.687 1.00 44.93 ? 30   GLY C O   1 
HETATM 559 O O   . HOH D 2 .  ? 13.822  2.124   16.266  1.00 15.09 ? 106  HOH A O   1 
HETATM 560 O O   . HOH D 2 .  ? 6.480   3.059   9.791   1.00 12.70 ? 110  HOH A O   1 
HETATM 561 O O   . HOH D 2 .  ? -3.272  -4.199  -9.722  1.00 13.38 ? 112  HOH A O   1 
HETATM 562 O O   . HOH D 2 .  ? 0.047   3.518   3.662   1.00 11.02 ? 113  HOH A O   1 
HETATM 563 O O   . HOH D 2 .  ? 16.166  3.428   16.122  1.00 19.72 ? 116  HOH A O   1 
HETATM 564 O O   . HOH D 2 .  ? -0.803  5.508   -3.283  1.00 17.77 ? 124  HOH A O   1 
HETATM 565 O O   . HOH D 2 .  ? -3.358  -0.723  -10.208 1.00 15.13 ? 126  HOH A O   1 
HETATM 566 O O   . HOH D 2 .  ? 24.200  3.883   16.717  1.00 32.38 ? 128  HOH A O   1 
HETATM 567 O O   . HOH D 2 .  ? -3.302  4.078   -3.600  1.00 17.50 ? 129  HOH A O   1 
HETATM 568 O O   . HOH D 2 .  ? -8.127  -9.824  -13.281 1.00 19.16 ? 136  HOH A O   1 
HETATM 569 O O   . HOH D 2 .  ? 8.157   8.612   11.633  1.00 16.76 ? 138  HOH A O   1 
HETATM 570 O O   . HOH D 2 .  ? -8.896  2.887   -6.970  1.00 17.77 ? 142  HOH A O   1 
HETATM 571 O O   . HOH D 2 .  ? 11.798  -0.144  13.062  1.00 23.95 ? 146  HOH A O   1 
HETATM 572 O O   . HOH D 2 .  ? -11.002 -9.454  -15.292 1.00 24.16 ? 148  HOH A O   1 
HETATM 573 O O   . HOH D 2 .  ? -4.649  3.924   2.288   1.00 14.71 ? 151  HOH A O   1 
HETATM 574 O O   . HOH D 2 .  ? 25.422  6.750   17.237  1.00 27.76 ? 158  HOH A O   1 
HETATM 575 O O   . HOH D 2 .  ? 21.562  3.233   13.361  1.00 19.62 ? 160  HOH A O   1 
HETATM 576 O O   . HOH D 2 .  ? -18.956 -14.588 -12.285 1.00 15.74 ? 162  HOH A O   1 
HETATM 577 O O   . HOH D 2 .  ? -15.731 -10.099 -20.591 1.00 19.23 ? 163  HOH A O   1 
HETATM 578 O O   . HOH D 2 .  ? 3.786   7.604   2.665   1.00 20.66 ? 164  HOH A O   1 
HETATM 579 O O   . HOH D 2 .  ? -18.189 -14.965 -16.690 1.00 26.41 ? 166  HOH A O   1 
HETATM 580 O O   . HOH D 2 .  ? -11.903 -10.930 -17.645 1.00 22.40 ? 167  HOH A O   1 
HETATM 581 O O   . HOH D 2 .  ? -5.015  4.603   -5.619  1.00 16.09 ? 170  HOH A O   1 
HETATM 582 O O   . HOH D 2 .  ? -6.928  -2.566  -11.868 1.00 23.51 ? 172  HOH A O   1 
HETATM 583 O O   . HOH D 2 .  ? 17.745  5.616   19.845  1.00 21.18 ? 173  HOH A O   1 
HETATM 584 O O   . HOH D 2 .  ? 3.090   8.114   5.835   1.00 22.62 ? 177  HOH A O   1 
HETATM 585 O O   . HOH D 2 .  ? 0.918   -0.857  -5.330  1.00 19.05 ? 181  HOH A O   1 
HETATM 586 O O   . HOH D 2 .  ? 15.437  7.742   18.499  1.00 26.78 ? 183  HOH A O   1 
HETATM 587 O O   . HOH D 2 .  ? -1.717  6.300   4.419   1.00 29.35 ? 186  HOH A O   1 
HETATM 588 O O   . HOH D 2 .  ? -20.390 -16.544 -15.975 1.00 37.84 ? 192  HOH A O   1 
HETATM 589 O O   . HOH D 2 .  ? 1.956   3.732   -4.468  1.00 35.32 ? 194  HOH A O   1 
HETATM 590 O O   . HOH D 2 .  ? 26.661  6.890   19.790  1.00 39.77 ? 199  HOH A O   1 
HETATM 591 O O   . HOH D 2 .  ? 24.663  7.636   21.976  1.00 61.43 ? 206  HOH A O   1 
HETATM 592 O O   . HOH D 2 .  ? 7.104   2.141   12.226  1.00 24.49 ? 1110 HOH A O   1 
HETATM 593 O O   . HOH D 2 .  ? -1.414  -5.951  -9.344  1.00 15.95 ? 1113 HOH A O   1 
HETATM 594 O O   . HOH D 2 .  ? -4.335  -3.332  -12.432 1.00 19.62 ? 1114 HOH A O   1 
HETATM 595 O O   . HOH D 2 .  ? 17.807  3.248   18.776  1.00 21.56 ? 1116 HOH A O   1 
HETATM 596 O O   . HOH D 2 .  ? 5.526   9.366   1.440   1.00 31.36 ? 1124 HOH A O   1 
HETATM 597 O O   . HOH D 2 .  ? -9.398  -11.526 -14.636 1.00 24.95 ? 1126 HOH A O   1 
HETATM 598 O O   . HOH D 2 .  ? 5.405   7.191   11.576  1.00 24.71 ? 1127 HOH A O   1 
HETATM 599 O O   . HOH D 2 .  ? 2.971   1.076   -5.790  1.00 26.37 ? 1130 HOH A O   1 
HETATM 600 O O   . HOH D 2 .  ? -6.146  4.544   4.210   1.00 18.95 ? 1136 HOH A O   1 
HETATM 601 O O   . HOH D 2 .  ? -19.786 -14.065 -9.807  1.00 32.18 ? 1138 HOH A O   1 
HETATM 602 O O   . HOH D 2 .  ? -15.840 -8.314  -22.223 1.00 35.43 ? 1140 HOH A O   1 
HETATM 603 O O   . HOH D 2 .  ? -20.302 -16.903 -13.301 1.00 25.24 ? 1142 HOH A O   1 
HETATM 604 O O   . HOH D 2 .  ? 7.987   11.103  11.758  1.00 45.72 ? 1145 HOH A O   1 
HETATM 605 O O   . HOH D 2 .  ? -29.296 -12.740 -14.263 1.00 46.66 ? 1146 HOH A O   1 
HETATM 606 O O   . HOH D 2 .  ? 25.157  5.366   21.049  1.00 45.00 ? 1157 HOH A O   1 
HETATM 607 O O   . HOH D 2 .  ? -0.773  7.452   6.335   1.00 46.27 ? 1158 HOH A O   1 
HETATM 608 O O   . HOH D 2 .  ? 5.415   0.539   -5.920  1.00 27.34 ? 1162 HOH A O   1 
HETATM 609 O O   . HOH E 2 .  ? -18.389 -11.288 -20.235 1.00 16.29 ? 102  HOH B O   1 
HETATM 610 O O   . HOH E 2 .  ? -19.336 -3.891  -8.000  1.00 18.11 ? 105  HOH B O   1 
HETATM 611 O O   . HOH E 2 .  ? -6.936  -3.612  0.436   1.00 13.51 ? 108  HOH B O   1 
HETATM 612 O O   . HOH E 2 .  ? -18.470 -3.602  -14.574 1.00 24.69 ? 109  HOH B O   1 
HETATM 613 O O   . HOH E 2 .  ? -13.685 -4.618  -15.557 1.00 22.61 ? 111  HOH B O   1 
HETATM 614 O O   . HOH E 2 .  ? 11.289  -1.172  6.976   1.00 16.86 ? 114  HOH B O   1 
HETATM 615 O O   . HOH E 2 .  ? 17.370  4.761   7.531   1.00 21.49 ? 115  HOH B O   1 
HETATM 616 O O   . HOH E 2 .  ? -10.948 0.054   -7.732  1.00 15.18 ? 117  HOH B O   1 
HETATM 617 O O   . HOH E 2 .  ? 10.060  0.751   10.777  1.00 25.50 ? 119  HOH B O   1 
HETATM 618 O O   . HOH E 2 .  ? -11.847 -0.118  -4.749  1.00 16.32 ? 120  HOH B O   1 
HETATM 619 O O   . HOH E 2 .  ? -15.388 -2.054  -14.132 1.00 26.64 ? 122  HOH B O   1 
HETATM 620 O O   . HOH E 2 .  ? 1.127   -3.538  1.792   1.00 11.84 ? 125  HOH B O   1 
HETATM 621 O O   . HOH E 2 .  ? 20.835  5.573   9.506   1.00 21.21 ? 127  HOH B O   1 
HETATM 622 O O   . HOH E 2 .  ? -22.328 -9.106  -21.882 1.00 51.97 ? 131  HOH B O   1 
HETATM 623 O O   . HOH E 2 .  ? -14.557 -2.373  -7.117  1.00 12.73 ? 135  HOH B O   1 
HETATM 624 O O   . HOH E 2 .  ? 18.983  3.681   12.279  1.00 17.89 ? 137  HOH B O   1 
HETATM 625 O O   . HOH E 2 .  ? -11.959 -7.109  -1.872  1.00 18.83 ? 141  HOH B O   1 
HETATM 626 O O   . HOH E 2 .  ? 22.460  13.174  11.561  1.00 23.46 ? 144  HOH B O   1 
HETATM 627 O O   . HOH E 2 .  ? -9.325  -4.677  0.536   1.00 22.36 ? 145  HOH B O   1 
HETATM 628 O O   . HOH E 2 .  ? -2.044  -7.341  1.155   1.00 29.11 ? 147  HOH B O   1 
HETATM 629 O O   . HOH E 2 .  ? 3.516   0.569   8.178   1.00 30.03 ? 149  HOH B O   1 
HETATM 630 O O   . HOH E 2 .  ? -5.219  2.162   0.278   1.00 23.99 ? 150  HOH B O   1 
HETATM 631 O O   . HOH E 2 .  ? 15.134  3.183   2.997   1.00 25.79 ? 161  HOH B O   1 
HETATM 632 O O   . HOH E 2 .  ? -24.480 -5.688  -16.786 1.00 28.20 ? 168  HOH B O   1 
HETATM 633 O O   . HOH E 2 .  ? 9.915   -4.024  3.469   1.00 16.77 ? 171  HOH B O   1 
HETATM 634 O O   . HOH E 2 .  ? 9.306   -0.255  4.118   1.00 9.88  ? 174  HOH B O   1 
HETATM 635 O O   . HOH E 2 .  ? -8.407  4.613   0.909   1.00 21.20 ? 176  HOH B O   1 
HETATM 636 O O   . HOH E 2 .  ? 12.930  -0.496  8.656   1.00 24.80 ? 178  HOH B O   1 
HETATM 637 O O   . HOH E 2 .  ? -20.525 -2.927  -16.062 1.00 27.32 ? 179  HOH B O   1 
HETATM 638 O O   . HOH E 2 .  ? -18.966 -7.975  -20.693 1.00 26.41 ? 180  HOH B O   1 
HETATM 639 O O   . HOH E 2 .  ? 25.330  9.860   12.981  1.00 32.54 ? 182  HOH B O   1 
HETATM 640 O O   . HOH E 2 .  ? 1.213   -2.378  5.784   1.00 32.96 ? 184  HOH B O   1 
HETATM 641 O O   . HOH E 2 .  ? 25.097  14.085  12.143  1.00 26.40 ? 185  HOH B O   1 
HETATM 642 O O   . HOH E 2 .  ? 3.626   -2.960  6.236   1.00 64.86 ? 188  HOH B O   1 
HETATM 643 O O   . HOH E 2 .  ? -8.117  -11.813 -1.711  1.00 46.78 ? 190  HOH B O   1 
HETATM 644 O O   . HOH E 2 .  ? 18.162  11.739  7.152   1.00 38.42 ? 195  HOH B O   1 
HETATM 645 O O   . HOH E 2 .  ? 29.966  20.353  19.654  1.00 41.29 ? 198  HOH B O   1 
HETATM 646 O O   . HOH E 2 .  ? -23.440 -16.313 -24.405 1.00 43.37 ? 200  HOH B O   1 
HETATM 647 O O   . HOH E 2 .  ? -28.572 -17.555 -20.303 1.00 57.54 ? 202  HOH B O   1 
HETATM 648 O O   . HOH E 2 .  ? 27.239  8.406   13.291  1.00 49.96 ? 204  HOH B O   1 
HETATM 649 O O   . HOH E 2 .  ? 21.809  13.003  9.237   1.00 43.35 ? 205  HOH B O   1 
HETATM 650 O O   . HOH E 2 .  ? 11.707  -2.349  9.850   1.00 31.39 ? 1102 HOH B O   1 
HETATM 651 O O   . HOH E 2 .  ? 18.538  6.990   5.899   1.00 31.34 ? 1103 HOH B O   1 
HETATM 652 O O   . HOH E 2 .  ? -19.512 -11.124 -22.716 1.00 23.99 ? 1105 HOH B O   1 
HETATM 653 O O   . HOH E 2 .  ? -17.477 -14.065 -19.751 1.00 31.13 ? 1106 HOH B O   1 
HETATM 654 O O   . HOH E 2 .  ? -19.756 -3.079  -5.223  1.00 17.92 ? 1108 HOH B O   1 
HETATM 655 O O   . HOH E 2 .  ? -5.649  -6.114  0.896   1.00 20.30 ? 1109 HOH B O   1 
HETATM 656 O O   . HOH E 2 .  ? -11.748 -5.384  -16.806 1.00 20.34 ? 1111 HOH B O   1 
HETATM 657 O O   . HOH E 2 .  ? -15.563 -3.923  -17.498 1.00 31.60 ? 1112 HOH B O   1 
HETATM 658 O O   . HOH E 2 .  ? 10.051  -3.295  6.261   1.00 24.99 ? 1115 HOH B O   1 
HETATM 659 O O   . HOH E 2 .  ? -9.533  1.695   -9.499  1.00 19.55 ? 1117 HOH B O   1 
HETATM 660 O O   . HOH E 2 .  ? -13.716 0.348   -7.356  1.00 13.75 ? 1118 HOH B O   1 
HETATM 661 O O   . HOH E 2 .  ? -13.747 -0.977  -3.199  1.00 32.15 ? 1119 HOH B O   1 
HETATM 662 O O   . HOH E 2 .  ? -12.880 -1.447  -15.821 1.00 23.62 ? 1120 HOH B O   1 
HETATM 663 O O   . HOH E 2 .  ? 2.070   -4.788  3.905   1.00 24.28 ? 1121 HOH B O   1 
HETATM 664 O O   . HOH E 2 .  ? 23.460  4.641   9.904   1.00 28.69 ? 1122 HOH B O   1 
HETATM 665 O O   . HOH E 2 .  ? -8.754  -6.100  -17.439 1.00 29.82 ? 1123 HOH B O   1 
HETATM 666 O O   . HOH E 2 .  ? -14.745 -2.764  -4.490  1.00 21.42 ? 1125 HOH B O   1 
HETATM 667 O O   . HOH E 2 .  ? -14.599 -5.000  -3.577  1.00 20.58 ? 1128 HOH B O   1 
HETATM 668 O O   . HOH E 2 .  ? -9.965  -4.434  3.026   1.00 14.98 ? 1131 HOH B O   1 
HETATM 669 O O   . HOH E 2 .  ? -9.579  -7.476  1.184   1.00 24.15 ? 1132 HOH B O   1 
HETATM 670 O O   . HOH E 2 .  ? -7.658  0.782   -10.988 1.00 30.43 ? 1133 HOH B O   1 
HETATM 671 O O   . HOH E 2 .  ? -4.114  -7.379  3.020   1.00 21.60 ? 1134 HOH B O   1 
HETATM 672 O O   . HOH E 2 .  ? -7.623  2.431   0.214   1.00 26.50 ? 1135 HOH B O   1 
HETATM 673 O O   . HOH E 2 .  ? 21.209  15.213  12.054  1.00 38.93 ? 1143 HOH B O   1 
HETATM 674 O O   . HOH E 2 .  ? -16.375 -4.132  -19.852 1.00 46.37 ? 1144 HOH B O   1 
HETATM 675 O O   . HOH E 2 .  ? 24.541  9.890   10.283  1.00 34.24 ? 1147 HOH B O   1 
HETATM 676 O O   . HOH E 2 .  ? -10.751 -8.949  -0.289  1.00 36.81 ? 1149 HOH B O   1 
HETATM 677 O O   . HOH E 2 .  ? -1.080  -3.013  6.227   1.00 51.03 ? 1150 HOH B O   1 
HETATM 678 O O   . HOH E 2 .  ? -16.955 -2.509  -16.113 1.00 33.79 ? 1152 HOH B O   1 
HETATM 679 O O   . HOH E 2 .  ? -10.314 -10.801 -1.786  1.00 41.07 ? 1153 HOH B O   1 
HETATM 680 O O   . HOH E 2 .  ? 19.276  3.104   8.522   1.00 42.76 ? 1154 HOH B O   1 
HETATM 681 O O   . HOH E 2 .  ? -16.040 0.083   -4.002  1.00 65.93 ? 1155 HOH B O   1 
HETATM 682 O O   . HOH E 2 .  ? 26.961  7.371   11.021  1.00 48.85 ? 1159 HOH B O   1 
HETATM 683 O O   . HOH E 2 .  ? -7.280  -8.342  0.872   1.00 38.34 ? 2101 HOH B O   1 
HETATM 684 O O   . HOH E 2 .  ? -6.252  -8.711  3.480   1.00 45.22 ? 2102 HOH B O   1 
HETATM 685 O O   . HOH F 2 .  ? 5.138   4.717   -5.147  1.00 20.01 ? 101  HOH C O   1 
HETATM 686 O O   . HOH F 2 .  ? 6.362   4.893   -0.130  1.00 11.73 ? 103  HOH C O   1 
HETATM 687 O O   . HOH F 2 .  ? 6.407   -1.899  -2.817  1.00 16.05 ? 104  HOH C O   1 
HETATM 688 O O   . HOH F 2 .  ? -24.520 -10.618 -9.249  1.00 25.55 ? 107  HOH C O   1 
HETATM 689 O O   . HOH F 2 .  ? -3.994  -10.109 -7.229  1.00 16.63 ? 118  HOH C O   1 
HETATM 690 O O   . HOH F 2 .  ? -13.970 -13.145 -7.280  1.00 19.65 ? 121  HOH C O   1 
HETATM 691 O O   . HOH F 2 .  ? 0.320   -3.668  -9.317  1.00 15.25 ? 123  HOH C O   1 
HETATM 692 O O   . HOH F 2 .  ? -21.791 -10.114 -9.520  1.00 19.17 ? 130  HOH C O   1 
HETATM 693 O O   . HOH F 2 .  ? 6.304   10.513  4.067   1.00 25.14 ? 132  HOH C O   1 
HETATM 694 O O   . HOH F 2 .  ? -12.458 -11.274 -7.020  1.00 24.84 ? 133  HOH C O   1 
HETATM 695 O O   . HOH F 2 .  ? 18.931  15.024  14.689  1.00 28.65 ? 134  HOH C O   1 
HETATM 696 O O   . HOH F 2 .  ? -12.800 -7.255  -4.333  1.00 17.90 ? 139  HOH C O   1 
HETATM 697 O O   . HOH F 2 .  ? -3.157  -8.259  -5.280  1.00 22.36 ? 140  HOH C O   1 
HETATM 698 O O   . HOH F 2 .  ? -19.941 -9.003  -7.670  1.00 17.62 ? 143  HOH C O   1 
HETATM 699 O O   . HOH F 2 .  ? -3.804  -6.990  -1.354  1.00 24.28 ? 152  HOH C O   1 
HETATM 700 O O   . HOH F 2 .  ? -12.795 -15.240 -7.583  1.00 29.73 ? 153  HOH C O   1 
HETATM 701 O O   . HOH F 2 .  ? 16.092  14.578  17.608  1.00 30.18 ? 154  HOH C O   1 
HETATM 702 O O   . HOH F 2 .  ? 9.007   11.130  14.040  1.00 22.72 ? 155  HOH C O   1 
HETATM 703 O O   . HOH F 2 .  ? -16.828 -15.183 -10.374 1.00 24.41 ? 156  HOH C O   1 
HETATM 704 O O   . HOH F 2 .  ? 3.445   -3.396  -6.628  1.00 22.28 ? 157  HOH C O   1 
HETATM 705 O O   . HOH F 2 .  ? -10.687 -10.578 -4.774  1.00 19.82 ? 159  HOH C O   1 
HETATM 706 O O   . HOH F 2 .  ? -20.630 -6.311  -10.043 1.00 28.58 ? 165  HOH C O   1 
HETATM 707 O O   . HOH F 2 .  ? 10.696  11.306  8.144   1.00 28.74 ? 169  HOH C O   1 
HETATM 708 O O   . HOH F 2 .  ? 12.034  2.876   2.378   1.00 23.82 ? 175  HOH C O   1 
HETATM 709 O O   . HOH F 2 .  ? 15.250  12.376  17.064  1.00 35.13 ? 187  HOH C O   1 
HETATM 710 O O   . HOH F 2 .  ? -26.879 -13.401 -12.273 1.00 45.73 ? 189  HOH C O   1 
HETATM 711 O O   . HOH F 2 .  ? -17.300 -15.018 -7.326  1.00 53.15 ? 191  HOH C O   1 
HETATM 712 O O   . HOH F 2 .  ? 13.441  12.675  8.875   1.00 65.35 ? 193  HOH C O   1 
HETATM 713 O O   . HOH F 2 .  ? 15.604  10.265  7.419   1.00 33.07 ? 196  HOH C O   1 
HETATM 714 O O   . HOH F 2 .  ? 10.434  5.979   0.840   1.00 39.28 ? 197  HOH C O   1 
HETATM 715 O O   . HOH F 2 .  ? -26.845 -7.039  -14.920 1.00 51.71 ? 201  HOH C O   1 
HETATM 716 O O   . HOH F 2 .  ? 4.301   -2.227  -4.144  1.00 27.61 ? 203  HOH C O   1 
HETATM 717 O O   . HOH F 2 .  ? 9.158   14.214  14.607  1.00 48.52 ? 1101 HOH C O   1 
HETATM 718 O O   . HOH F 2 .  ? -20.522 -3.914  -10.358 1.00 41.73 ? 1104 HOH C O   1 
HETATM 719 O O   . HOH F 2 .  ? 6.943   7.323   0.147   1.00 25.59 ? 1107 HOH C O   1 
HETATM 720 O O   . HOH F 2 .  ? -14.354 -9.673  -3.923  1.00 32.79 ? 1129 HOH C O   1 
HETATM 721 O O   . HOH F 2 .  ? -4.453  -9.664  -1.411  1.00 26.13 ? 1137 HOH C O   1 
HETATM 722 O O   . HOH F 2 .  ? 9.492   12.646  9.806   1.00 38.02 ? 1139 HOH C O   1 
HETATM 723 O O   . HOH F 2 .  ? -3.207  -10.730 0.369   1.00 32.06 ? 1141 HOH C O   1 
HETATM 724 O O   . HOH F 2 .  ? 9.521   8.140   0.115   1.00 32.57 ? 1148 HOH C O   1 
HETATM 725 O O   . HOH F 2 .  ? 4.306   -4.912  -4.748  1.00 32.66 ? 1151 HOH C O   1 
HETATM 726 O O   . HOH F 2 .  ? 13.401  2.135   -0.455  1.00 52.94 ? 1156 HOH C O   1 
HETATM 727 O O   . HOH F 2 .  ? 9.879   4.513   -1.002  1.00 45.94 ? 1160 HOH C O   1 
HETATM 728 O O   . HOH F 2 .  ? 14.493  11.150  5.459   1.00 45.47 ? 1161 HOH C O   1 
# 
loop_
_atom_site_anisotrop.id 
_atom_site_anisotrop.type_symbol 
_atom_site_anisotrop.pdbx_label_atom_id 
_atom_site_anisotrop.pdbx_label_alt_id 
_atom_site_anisotrop.pdbx_label_comp_id 
_atom_site_anisotrop.pdbx_label_asym_id 
_atom_site_anisotrop.pdbx_label_seq_id 
_atom_site_anisotrop.pdbx_PDB_ins_code 
_atom_site_anisotrop.U[1][1] 
_atom_site_anisotrop.U[2][2] 
_atom_site_anisotrop.U[3][3] 
_atom_site_anisotrop.U[1][2] 
_atom_site_anisotrop.U[1][3] 
_atom_site_anisotrop.U[2][3] 
_atom_site_anisotrop.pdbx_auth_seq_id 
_atom_site_anisotrop.pdbx_auth_comp_id 
_atom_site_anisotrop.pdbx_auth_asym_id 
_atom_site_anisotrop.pdbx_auth_atom_id 
1   N N  . PRO A 1  ? 0.4502 0.5111 0.4549 -0.0294 -0.0470 -0.0352 1  PRO A N  
2   C CA . PRO A 1  ? 0.4283 0.5020 0.4542 -0.0228 -0.0504 -0.0311 1  PRO A CA 
3   C C  . PRO A 1  ? 0.4099 0.4894 0.4409 -0.0270 -0.0310 -0.0166 1  PRO A C  
4   O O  . PRO A 1  ? 0.4056 0.5057 0.4072 -0.0411 -0.0302 -0.0265 1  PRO A O  
8   N N  . HYP A 2  ? 0.3452 0.4569 0.4351 -0.0276 -0.0098 -0.0099 2  HYP A N  
9   C CA . HYP A 2  ? 0.3443 0.4278 0.3985 -0.0223 0.0157  0.0161  2  HYP A CA 
10  C C  . HYP A 2  ? 0.3419 0.3537 0.3451 -0.0502 -0.0201 0.0102  2  HYP A C  
11  O O  . HYP A 2  ? 0.3287 0.3178 0.3223 -0.0912 -0.1058 -0.0211 2  HYP A O  
16  N N  . GLY A 3  ? 0.3236 0.2927 0.2779 -0.0865 -0.0215 0.0020  3  GLY A N  
17  C CA . GLY A 3  ? 0.3308 0.2590 0.1872 -0.0775 -0.0348 -0.0079 3  GLY A CA 
18  C C  . GLY A 3  ? 0.2611 0.2520 0.1329 -0.0400 -0.0353 -0.0186 3  GLY A C  
19  O O  . GLY A 3  ? 0.2374 0.2879 0.1363 0.0201  -0.0553 -0.0148 3  GLY A O  
20  N N  . PRO A 4  ? 0.1965 0.2341 0.1628 -0.0051 -0.0578 -0.0189 4  PRO A N  
21  C CA . PRO A 4  ? 0.1689 0.2025 0.1604 0.0252  -0.0472 -0.0120 4  PRO A CA 
22  C C  . PRO A 4  ? 0.1372 0.1732 0.1453 0.0187  -0.0281 -0.0111 4  PRO A C  
23  O O  . PRO A 4  ? 0.1207 0.1713 0.1366 0.0165  -0.0048 -0.0147 4  PRO A O  
27  N N  . HYP A 5  ? 0.1469 0.1675 0.1481 0.0142  -0.0186 -0.0069 5  HYP A N  
28  C CA . HYP A 5  ? 0.1456 0.1529 0.1502 0.0056  -0.0223 -0.0090 5  HYP A CA 
29  C C  . HYP A 5  ? 0.1499 0.1835 0.1484 0.0131  -0.0247 -0.0131 5  HYP A C  
30  O O  . HYP A 5  ? 0.1282 0.2054 0.1425 0.0300  -0.0379 -0.0021 5  HYP A O  
35  N N  . GLY A 6  ? 0.1054 0.1711 0.1234 -0.0131 -0.0424 -0.0516 6  GLY A N  
36  C CA . GLY A 6  ? 0.1103 0.1711 0.1773 -0.0053 -0.0235 -0.0408 6  GLY A CA 
37  C C  . GLY A 6  ? 0.1023 0.1747 0.1260 -0.0056 -0.0447 -0.0688 6  GLY A C  
38  O O  . GLY A 6  ? 0.0988 0.1730 0.1315 -0.0084 -0.0289 -0.0627 6  GLY A O  
39  N N  . PRO A 7  ? 0.1047 0.1708 0.1214 -0.0051 -0.0316 -0.0498 7  PRO A N  
40  C CA . PRO A 7  ? 0.1016 0.1557 0.1305 0.0026  -0.0353 -0.0474 7  PRO A CA 
41  C C  . PRO A 7  ? 0.1232 0.1415 0.1325 0.0045  -0.0441 -0.0418 7  PRO A C  
42  O O  . PRO A 7  ? 0.1375 0.1739 0.1273 0.0113  -0.0346 -0.0334 7  PRO A O  
46  N N  . HYP A 8  ? 0.0608 0.1651 0.1436 0.0160  -0.0740 -0.0313 8  HYP A N  
47  C CA . HYP A 8  ? 0.1040 0.1493 0.1214 0.0038  -0.0478 -0.0315 8  HYP A CA 
48  C C  . HYP A 8  ? 0.1112 0.1353 0.0969 0.0017  -0.0571 -0.0564 8  HYP A C  
49  O O  . HYP A 8  ? 0.0986 0.1760 0.0975 0.0222  -0.0545 -0.0531 8  HYP A O  
54  N N  . GLY A 9  ? 0.1183 0.1694 0.1013 0.0177  -0.0302 -0.0365 9  GLY A N  
55  C CA . GLY A 9  ? 0.1189 0.1721 0.1058 -0.0010 -0.0613 -0.0411 9  GLY A CA 
56  C C  . GLY A 9  ? 0.1112 0.1465 0.1100 -0.0106 -0.0338 -0.0343 9  GLY A C  
57  O O  . GLY A 9  ? 0.1469 0.1404 0.1202 0.0082  0.0034  -0.0387 9  GLY A O  
58  N N  . PRO A 10 ? 0.1160 0.1486 0.0774 -0.0182 -0.0547 -0.0510 10 PRO A N  
59  C CA . PRO A 10 ? 0.1119 0.1603 0.1059 -0.0110 -0.0339 -0.0436 10 PRO A CA 
60  C C  . PRO A 10 ? 0.0777 0.1733 0.1064 -0.0099 -0.0432 -0.0524 10 PRO A C  
61  O O  . PRO A 10 ? 0.0889 0.1375 0.0862 0.0190  -0.0406 -0.0174 10 PRO A O  
65  N N  . HYP A 11 ? 0.1103 0.1697 0.1311 -0.0306 -0.0042 -0.0414 11 HYP A N  
66  C CA . HYP A 11 ? 0.0765 0.1671 0.1325 -0.0351 -0.0008 -0.0386 11 HYP A CA 
67  C C  . HYP A 11 ? 0.0734 0.1288 0.1329 -0.0081 -0.0306 -0.0417 11 HYP A C  
68  O O  . HYP A 11 ? 0.1400 0.1242 0.1380 0.0195  -0.0179 -0.0576 11 HYP A O  
73  N N  . GLY A 12 ? 0.0967 0.1135 0.1209 0.0181  -0.0339 -0.0267 12 GLY A N  
74  C CA . GLY A 12 ? 0.1139 0.1000 0.1236 0.0497  -0.0352 -0.0129 12 GLY A CA 
75  C C  . GLY A 12 ? 0.0949 0.1028 0.1188 0.0186  -0.0231 0.0069  12 GLY A C  
76  O O  . GLY A 12 ? 0.1091 0.1158 0.0854 0.0121  -0.0211 -0.0212 12 GLY A O  
77  N N  . LEU A 13 ? 0.0727 0.1429 0.1118 0.0046  -0.0179 0.0088  13 LEU A N  
78  C CA . LEU A 13 ? 0.0860 0.1356 0.0971 -0.0002 -0.0308 -0.0144 13 LEU A CA 
79  C C  . LEU A 13 ? 0.0824 0.1079 0.0987 0.0216  -0.0365 -0.0069 13 LEU A C  
80  O O  . LEU A 13 ? 0.1131 0.1225 0.1132 0.0467  -0.0398 -0.0465 13 LEU A O  
85  N N  . HYP A 14 ? 0.0793 0.0997 0.1098 0.0228  -0.0619 -0.0291 14 HYP A N  
86  C CA . HYP A 14 ? 0.0916 0.1044 0.1233 0.0142  -0.0359 -0.0337 14 HYP A CA 
87  C C  . HYP A 14 ? 0.1299 0.1314 0.0953 -0.0012 -0.0627 -0.0313 14 HYP A C  
88  O O  . HYP A 14 ? 0.1464 0.1523 0.0885 0.0001  -0.0806 -0.0101 14 HYP A O  
93  N N  . GLY A 15 ? 0.1339 0.1411 0.0989 -0.0152 -0.0643 -0.0461 15 GLY A N  
94  C CA . GLY A 15 ? 0.1435 0.1545 0.1082 -0.0059 -0.0799 -0.0562 15 GLY A CA 
95  C C  . GLY A 15 ? 0.1204 0.1798 0.1144 -0.0284 -0.0793 -0.0517 15 GLY A C  
96  O O  . GLY A 15 ? 0.1333 0.1668 0.1580 -0.0119 -0.1002 -0.0492 15 GLY A O  
97  N N  . LEU A 16 ? 0.1627 0.2024 0.1034 -0.0523 -0.0692 -0.0458 16 LEU A N  
98  C CA . LEU A 16 ? 0.1512 0.2016 0.0954 -0.0588 -0.0513 -0.0247 16 LEU A CA 
99  C C  . LEU A 16 ? 0.1252 0.1860 0.0882 -0.0326 -0.0392 -0.0232 16 LEU A C  
100 O O  . LEU A 16 ? 0.1334 0.1993 0.0798 -0.0227 -0.0067 -0.0158 16 LEU A O  
105 N N  . HYP A 17 ? 0.1359 0.1737 0.0835 -0.0271 -0.0434 -0.0420 17 HYP A N  
106 C CA . HYP A 17 ? 0.1168 0.1728 0.1290 -0.0137 -0.0347 -0.0345 17 HYP A CA 
107 C C  . HYP A 17 ? 0.0805 0.1795 0.1070 -0.0262 -0.0176 -0.0411 17 HYP A C  
108 O O  . HYP A 17 ? 0.0974 0.2337 0.0954 -0.0599 -0.0042 -0.0601 17 HYP A O  
113 N N  . GLY A 18 ? 0.0904 0.1816 0.0733 -0.0258 -0.0109 -0.0502 18 GLY A N  
114 C CA . GLY A 18 ? 0.0318 0.1815 0.0881 -0.0245 -0.0286 -0.0594 18 GLY A CA 
115 C C  . GLY A 18 ? 0.0890 0.1585 0.0706 -0.0075 -0.0107 -0.0436 18 GLY A C  
116 O O  . GLY A 18 ? 0.0848 0.1593 0.0784 -0.0071 -0.0030 -0.0412 18 GLY A O  
117 N N  . PRO A 19 ? 0.1019 0.1562 0.0591 -0.0047 -0.0063 -0.0335 19 PRO A N  
118 C CA . PRO A 19 ? 0.0716 0.1443 0.0732 -0.0349 -0.0117 -0.0385 19 PRO A CA 
119 C C  . PRO A 19 ? 0.0816 0.1591 0.0797 0.0202  -0.0115 -0.0304 19 PRO A C  
120 O O  . PRO A 19 ? 0.0635 0.1593 0.0826 0.0165  -0.0156 -0.0225 19 PRO A O  
124 N N  . HYP A 20 ? 0.0886 0.1496 0.0779 0.0030  -0.0132 -0.0305 20 HYP A N  
125 C CA . HYP A 20 ? 0.0993 0.1798 0.0729 -0.0065 -0.0249 -0.0184 20 HYP A CA 
126 C C  . HYP A 20 ? 0.0802 0.1577 0.0986 -0.0014 -0.0398 -0.0494 20 HYP A C  
127 O O  . HYP A 20 ? 0.1179 0.1754 0.1271 0.0284  -0.0461 -0.0483 20 HYP A O  
132 N N  . GLY A 21 ? 0.0793 0.1657 0.1122 -0.0132 -0.0344 -0.0577 21 GLY A N  
133 C CA . GLY A 21 ? 0.0741 0.1742 0.1344 -0.0170 -0.0677 -0.0368 21 GLY A CA 
134 C C  . GLY A 21 ? 0.0704 0.1718 0.1457 -0.0192 -0.0629 -0.0473 21 GLY A C  
135 O O  . GLY A 21 ? 0.1326 0.1334 0.1411 0.0018  -0.0635 -0.0613 21 GLY A O  
136 N N  . PRO A 22 ? 0.1151 0.1656 0.1559 -0.0130 -0.0455 -0.0451 22 PRO A N  
137 C CA . PRO A 22 ? 0.0923 0.1545 0.1563 -0.0242 -0.0332 -0.0380 22 PRO A CA 
138 C C  . PRO A 22 ? 0.0987 0.1352 0.1375 -0.0022 -0.0273 -0.0455 22 PRO A C  
139 O O  . PRO A 22 ? 0.1149 0.1504 0.1098 -0.0017 -0.0028 -0.0283 22 PRO A O  
143 N N  . HYP A 23 ? 0.0822 0.1403 0.1234 0.0183  -0.0137 -0.0388 23 HYP A N  
144 C CA . HYP A 23 ? 0.0980 0.1321 0.1237 0.0238  -0.0263 -0.0363 23 HYP A CA 
145 C C  . HYP A 23 ? 0.0819 0.1331 0.1234 0.0098  -0.0381 -0.0537 23 HYP A C  
146 O O  . HYP A 23 ? 0.1116 0.1250 0.1599 0.0157  0.0001  -0.0384 23 HYP A O  
151 N N  . GLY A 24 ? 0.0769 0.1722 0.1459 0.0177  -0.0481 -0.0637 24 GLY A N  
152 C CA . GLY A 24 ? 0.0829 0.1773 0.1918 0.0263  -0.0322 -0.0328 24 GLY A CA 
153 C C  . GLY A 24 ? 0.1300 0.1757 0.2023 0.0032  -0.0277 -0.0156 24 GLY A C  
154 O O  . GLY A 24 ? 0.1205 0.2192 0.2354 -0.0259 -0.0362 -0.0685 24 GLY A O  
155 N N  . PRO A 25 ? 0.1344 0.1922 0.2320 0.0003  -0.0199 0.0101  25 PRO A N  
156 C CA . PRO A 25 ? 0.1671 0.2089 0.2464 -0.0224 -0.0163 0.0095  25 PRO A CA 
157 C C  . PRO A 25 ? 0.2199 0.2403 0.2574 -0.0319 -0.0464 -0.0151 25 PRO A C  
158 O O  . PRO A 25 ? 0.1963 0.2491 0.2063 -0.0389 -0.0613 -0.0150 25 PRO A O  
162 N N  . HYP A 26 ? 0.2970 0.2516 0.2773 -0.0238 -0.0439 -0.0418 26 HYP A N  
163 C CA . HYP A 26 ? 0.2882 0.2608 0.2833 -0.0317 -0.0510 -0.0592 26 HYP A CA 
164 C C  . HYP A 26 ? 0.2947 0.2793 0.3471 -0.0149 -0.0523 -0.0412 26 HYP A C  
165 O O  . HYP A 26 ? 0.1818 0.3617 0.3848 -0.0407 -0.0507 0.0052  26 HYP A O  
170 N N  . GLY A 27 ? 0.3475 0.2978 0.3822 0.0111  -0.0540 -0.0139 27 GLY A N  
171 C CA . GLY A 27 ? 0.3325 0.3187 0.4409 0.0096  -0.0868 -0.0305 27 GLY A CA 
172 C C  . GLY A 27 ? 0.3502 0.3840 0.4791 -0.0263 -0.0834 -0.0341 27 GLY A C  
173 O O  . GLY A 27 ? 0.3718 0.4081 0.5202 -0.0485 -0.1525 -0.0949 27 GLY A O  
174 N N  . PRO A 28 ? 0.3568 0.4637 0.5014 -0.0244 -0.0408 -0.0064 28 PRO A N  
175 C CA . PRO A 28 ? 0.3648 0.5231 0.5055 -0.0404 -0.0463 -0.0120 28 PRO A CA 
176 C C  . PRO A 28 ? 0.3776 0.5632 0.5019 -0.0500 -0.0702 -0.0195 28 PRO A C  
177 O O  . PRO A 28 ? 0.3100 0.7143 0.4879 -0.0060 -0.1502 0.0133  28 PRO A O  
181 N N  . HYP B 2  ? 0.4766 0.4918 0.4831 -0.0112 -0.0111 -0.0194 2  HYP B N  
182 C CA . HYP B 2  ? 0.4723 0.4869 0.4675 -0.0195 -0.0191 -0.0358 2  HYP B CA 
183 C C  . HYP B 2  ? 0.4573 0.4978 0.4632 -0.0410 -0.0215 -0.0412 2  HYP B C  
184 O O  . HYP B 2  ? 0.5322 0.4955 0.4964 -0.0255 0.0094  -0.0108 2  HYP B O  
189 N N  . GLY B 3  ? 0.4325 0.5163 0.4560 -0.0514 -0.0398 -0.0551 3  GLY B N  
190 C CA . GLY B 3  ? 0.3961 0.5096 0.4492 -0.0542 -0.0534 -0.0477 3  GLY B CA 
191 C C  . GLY B 3  ? 0.3729 0.4677 0.4517 -0.0239 -0.0275 -0.0285 3  GLY B C  
192 O O  . GLY B 3  ? 0.4344 0.5125 0.5039 0.0257  0.0146  -0.0186 3  GLY B O  
193 N N  . PRO B 4  ? 0.3085 0.4173 0.4531 -0.0571 -0.0445 -0.0231 4  PRO B N  
194 C CA . PRO B 4  ? 0.2914 0.3733 0.4527 -0.0547 -0.0235 -0.0015 4  PRO B CA 
195 C C  . PRO B 4  ? 0.3123 0.3222 0.4223 -0.0642 -0.0354 -0.0423 4  PRO B C  
196 O O  . PRO B 4  ? 0.3197 0.2199 0.4462 -0.0644 -0.0951 -0.1038 4  PRO B O  
200 N N  . HYP B 5  ? 0.3016 0.2988 0.3793 -0.0671 -0.0132 -0.0412 5  HYP B N  
201 C CA . HYP B 5  ? 0.2861 0.2839 0.3098 -0.0507 0.0135  -0.0300 5  HYP B CA 
202 C C  . HYP B 5  ? 0.2006 0.2918 0.2475 -0.0516 0.0197  -0.0207 5  HYP B C  
203 O O  . HYP B 5  ? 0.2671 0.3174 0.2365 -0.1132 0.0741  -0.0414 5  HYP B O  
208 N N  . GLY B 6  ? 0.1862 0.2837 0.1593 -0.0432 0.0143  -0.0333 6  GLY B N  
209 C CA . GLY B 6  ? 0.1004 0.2827 0.1676 -0.0232 -0.0181 -0.0252 6  GLY B CA 
210 C C  . GLY B 6  ? 0.1381 0.2544 0.1692 -0.0159 -0.0231 -0.0246 6  GLY B C  
211 O O  . GLY B 6  ? 0.1086 0.3041 0.1675 0.0425  -0.0003 -0.0220 6  GLY B O  
212 N N  . PRO B 7  ? 0.1104 0.2494 0.2028 -0.0389 -0.0161 -0.0290 7  PRO B N  
213 C CA . PRO B 7  ? 0.1334 0.2234 0.1960 -0.0480 0.0027  -0.0307 7  PRO B CA 
214 C C  . PRO B 7  ? 0.1348 0.1872 0.1606 -0.0471 -0.0114 -0.0696 7  PRO B C  
215 O O  . PRO B 7  ? 0.1168 0.2149 0.1449 0.0094  -0.0195 -0.0750 7  PRO B O  
219 N N  . HYP B 8  ? 0.1629 0.2032 0.1600 -0.0324 0.0012  -0.0301 8  HYP B N  
220 C CA . HYP B 8  ? 0.1713 0.1845 0.1067 -0.0177 -0.0216 -0.0693 8  HYP B CA 
221 C C  . HYP B 8  ? 0.1094 0.1783 0.1549 0.0041  -0.0416 -0.0498 8  HYP B C  
222 O O  . HYP B 8  ? 0.1123 0.1946 0.1292 0.0214  -0.0490 -0.0685 8  HYP B O  
227 N N  . GLY B 9  ? 0.1189 0.1495 0.1934 0.0162  -0.0280 -0.0567 9  GLY B N  
228 C CA . GLY B 9  ? 0.0888 0.1565 0.1693 0.0142  -0.0499 -0.0547 9  GLY B CA 
229 C C  . GLY B 9  ? 0.0537 0.1554 0.1355 0.0177  -0.0545 -0.0381 9  GLY B C  
230 O O  . GLY B 9  ? 0.1519 0.1391 0.1517 0.0308  -0.0432 -0.0212 9  GLY B O  
231 N N  . PRO B 10 ? 0.0929 0.1545 0.1348 0.0112  -0.0379 -0.0401 10 PRO B N  
232 C CA . PRO B 10 ? 0.0536 0.1572 0.1550 0.0114  -0.0317 -0.0450 10 PRO B CA 
233 C C  . PRO B 10 ? 0.0655 0.1892 0.1471 0.0220  -0.0341 -0.0552 10 PRO B C  
234 O O  . PRO B 10 ? 0.0679 0.2070 0.1679 0.0412  -0.0562 -0.0685 10 PRO B O  
238 N N  . HYP B 11 ? 0.1177 0.1696 0.1446 0.0193  -0.0354 -0.0501 11 HYP B N  
239 C CA . HYP B 11 ? 0.1242 0.1404 0.1318 0.0121  -0.0377 -0.0460 11 HYP B CA 
240 C C  . HYP B 11 ? 0.1223 0.1256 0.1179 0.0216  -0.0450 -0.0283 11 HYP B C  
241 O O  . HYP B 11 ? 0.1260 0.1689 0.1247 0.0163  -0.0723 0.0026  11 HYP B O  
246 N N  . GLY B 12 ? 0.1222 0.1031 0.1081 0.0079  -0.0588 -0.0347 12 GLY B N  
247 C CA . GLY B 12 ? 0.1195 0.1342 0.0967 0.0076  -0.0529 -0.0690 12 GLY B CA 
248 C C  . GLY B 12 ? 0.0965 0.1173 0.1075 0.0170  -0.0591 -0.0514 12 GLY B C  
249 O O  . GLY B 12 ? 0.1320 0.1190 0.1299 0.0153  -0.0408 -0.0683 12 GLY B O  
250 N N  . LEU B 13 ? 0.1110 0.1442 0.1035 0.0049  -0.0605 -0.0289 13 LEU B N  
251 C CA . LEU B 13 ? 0.1080 0.1538 0.1061 -0.0067 -0.0385 -0.0376 13 LEU B CA 
252 C C  . LEU B 13 ? 0.0655 0.1508 0.1308 -0.0040 -0.0579 -0.0306 13 LEU B C  
253 O O  . LEU B 13 ? 0.0985 0.1372 0.0898 -0.0129 -0.0118 -0.0352 13 LEU B O  
258 N N  . HYP B 14 ? 0.0589 0.1299 0.1162 0.0199  -0.0630 -0.0147 14 HYP B N  
259 C CA . HYP B 14 ? 0.0586 0.1253 0.1025 0.0176  -0.0500 -0.0119 14 HYP B CA 
260 C C  . HYP B 14 ? 0.0568 0.1296 0.0738 0.0146  -0.0548 -0.0230 14 HYP B C  
261 O O  . HYP B 14 ? 0.0689 0.1987 0.0797 0.0165  -0.0432 -0.0185 14 HYP B O  
266 N N  . GLY B 15 ? 0.0808 0.1240 0.0881 0.0216  -0.0666 -0.0190 15 GLY B N  
267 C CA . GLY B 15 ? 0.0804 0.1364 0.0857 0.0324  -0.0440 0.0015  15 GLY B CA 
268 C C  . GLY B 15 ? 0.0810 0.1392 0.0986 0.0310  -0.0397 -0.0061 15 GLY B C  
269 O O  . GLY B 15 ? 0.0892 0.1479 0.0913 0.0287  -0.0206 -0.0212 15 GLY B O  
270 N N  . LEU B 16 ? 0.0826 0.1273 0.0942 0.0163  -0.0305 -0.0294 16 LEU B N  
271 C CA . LEU B 16 ? 0.0910 0.1383 0.0797 0.0084  -0.0356 -0.0241 16 LEU B CA 
272 C C  . LEU B 16 ? 0.0893 0.1363 0.0825 0.0068  -0.0245 -0.0266 16 LEU B C  
273 O O  . LEU B 16 ? 0.0927 0.1776 0.0826 -0.0038 -0.0074 -0.0209 16 LEU B O  
278 N N  . HYP B 17 ? 0.0870 0.1365 0.1179 0.0056  -0.0426 -0.0349 17 HYP B N  
279 C CA . HYP B 17 ? 0.1153 0.1432 0.1191 0.0190  -0.0332 -0.0495 17 HYP B CA 
280 C C  . HYP B 17 ? 0.0542 0.2168 0.1014 0.0292  -0.0223 -0.0481 17 HYP B C  
281 O O  . HYP B 17 ? 0.1054 0.2322 0.0989 0.0560  -0.0313 -0.0737 17 HYP B O  
286 N N  . GLY B 18 ? 0.0852 0.1919 0.1000 0.0375  -0.0334 -0.0766 18 GLY B N  
287 C CA . GLY B 18 ? 0.0864 0.1644 0.0935 0.0180  -0.0393 -0.0735 18 GLY B CA 
288 C C  . GLY B 18 ? 0.0904 0.1474 0.0788 0.0123  -0.0437 -0.0793 18 GLY B C  
289 O O  . GLY B 18 ? 0.0876 0.1556 0.0947 0.0298  -0.0227 -0.0706 18 GLY B O  
290 N N  . PRO B 19 ? 0.0829 0.1686 0.0992 0.0056  -0.0309 -0.0393 19 PRO B N  
291 C CA . PRO B 19 ? 0.0825 0.1308 0.1313 0.0058  -0.0105 -0.0350 19 PRO B CA 
292 C C  . PRO B 19 ? 0.0717 0.1461 0.1145 0.0099  -0.0132 -0.0350 19 PRO B C  
293 O O  . PRO B 19 ? 0.0663 0.1756 0.0882 0.0024  -0.0263 -0.0310 19 PRO B O  
297 N N  . HYP B 20 ? 0.0818 0.1448 0.1031 0.0045  0.0009  -0.0463 20 HYP B N  
298 C CA . HYP B 20 ? 0.0843 0.1313 0.0948 0.0066  0.0118  -0.0363 20 HYP B CA 
299 C C  . HYP B 20 ? 0.1003 0.1026 0.1031 -0.0027 -0.0088 -0.0336 20 HYP B C  
300 O O  . HYP B 20 ? 0.1373 0.1074 0.1360 0.0041  -0.0583 -0.0405 20 HYP B O  
305 N N  . GLY B 21 ? 0.0969 0.1032 0.0878 0.0049  0.0005  -0.0215 21 GLY B N  
306 C CA . GLY B 21 ? 0.0895 0.1000 0.0957 -0.0229 -0.0166 -0.0105 21 GLY B CA 
307 C C  . GLY B 21 ? 0.0946 0.0985 0.1157 -0.0244 -0.0315 -0.0294 21 GLY B C  
308 O O  . GLY B 21 ? 0.0901 0.1445 0.1419 0.0025  -0.0185 -0.0291 21 GLY B O  
309 N N  . PRO B 22 ? 0.1117 0.1358 0.1136 -0.0043 -0.0450 -0.0328 22 PRO B N  
310 C CA . PRO B 22 ? 0.1075 0.1482 0.1275 0.0140  -0.0299 -0.0248 22 PRO B CA 
311 C C  . PRO B 22 ? 0.1196 0.1642 0.0967 0.0131  -0.0687 -0.0597 22 PRO B C  
312 O O  . PRO B 22 ? 0.1174 0.1559 0.1000 0.0029  -0.0407 -0.0536 22 PRO B O  
316 N N  . HYP B 23 ? 0.1187 0.1610 0.1186 0.0100  -0.0468 -0.0481 23 HYP B N  
317 C CA . HYP B 23 ? 0.1079 0.1513 0.1305 0.0191  -0.0395 -0.0436 23 HYP B CA 
318 C C  . HYP B 23 ? 0.0677 0.1487 0.1203 0.0010  -0.0407 -0.0389 23 HYP B C  
319 O O  . HYP B 23 ? 0.1563 0.1453 0.1400 0.0170  -0.0262 -0.0158 23 HYP B O  
324 N N  . GLY B 24 ? 0.0879 0.1500 0.1151 -0.0050 -0.0102 -0.0368 24 GLY B N  
325 C CA . GLY B 24 ? 0.1154 0.1457 0.1188 -0.0276 -0.0068 -0.0409 24 GLY B CA 
326 C C  . GLY B 24 ? 0.1451 0.1254 0.1327 -0.0307 -0.0322 -0.0542 24 GLY B C  
327 O O  . GLY B 24 ? 0.1891 0.1530 0.1258 0.0197  -0.0591 -0.0687 24 GLY B O  
328 N N  . PRO B 25 ? 0.1535 0.1549 0.1182 -0.0119 -0.0138 -0.0190 25 PRO B N  
329 C CA . PRO B 25 ? 0.1594 0.1712 0.1269 -0.0042 -0.0228 -0.0290 25 PRO B CA 
330 C C  . PRO B 25 ? 0.1589 0.1700 0.1375 -0.0077 -0.0258 -0.0434 25 PRO B C  
331 O O  . PRO B 25 ? 0.1412 0.1778 0.1214 -0.0049 -0.0076 -0.0495 25 PRO B O  
335 N N  . HYP B 26 ? 0.1609 0.1823 0.1704 0.0012  -0.0280 -0.0312 26 HYP B N  
336 C CA . HYP B 26 ? 0.1571 0.1855 0.1593 0.0039  -0.0407 -0.0129 26 HYP B CA 
337 C C  . HYP B 26 ? 0.1259 0.1943 0.1341 -0.0040 -0.0499 -0.0211 26 HYP B C  
338 O O  . HYP B 26 ? 0.1365 0.2237 0.1846 -0.0435 -0.0205 -0.0620 26 HYP B O  
343 N N  . GLY B 27 ? 0.1353 0.1890 0.1396 0.0054  -0.0415 -0.0140 27 GLY B N  
344 C CA . GLY B 27 ? 0.1781 0.1878 0.1455 -0.0009 -0.0203 -0.0122 27 GLY B CA 
345 C C  . GLY B 27 ? 0.1491 0.1984 0.1577 -0.0051 -0.0254 -0.0276 27 GLY B C  
346 O O  . GLY B 27 ? 0.2035 0.2302 0.1617 0.0403  -0.0490 -0.0381 27 GLY B O  
347 N N  . PRO B 28 ? 0.2497 0.1920 0.1795 -0.0273 -0.0154 -0.0340 28 PRO B N  
348 C CA . PRO B 28 ? 0.2563 0.2251 0.1968 -0.0249 -0.0359 -0.0553 28 PRO B CA 
349 C C  . PRO B 28 ? 0.2645 0.2927 0.2609 -0.0046 -0.0544 -0.0349 28 PRO B C  
350 O O  . PRO B 28 ? 0.2238 0.2875 0.2503 -0.0074 -0.0748 -0.0995 28 PRO B O  
354 N N  . HYP B 29 ? 0.2802 0.3588 0.2784 0.0120  -0.0613 -0.0113 29 HYP B N  
355 C CA . HYP B 29 ? 0.2781 0.3782 0.3110 -0.0156 -0.0843 -0.0305 29 HYP B CA 
356 C C  . HYP B 29 ? 0.3193 0.4006 0.3664 -0.0319 -0.0746 0.0039  29 HYP B C  
357 O O  . HYP B 29 ? 0.3374 0.3633 0.3678 -0.0708 -0.1830 -0.1346 29 HYP B O  
362 N N  . GLY B 30 ? 0.3432 0.4748 0.4260 -0.0371 -0.0072 0.0667  30 GLY B N  
363 C CA . GLY B 30 ? 0.3853 0.4826 0.4511 -0.0688 -0.0106 0.0492  30 GLY B CA 
364 C C  . GLY B 30 ? 0.4762 0.4918 0.4534 -0.0700 -0.0084 0.0282  30 GLY B C  
365 O O  . GLY B 30 ? 0.5653 0.5980 0.4378 0.0026  0.0009  0.0303  30 GLY B O  
367 N N  . PRO C 1  ? 0.5213 0.5240 0.5101 0.0054  -0.0059 0.0033  1  PRO C N  
368 C CA . PRO C 1  ? 0.5145 0.5228 0.5039 -0.0023 -0.0146 -0.0063 1  PRO C CA 
369 C C  . PRO C 1  ? 0.5281 0.5283 0.5061 -0.0069 -0.0166 -0.0125 1  PRO C C  
370 O O  . PRO C 1  ? 0.5501 0.5418 0.4882 -0.0306 -0.0078 -0.0280 1  PRO C O  
374 N N  . HYP C 2  ? 0.5094 0.5326 0.5119 -0.0009 -0.0268 0.0004  2  HYP C N  
375 C CA . HYP C 2  ? 0.5099 0.5338 0.5045 -0.0068 -0.0143 -0.0058 2  HYP C CA 
376 C C  . HYP C 2  ? 0.4607 0.5203 0.4651 -0.0173 -0.0077 -0.0371 2  HYP C C  
377 O O  . HYP C 2  ? 0.4602 0.5729 0.4284 -0.0231 -0.0409 -0.0831 2  HYP C O  
382 N N  . GLY C 3  ? 0.3294 0.4999 0.4465 -0.0463 -0.0419 -0.0685 3  GLY C N  
383 C CA . GLY C 3  ? 0.3168 0.4564 0.4207 -0.0609 -0.0398 -0.0983 3  GLY C CA 
384 C C  . GLY C 3  ? 0.3300 0.3715 0.3323 -0.0695 -0.0428 -0.1096 3  GLY C C  
385 O O  . GLY C 3  ? 0.3597 0.3833 0.2836 -0.0498 -0.0244 -0.0936 3  GLY C O  
386 N N  . PRO C 4  ? 0.3281 0.3239 0.2659 -0.0945 -0.0392 -0.1309 4  PRO C N  
387 C CA . PRO C 4  ? 0.3231 0.2617 0.2217 -0.0752 -0.0109 -0.1079 4  PRO C CA 
388 C C  . PRO C 4  ? 0.2676 0.2258 0.1838 -0.0731 0.0179  -0.0763 4  PRO C C  
389 O O  . PRO C 4  ? 0.2390 0.2493 0.2043 -0.0915 0.0236  -0.0827 4  PRO C O  
393 N N  . HYP C 5  ? 0.2356 0.1962 0.1459 -0.0301 0.0131  -0.0495 5  HYP C N  
394 C CA . HYP C 5  ? 0.2053 0.1786 0.1492 -0.0301 0.0073  -0.0383 5  HYP C CA 
395 C C  . HYP C 5  ? 0.2099 0.1421 0.1559 -0.0448 -0.0039 -0.0477 5  HYP C C  
396 O O  . HYP C 5  ? 0.3167 0.1425 0.1429 -0.0253 0.0506  -0.0496 5  HYP C O  
401 N N  . GLY C 6  ? 0.1463 0.1323 0.1432 -0.0497 -0.0364 -0.0511 6  GLY C N  
402 C CA . GLY C 6  ? 0.1433 0.1473 0.1473 -0.0370 -0.0356 -0.0326 6  GLY C CA 
403 C C  . GLY C 6  ? 0.1408 0.1610 0.1621 -0.0182 -0.0254 -0.0227 6  GLY C C  
404 O O  . GLY C 6  ? 0.1472 0.1646 0.1627 -0.0233 -0.0198 -0.0404 6  GLY C O  
405 N N  . PRO C 7  ? 0.1413 0.1897 0.1777 -0.0054 -0.0267 0.0040  7  PRO C N  
406 C CA . PRO C 7  ? 0.1474 0.1898 0.1732 0.0050  -0.0313 -0.0260 7  PRO C CA 
407 C C  . PRO C 7  ? 0.1339 0.1627 0.1719 0.0357  -0.0538 -0.0258 7  PRO C C  
408 O O  . PRO C 7  ? 0.1839 0.1795 0.1227 0.0694  -0.0525 -0.0200 7  PRO C O  
412 N N  . HYP C 8  ? 0.1303 0.1825 0.1837 0.0290  -0.0495 -0.0276 8  HYP C N  
413 C CA . HYP C 8  ? 0.1243 0.1742 0.1799 0.0336  -0.0417 -0.0164 8  HYP C CA 
414 C C  . HYP C 8  ? 0.1532 0.1865 0.1626 0.0280  -0.0563 -0.0192 8  HYP C C  
415 O O  . HYP C 8  ? 0.1626 0.1768 0.1605 0.0137  -0.0539 -0.0327 8  HYP C O  
420 N N  . GLY C 9  ? 0.1196 0.1908 0.1349 0.0055  -0.0777 -0.0242 9  GLY C N  
421 C CA . GLY C 9  ? 0.1334 0.1909 0.1283 -0.0275 -0.0527 -0.0184 9  GLY C CA 
422 C C  . GLY C 9  ? 0.1223 0.1955 0.1125 -0.0142 -0.0259 -0.0027 9  GLY C C  
423 O O  . GLY C 9  ? 0.1175 0.1896 0.1439 -0.0192 -0.0415 -0.0384 9  GLY C O  
424 N N  . PRO C 10 ? 0.1160 0.1892 0.1208 -0.0178 -0.0259 -0.0105 10 PRO C N  
425 C CA . PRO C 10 ? 0.1361 0.1935 0.1052 -0.0165 -0.0198 -0.0135 10 PRO C CA 
426 C C  . PRO C 10 ? 0.1283 0.1646 0.0958 -0.0018 -0.0327 -0.0057 10 PRO C C  
427 O O  . PRO C 10 ? 0.1200 0.1508 0.1066 0.0108  -0.0467 -0.0066 10 PRO C O  
431 N N  . HYP C 11 ? 0.1466 0.1436 0.1052 0.0035  -0.0387 0.0011  11 HYP C N  
432 C CA . HYP C 11 ? 0.1112 0.1317 0.1078 0.0351  -0.0248 0.0062  11 HYP C CA 
433 C C  . HYP C 11 ? 0.0950 0.1521 0.0750 0.0233  -0.0221 -0.0225 11 HYP C C  
434 O O  . HYP C 11 ? 0.0884 0.2207 0.1051 0.0282  -0.0175 -0.0485 11 HYP C O  
439 N N  . GLY C 12 ? 0.0894 0.1431 0.0956 0.0298  -0.0275 -0.0186 12 GLY C N  
440 C CA . GLY C 12 ? 0.1346 0.1392 0.0759 0.0284  -0.0255 -0.0054 12 GLY C CA 
441 C C  . GLY C 12 ? 0.0799 0.1683 0.1042 0.0075  -0.0698 -0.0265 12 GLY C C  
442 O O  . GLY C 12 ? 0.1244 0.1921 0.0758 0.0455  -0.0582 -0.0253 12 GLY C O  
443 N N  . LEU C 13 ? 0.0737 0.1687 0.1083 -0.0121 -0.0538 -0.0309 13 LEU C N  
444 C CA . LEU C 13 ? 0.0747 0.1618 0.1074 -0.0138 -0.0517 -0.0312 13 LEU C CA 
445 C C  . LEU C 13 ? 0.0724 0.1559 0.0587 0.0109  -0.0298 -0.0293 13 LEU C C  
446 O O  . LEU C 13 ? 0.1013 0.1676 0.0621 0.0313  -0.0162 -0.0015 13 LEU C O  
451 N N  . HYP C 14 ? 0.0815 0.1752 0.0571 0.0002  -0.0281 -0.0234 14 HYP C N  
452 C CA . HYP C 14 ? 0.0804 0.1563 0.0548 0.0120  -0.0269 -0.0260 14 HYP C CA 
453 C C  . HYP C 14 ? 0.0633 0.1500 0.0895 0.0244  -0.0256 -0.0156 14 HYP C C  
454 O O  . HYP C 14 ? 0.0544 0.1555 0.1091 0.0268  -0.0237 -0.0224 14 HYP C O  
459 N N  . GLY C 15 ? 0.0609 0.1369 0.1323 0.0268  -0.0270 -0.0311 15 GLY C N  
460 C CA . GLY C 15 ? 0.0714 0.1626 0.1126 0.0027  -0.0307 -0.0342 15 GLY C CA 
461 C C  . GLY C 15 ? 0.1098 0.1381 0.1384 0.0363  -0.0256 -0.0491 15 GLY C C  
462 O O  . GLY C 15 ? 0.1114 0.1889 0.1225 -0.0363 -0.0340 -0.0679 15 GLY C O  
463 N N  . LEU C 16 ? 0.1002 0.1568 0.1601 0.0085  -0.0430 -0.0461 16 LEU C N  
464 C CA . LEU C 16 ? 0.0957 0.1579 0.1164 0.0062  -0.0201 -0.0375 16 LEU C CA 
465 C C  . LEU C 16 ? 0.1361 0.1490 0.1090 0.0296  -0.0370 -0.0377 16 LEU C C  
466 O O  . LEU C 16 ? 0.1120 0.1685 0.1066 0.0230  -0.0155 -0.0266 16 LEU C O  
471 N N  . HYP C 17 ? 0.1205 0.1798 0.1140 0.0050  -0.0263 -0.0415 17 HYP C N  
472 C CA . HYP C 17 ? 0.1246 0.1891 0.1089 -0.0012 -0.0334 -0.0520 17 HYP C CA 
473 C C  . HYP C 17 ? 0.1150 0.1600 0.0701 0.0050  -0.0516 -0.0557 17 HYP C C  
474 O O  . HYP C 17 ? 0.0889 0.1919 0.1564 0.0223  -0.0521 -0.0128 17 HYP C O  
479 N N  . GLY C 18 ? 0.1224 0.1388 0.0993 0.0101  -0.0371 -0.0316 18 GLY C N  
480 C CA . GLY C 18 ? 0.1176 0.1270 0.0982 0.0267  -0.0244 -0.0389 18 GLY C CA 
481 C C  . GLY C 18 ? 0.1050 0.1269 0.0733 0.0242  -0.0156 -0.0320 18 GLY C C  
482 O O  . GLY C 18 ? 0.0788 0.1968 0.0878 -0.0052 -0.0218 -0.0754 18 GLY C O  
483 N N  . PRO C 19 ? 0.1369 0.1304 0.0566 0.0145  -0.0046 -0.0277 19 PRO C N  
484 C CA . PRO C 19 ? 0.1106 0.1220 0.0896 0.0232  -0.0279 -0.0212 19 PRO C CA 
485 C C  . PRO C 19 ? 0.1043 0.1257 0.0896 0.0245  -0.0238 -0.0232 19 PRO C C  
486 O O  . PRO C 19 ? 0.0884 0.1266 0.0778 0.0135  -0.0194 -0.0166 19 PRO C O  
490 N N  . HYP C 20 ? 0.0909 0.1197 0.1007 0.0051  -0.0313 -0.0181 20 HYP C N  
491 C CA . HYP C 20 ? 0.1000 0.1026 0.1077 0.0125  -0.0361 -0.0155 20 HYP C CA 
492 C C  . HYP C 20 ? 0.0912 0.1348 0.0965 0.0061  -0.0390 -0.0250 20 HYP C C  
493 O O  . HYP C 20 ? 0.0947 0.1432 0.0940 -0.0016 -0.0436 -0.0194 20 HYP C O  
498 N N  . GLY C 21 ? 0.0819 0.1720 0.0775 0.0251  -0.0247 -0.0274 21 GLY C N  
499 C CA . GLY C 21 ? 0.0797 0.1438 0.0949 0.0188  -0.0400 -0.0639 21 GLY C CA 
500 C C  . GLY C 21 ? 0.0896 0.1441 0.1265 0.0159  -0.0395 -0.0265 21 GLY C C  
501 O O  . GLY C 21 ? 0.1219 0.1414 0.1315 -0.0031 -0.0075 -0.0361 21 GLY C O  
502 N N  . PRO C 22 ? 0.0897 0.1729 0.1463 0.0063  -0.0226 -0.0144 22 PRO C N  
503 C CA . PRO C 22 ? 0.1051 0.1655 0.1474 0.0000  -0.0246 -0.0168 22 PRO C CA 
504 C C  . PRO C 22 ? 0.1041 0.1779 0.1366 0.0013  -0.0125 -0.0211 22 PRO C C  
505 O O  . PRO C 22 ? 0.0669 0.1739 0.1465 0.0036  -0.0124 -0.0180 22 PRO C O  
509 N N  . HYP C 23 ? 0.1353 0.1651 0.1107 0.0072  -0.0141 -0.0160 23 HYP C N  
510 C CA . HYP C 23 ? 0.0979 0.2000 0.1321 -0.0019 -0.0223 -0.0241 23 HYP C CA 
511 C C  . HYP C 23 ? 0.1026 0.1923 0.1080 -0.0006 -0.0253 -0.0467 23 HYP C C  
512 O O  . HYP C 23 ? 0.1167 0.2617 0.1065 0.0400  -0.0507 -0.0676 23 HYP C O  
517 N N  . GLY C 24 ? 0.1535 0.2205 0.1092 0.0168  -0.0045 -0.0237 24 GLY C N  
518 C CA . GLY C 24 ? 0.1560 0.2176 0.0979 0.0131  -0.0298 -0.0473 24 GLY C CA 
519 C C  . GLY C 24 ? 0.1577 0.2274 0.1214 0.0223  -0.0197 -0.0407 24 GLY C C  
520 O O  . GLY C 24 ? 0.1227 0.2494 0.1280 0.0180  -0.0449 -0.0212 24 GLY C O  
521 N N  . PRO C 25 ? 0.1576 0.2122 0.1329 0.0203  -0.0180 -0.0485 25 PRO C N  
522 C CA . PRO C 25 ? 0.1554 0.2300 0.1692 0.0185  -0.0250 -0.0374 25 PRO C CA 
523 C C  . PRO C 25 ? 0.1490 0.2367 0.1805 0.0185  -0.0328 -0.0437 25 PRO C C  
524 O O  . PRO C 25 ? 0.1559 0.2702 0.1541 0.0311  -0.0507 -0.0499 25 PRO C O  
528 N N  . HYP C 26 ? 0.1938 0.2444 0.2100 -0.0179 -0.0120 -0.0325 26 HYP C N  
529 C CA . HYP C 26 ? 0.2057 0.2626 0.2264 -0.0354 -0.0304 -0.0312 26 HYP C CA 
530 C C  . HYP C 26 ? 0.2049 0.2425 0.2340 -0.0310 -0.0492 -0.0293 26 HYP C C  
531 O O  . HYP C 26 ? 0.1300 0.2484 0.2829 -0.0187 -0.0885 -0.0360 26 HYP C O  
536 N N  . GLY C 27 ? 0.1297 0.2579 0.2291 -0.0349 -0.0396 -0.0307 27 GLY C N  
537 C CA . GLY C 27 ? 0.1527 0.2674 0.2327 -0.0231 -0.0230 -0.0200 27 GLY C CA 
538 C C  . GLY C 27 ? 0.1811 0.3026 0.2698 -0.0042 -0.0492 0.0069  27 GLY C C  
539 O O  . GLY C 27 ? 0.1404 0.3630 0.2656 0.0144  -0.0802 0.0336  27 GLY C O  
540 N N  . PRO C 28 ? 0.2380 0.3362 0.2691 0.0170  -0.0474 0.0160  28 PRO C N  
541 C CA . PRO C 28 ? 0.2618 0.3647 0.3246 0.0405  -0.0685 0.0375  28 PRO C CA 
542 C C  . PRO C 28 ? 0.2821 0.4106 0.3720 0.0105  -0.1204 -0.0191 28 PRO C C  
543 O O  . PRO C 28 ? 0.2901 0.4084 0.3609 0.0079  -0.2127 -0.0432 28 PRO C O  
547 N N  . HYP C 29 ? 0.2868 0.4432 0.4571 -0.0086 -0.0785 -0.0310 29 HYP C N  
548 C CA . HYP C 29 ? 0.3110 0.4879 0.4939 -0.0404 -0.0884 -0.0373 29 HYP C CA 
549 C C  . HYP C 29 ? 0.3774 0.5449 0.5017 -0.0515 -0.1427 -0.0468 29 HYP C C  
550 O O  . HYP C 29 ? 0.4551 0.5794 0.4696 -0.0889 -0.1855 -0.0397 29 HYP C O  
555 N N  . GLY C 30 ? 0.3830 0.5659 0.5275 -0.0701 -0.1889 -0.0509 30 GLY C N  
556 C CA . GLY C 30 ? 0.4034 0.5967 0.5394 -0.0672 -0.2109 -0.0590 30 GLY C CA 
557 C C  . GLY C 30 ? 0.4117 0.6080 0.5733 -0.0705 -0.2306 -0.0491 30 GLY C C  
558 O O  . GLY C 30 ? 0.4527 0.6217 0.6325 -0.0545 -0.2212 -0.0125 30 GLY C O  
# 
loop_
_pdbx_poly_seq_scheme.asym_id 
_pdbx_poly_seq_scheme.entity_id 
_pdbx_poly_seq_scheme.seq_id 
_pdbx_poly_seq_scheme.mon_id 
_pdbx_poly_seq_scheme.ndb_seq_num 
_pdbx_poly_seq_scheme.pdb_seq_num 
_pdbx_poly_seq_scheme.auth_seq_num 
_pdbx_poly_seq_scheme.pdb_mon_id 
_pdbx_poly_seq_scheme.auth_mon_id 
_pdbx_poly_seq_scheme.pdb_strand_id 
_pdbx_poly_seq_scheme.pdb_ins_code 
_pdbx_poly_seq_scheme.hetero 
A 1 1  PRO 1  1  1  PRO PRO A . n 
A 1 2  HYP 2  2  2  HYP HYP A . n 
A 1 3  GLY 3  3  3  GLY GLY A . n 
A 1 4  PRO 4  4  4  PRO PRO A . n 
A 1 5  HYP 5  5  5  HYP HYP A . n 
A 1 6  GLY 6  6  6  GLY GLY A . n 
A 1 7  PRO 7  7  7  PRO PRO A . n 
A 1 8  HYP 8  8  8  HYP HYP A . n 
A 1 9  GLY 9  9  9  GLY GLY A . n 
A 1 10 PRO 10 10 10 PRO PRO A . n 
A 1 11 HYP 11 11 11 HYP HYP A . n 
A 1 12 GLY 12 12 12 GLY GLY A . n 
A 1 13 LEU 13 13 13 LEU LEU A . n 
A 1 14 HYP 14 14 14 HYP HYP A . n 
A 1 15 GLY 15 15 15 GLY GLY A . n 
A 1 16 LEU 16 16 16 LEU LEU A . n 
A 1 17 HYP 17 17 17 HYP HYP A . n 
A 1 18 GLY 18 18 18 GLY GLY A . n 
A 1 19 PRO 19 19 19 PRO PRO A . n 
A 1 20 HYP 20 20 20 HYP HYP A . n 
A 1 21 GLY 21 21 21 GLY GLY A . n 
A 1 22 PRO 22 22 22 PRO PRO A . n 
A 1 23 HYP 23 23 23 HYP HYP A . n 
A 1 24 GLY 24 24 24 GLY GLY A . n 
A 1 25 PRO 25 25 25 PRO PRO A . n 
A 1 26 HYP 26 26 26 HYP HYP A . n 
A 1 27 GLY 27 27 27 GLY GLY A . n 
A 1 28 PRO 28 28 28 PRO PRO A . n 
A 1 29 HYP 29 29 ?  ?   ?   A . n 
A 1 30 GLY 30 30 ?  ?   ?   A . n 
B 1 1  PRO 1  1  ?  ?   ?   B . n 
B 1 2  HYP 2  2  2  HYP HYP B . n 
B 1 3  GLY 3  3  3  GLY GLY B . n 
B 1 4  PRO 4  4  4  PRO PRO B . n 
B 1 5  HYP 5  5  5  HYP HYP B . n 
B 1 6  GLY 6  6  6  GLY GLY B . n 
B 1 7  PRO 7  7  7  PRO PRO B . n 
B 1 8  HYP 8  8  8  HYP HYP B . n 
B 1 9  GLY 9  9  9  GLY GLY B . n 
B 1 10 PRO 10 10 10 PRO PRO B . n 
B 1 11 HYP 11 11 11 HYP HYP B . n 
B 1 12 GLY 12 12 12 GLY GLY B . n 
B 1 13 LEU 13 13 13 LEU LEU B . n 
B 1 14 HYP 14 14 14 HYP HYP B . n 
B 1 15 GLY 15 15 15 GLY GLY B . n 
B 1 16 LEU 16 16 16 LEU LEU B . n 
B 1 17 HYP 17 17 17 HYP HYP B . n 
B 1 18 GLY 18 18 18 GLY GLY B . n 
B 1 19 PRO 19 19 19 PRO PRO B . n 
B 1 20 HYP 20 20 20 HYP HYP B . n 
B 1 21 GLY 21 21 21 GLY GLY B . n 
B 1 22 PRO 22 22 22 PRO PRO B . n 
B 1 23 HYP 23 23 23 HYP HYP B . n 
B 1 24 GLY 24 24 24 GLY GLY B . n 
B 1 25 PRO 25 25 25 PRO PRO B . n 
B 1 26 HYP 26 26 26 HYP HYP B . n 
B 1 27 GLY 27 27 27 GLY GLY B . n 
B 1 28 PRO 28 28 28 PRO PRO B . n 
B 1 29 HYP 29 29 29 HYP HYP B . n 
B 1 30 GLY 30 30 30 GLY GLY B . n 
C 1 1  PRO 1  1  1  PRO PRO C . n 
C 1 2  HYP 2  2  2  HYP HYP C . n 
C 1 3  GLY 3  3  3  GLY GLY C . n 
C 1 4  PRO 4  4  4  PRO PRO C . n 
C 1 5  HYP 5  5  5  HYP HYP C . n 
C 1 6  GLY 6  6  6  GLY GLY C . n 
C 1 7  PRO 7  7  7  PRO PRO C . n 
C 1 8  HYP 8  8  8  HYP HYP C . n 
C 1 9  GLY 9  9  9  GLY GLY C . n 
C 1 10 PRO 10 10 10 PRO PRO C . n 
C 1 11 HYP 11 11 11 HYP HYP C . n 
C 1 12 GLY 12 12 12 GLY GLY C . n 
C 1 13 LEU 13 13 13 LEU LEU C . n 
C 1 14 HYP 14 14 14 HYP HYP C . n 
C 1 15 GLY 15 15 15 GLY GLY C . n 
C 1 16 LEU 16 16 16 LEU LEU C . n 
C 1 17 HYP 17 17 17 HYP HYP C . n 
C 1 18 GLY 18 18 18 GLY GLY C . n 
C 1 19 PRO 19 19 19 PRO PRO C . n 
C 1 20 HYP 20 20 20 HYP HYP C . n 
C 1 21 GLY 21 21 21 GLY GLY C . n 
C 1 22 PRO 22 22 22 PRO PRO C . n 
C 1 23 HYP 23 23 23 HYP HYP C . n 
C 1 24 GLY 24 24 24 GLY GLY C . n 
C 1 25 PRO 25 25 25 PRO PRO C . n 
C 1 26 HYP 26 26 26 HYP HYP C . n 
C 1 27 GLY 27 27 27 GLY GLY C . n 
C 1 28 PRO 28 28 28 PRO PRO C . n 
C 1 29 HYP 29 29 29 HYP HYP C . n 
C 1 30 GLY 30 30 30 GLY GLY C . n 
# 
loop_
_pdbx_nonpoly_scheme.asym_id 
_pdbx_nonpoly_scheme.entity_id 
_pdbx_nonpoly_scheme.mon_id 
_pdbx_nonpoly_scheme.ndb_seq_num 
_pdbx_nonpoly_scheme.pdb_seq_num 
_pdbx_nonpoly_scheme.auth_seq_num 
_pdbx_nonpoly_scheme.pdb_mon_id 
_pdbx_nonpoly_scheme.auth_mon_id 
_pdbx_nonpoly_scheme.pdb_strand_id 
_pdbx_nonpoly_scheme.pdb_ins_code 
D 2 HOH 1  106  106  HOH HOH A . 
D 2 HOH 2  110  110  HOH HOH A . 
D 2 HOH 3  112  112  HOH HOH A . 
D 2 HOH 4  113  113  HOH HOH A . 
D 2 HOH 5  116  116  HOH HOH A . 
D 2 HOH 6  124  124  HOH HOH A . 
D 2 HOH 7  126  126  HOH HOH A . 
D 2 HOH 8  128  128  HOH HOH A . 
D 2 HOH 9  129  129  HOH HOH A . 
D 2 HOH 10 136  136  HOH HOH A . 
D 2 HOH 11 138  138  HOH HOH A . 
D 2 HOH 12 142  142  HOH HOH A . 
D 2 HOH 13 146  146  HOH HOH A . 
D 2 HOH 14 148  148  HOH HOH A . 
D 2 HOH 15 151  151  HOH HOH A . 
D 2 HOH 16 158  158  HOH HOH A . 
D 2 HOH 17 160  160  HOH HOH A . 
D 2 HOH 18 162  162  HOH HOH A . 
D 2 HOH 19 163  163  HOH HOH A . 
D 2 HOH 20 164  164  HOH HOH A . 
D 2 HOH 21 166  166  HOH HOH A . 
D 2 HOH 22 167  167  HOH HOH A . 
D 2 HOH 23 170  170  HOH HOH A . 
D 2 HOH 24 172  172  HOH HOH A . 
D 2 HOH 25 173  173  HOH HOH A . 
D 2 HOH 26 177  177  HOH HOH A . 
D 2 HOH 27 181  181  HOH HOH A . 
D 2 HOH 28 183  183  HOH HOH A . 
D 2 HOH 29 186  186  HOH HOH A . 
D 2 HOH 30 192  192  HOH HOH A . 
D 2 HOH 31 194  194  HOH HOH A . 
D 2 HOH 32 199  199  HOH HOH A . 
D 2 HOH 33 206  206  HOH HOH A . 
D 2 HOH 34 1110 1110 HOH HOH A . 
D 2 HOH 35 1113 1113 HOH HOH A . 
D 2 HOH 36 1114 1114 HOH HOH A . 
D 2 HOH 37 1116 1116 HOH HOH A . 
D 2 HOH 38 1124 1124 HOH HOH A . 
D 2 HOH 39 1126 1126 HOH HOH A . 
D 2 HOH 40 1127 1127 HOH HOH A . 
D 2 HOH 41 1130 1130 HOH HOH A . 
D 2 HOH 42 1136 1136 HOH HOH A . 
D 2 HOH 43 1138 1138 HOH HOH A . 
D 2 HOH 44 1140 1140 HOH HOH A . 
D 2 HOH 45 1142 1142 HOH HOH A . 
D 2 HOH 46 1145 1145 HOH HOH A . 
D 2 HOH 47 1146 1146 HOH HOH A . 
D 2 HOH 48 1157 1157 HOH HOH A . 
D 2 HOH 49 1158 1158 HOH HOH A . 
D 2 HOH 50 1162 1162 HOH HOH A . 
E 2 HOH 1  102  102  HOH HOH B . 
E 2 HOH 2  105  105  HOH HOH B . 
E 2 HOH 3  108  108  HOH HOH B . 
E 2 HOH 4  109  109  HOH HOH B . 
E 2 HOH 5  111  111  HOH HOH B . 
E 2 HOH 6  114  114  HOH HOH B . 
E 2 HOH 7  115  115  HOH HOH B . 
E 2 HOH 8  117  117  HOH HOH B . 
E 2 HOH 9  119  119  HOH HOH B . 
E 2 HOH 10 120  120  HOH HOH B . 
E 2 HOH 11 122  122  HOH HOH B . 
E 2 HOH 12 125  125  HOH HOH B . 
E 2 HOH 13 127  127  HOH HOH B . 
E 2 HOH 14 131  131  HOH HOH B . 
E 2 HOH 15 135  135  HOH HOH B . 
E 2 HOH 16 137  137  HOH HOH B . 
E 2 HOH 17 141  141  HOH HOH B . 
E 2 HOH 18 144  144  HOH HOH B . 
E 2 HOH 19 145  145  HOH HOH B . 
E 2 HOH 20 147  147  HOH HOH B . 
E 2 HOH 21 149  149  HOH HOH B . 
E 2 HOH 22 150  150  HOH HOH B . 
E 2 HOH 23 161  161  HOH HOH B . 
E 2 HOH 24 168  168  HOH HOH B . 
E 2 HOH 25 171  171  HOH HOH B . 
E 2 HOH 26 174  174  HOH HOH B . 
E 2 HOH 27 176  176  HOH HOH B . 
E 2 HOH 28 178  178  HOH HOH B . 
E 2 HOH 29 179  179  HOH HOH B . 
E 2 HOH 30 180  180  HOH HOH B . 
E 2 HOH 31 182  182  HOH HOH B . 
E 2 HOH 32 184  184  HOH HOH B . 
E 2 HOH 33 185  185  HOH HOH B . 
E 2 HOH 34 188  188  HOH HOH B . 
E 2 HOH 35 190  190  HOH HOH B . 
E 2 HOH 36 195  195  HOH HOH B . 
E 2 HOH 37 198  198  HOH HOH B . 
E 2 HOH 38 200  200  HOH HOH B . 
E 2 HOH 39 202  202  HOH HOH B . 
E 2 HOH 40 204  204  HOH HOH B . 
E 2 HOH 41 205  205  HOH HOH B . 
E 2 HOH 42 1102 1102 HOH HOH B . 
E 2 HOH 43 1103 1103 HOH HOH B . 
E 2 HOH 44 1105 1105 HOH HOH B . 
E 2 HOH 45 1106 1106 HOH HOH B . 
E 2 HOH 46 1108 1108 HOH HOH B . 
E 2 HOH 47 1109 1109 HOH HOH B . 
E 2 HOH 48 1111 1111 HOH HOH B . 
E 2 HOH 49 1112 1112 HOH HOH B . 
E 2 HOH 50 1115 1115 HOH HOH B . 
E 2 HOH 51 1117 1117 HOH HOH B . 
E 2 HOH 52 1118 1118 HOH HOH B . 
E 2 HOH 53 1119 1119 HOH HOH B . 
E 2 HOH 54 1120 1120 HOH HOH B . 
E 2 HOH 55 1121 1121 HOH HOH B . 
E 2 HOH 56 1122 1122 HOH HOH B . 
E 2 HOH 57 1123 1123 HOH HOH B . 
E 2 HOH 58 1125 1125 HOH HOH B . 
E 2 HOH 59 1128 1128 HOH HOH B . 
E 2 HOH 60 1131 1131 HOH HOH B . 
E 2 HOH 61 1132 1132 HOH HOH B . 
E 2 HOH 62 1133 1133 HOH HOH B . 
E 2 HOH 63 1134 1134 HOH HOH B . 
E 2 HOH 64 1135 1135 HOH HOH B . 
E 2 HOH 65 1143 1143 HOH HOH B . 
E 2 HOH 66 1144 1144 HOH HOH B . 
E 2 HOH 67 1147 1147 HOH HOH B . 
E 2 HOH 68 1149 1149 HOH HOH B . 
E 2 HOH 69 1150 1150 HOH HOH B . 
E 2 HOH 70 1152 1152 HOH HOH B . 
E 2 HOH 71 1153 1153 HOH HOH B . 
E 2 HOH 72 1154 1154 HOH HOH B . 
E 2 HOH 73 1155 1155 HOH HOH B . 
E 2 HOH 74 1159 1159 HOH HOH B . 
E 2 HOH 75 2101 2101 HOH HOH B . 
E 2 HOH 76 2102 2102 HOH HOH B . 
F 2 HOH 1  101  101  HOH HOH C . 
F 2 HOH 2  103  103  HOH HOH C . 
F 2 HOH 3  104  104  HOH HOH C . 
F 2 HOH 4  107  107  HOH HOH C . 
F 2 HOH 5  118  118  HOH HOH C . 
F 2 HOH 6  121  121  HOH HOH C . 
F 2 HOH 7  123  123  HOH HOH C . 
F 2 HOH 8  130  130  HOH HOH C . 
F 2 HOH 9  132  132  HOH HOH C . 
F 2 HOH 10 133  133  HOH HOH C . 
F 2 HOH 11 134  134  HOH HOH C . 
F 2 HOH 12 139  139  HOH HOH C . 
F 2 HOH 13 140  140  HOH HOH C . 
F 2 HOH 14 143  143  HOH HOH C . 
F 2 HOH 15 152  152  HOH HOH C . 
F 2 HOH 16 153  153  HOH HOH C . 
F 2 HOH 17 154  154  HOH HOH C . 
F 2 HOH 18 155  155  HOH HOH C . 
F 2 HOH 19 156  156  HOH HOH C . 
F 2 HOH 20 157  157  HOH HOH C . 
F 2 HOH 21 159  159  HOH HOH C . 
F 2 HOH 22 165  165  HOH HOH C . 
F 2 HOH 23 169  169  HOH HOH C . 
F 2 HOH 24 175  175  HOH HOH C . 
F 2 HOH 25 187  187  HOH HOH C . 
F 2 HOH 26 189  189  HOH HOH C . 
F 2 HOH 27 191  191  HOH HOH C . 
F 2 HOH 28 193  193  HOH HOH C . 
F 2 HOH 29 196  196  HOH HOH C . 
F 2 HOH 30 197  197  HOH HOH C . 
F 2 HOH 31 201  201  HOH HOH C . 
F 2 HOH 32 203  203  HOH HOH C . 
F 2 HOH 33 1101 1101 HOH HOH C . 
F 2 HOH 34 1104 1104 HOH HOH C . 
F 2 HOH 35 1107 1107 HOH HOH C . 
F 2 HOH 36 1129 1129 HOH HOH C . 
F 2 HOH 37 1137 1137 HOH HOH C . 
F 2 HOH 38 1139 1139 HOH HOH C . 
F 2 HOH 39 1141 1141 HOH HOH C . 
F 2 HOH 40 1148 1148 HOH HOH C . 
F 2 HOH 41 1151 1151 HOH HOH C . 
F 2 HOH 42 1156 1156 HOH HOH C . 
F 2 HOH 43 1160 1160 HOH HOH C . 
F 2 HOH 44 1161 1161 HOH HOH C . 
# 
loop_
_pdbx_struct_mod_residue.id 
_pdbx_struct_mod_residue.label_asym_id 
_pdbx_struct_mod_residue.label_comp_id 
_pdbx_struct_mod_residue.label_seq_id 
_pdbx_struct_mod_residue.auth_asym_id 
_pdbx_struct_mod_residue.auth_comp_id 
_pdbx_struct_mod_residue.auth_seq_id 
_pdbx_struct_mod_residue.PDB_ins_code 
_pdbx_struct_mod_residue.parent_comp_id 
_pdbx_struct_mod_residue.details 
1  A HYP 2  A HYP 2  ? PRO 4-HYDROXYPROLINE 
2  A HYP 5  A HYP 5  ? PRO 4-HYDROXYPROLINE 
3  A HYP 8  A HYP 8  ? PRO 4-HYDROXYPROLINE 
4  A HYP 11 A HYP 11 ? PRO 4-HYDROXYPROLINE 
5  A HYP 14 A HYP 14 ? PRO 4-HYDROXYPROLINE 
6  A HYP 17 A HYP 17 ? PRO 4-HYDROXYPROLINE 
7  A HYP 20 A HYP 20 ? PRO 4-HYDROXYPROLINE 
8  A HYP 23 A HYP 23 ? PRO 4-HYDROXYPROLINE 
9  A HYP 26 A HYP 26 ? PRO 4-HYDROXYPROLINE 
10 B HYP 2  B HYP 2  ? PRO 4-HYDROXYPROLINE 
11 B HYP 5  B HYP 5  ? PRO 4-HYDROXYPROLINE 
12 B HYP 8  B HYP 8  ? PRO 4-HYDROXYPROLINE 
13 B HYP 11 B HYP 11 ? PRO 4-HYDROXYPROLINE 
14 B HYP 14 B HYP 14 ? PRO 4-HYDROXYPROLINE 
15 B HYP 17 B HYP 17 ? PRO 4-HYDROXYPROLINE 
16 B HYP 20 B HYP 20 ? PRO 4-HYDROXYPROLINE 
17 B HYP 23 B HYP 23 ? PRO 4-HYDROXYPROLINE 
18 B HYP 26 B HYP 26 ? PRO 4-HYDROXYPROLINE 
19 B HYP 29 B HYP 29 ? PRO 4-HYDROXYPROLINE 
20 C HYP 2  C HYP 2  ? PRO 4-HYDROXYPROLINE 
21 C HYP 5  C HYP 5  ? PRO 4-HYDROXYPROLINE 
22 C HYP 8  C HYP 8  ? PRO 4-HYDROXYPROLINE 
23 C HYP 11 C HYP 11 ? PRO 4-HYDROXYPROLINE 
24 C HYP 14 C HYP 14 ? PRO 4-HYDROXYPROLINE 
25 C HYP 17 C HYP 17 ? PRO 4-HYDROXYPROLINE 
26 C HYP 20 C HYP 20 ? PRO 4-HYDROXYPROLINE 
27 C HYP 23 C HYP 23 ? PRO 4-HYDROXYPROLINE 
28 C HYP 26 C HYP 26 ? PRO 4-HYDROXYPROLINE 
29 C HYP 29 C HYP 29 ? PRO 4-HYDROXYPROLINE 
# 
_pdbx_struct_assembly.id                   1 
_pdbx_struct_assembly.details              author_and_software_defined_assembly 
_pdbx_struct_assembly.method_details       PISA 
_pdbx_struct_assembly.oligomeric_details   trimeric 
_pdbx_struct_assembly.oligomeric_count     3 
# 
_pdbx_struct_assembly_gen.assembly_id       1 
_pdbx_struct_assembly_gen.oper_expression   1 
_pdbx_struct_assembly_gen.asym_id_list      A,B,C,D,E,F 
# 
loop_
_pdbx_struct_assembly_prop.biol_id 
_pdbx_struct_assembly_prop.type 
_pdbx_struct_assembly_prop.value 
_pdbx_struct_assembly_prop.details 
1 'ABSA (A^2)' 5040 ? 
1 MORE         -25  ? 
1 'SSA (A^2)'  5040 ? 
# 
_pdbx_struct_oper_list.id                   1 
_pdbx_struct_oper_list.type                 'identity operation' 
_pdbx_struct_oper_list.name                 1_555 
_pdbx_struct_oper_list.symmetry_operation   x,y,z 
_pdbx_struct_oper_list.matrix[1][1]         1.0000000000 
_pdbx_struct_oper_list.matrix[1][2]         0.0000000000 
_pdbx_struct_oper_list.matrix[1][3]         0.0000000000 
_pdbx_struct_oper_list.vector[1]            0.0000000000 
_pdbx_struct_oper_list.matrix[2][1]         0.0000000000 
_pdbx_struct_oper_list.matrix[2][2]         1.0000000000 
_pdbx_struct_oper_list.matrix[2][3]         0.0000000000 
_pdbx_struct_oper_list.vector[2]            0.0000000000 
_pdbx_struct_oper_list.matrix[3][1]         0.0000000000 
_pdbx_struct_oper_list.matrix[3][2]         0.0000000000 
_pdbx_struct_oper_list.matrix[3][3]         1.0000000000 
_pdbx_struct_oper_list.vector[3]            0.0000000000 
# 
loop_
_pdbx_audit_revision_history.ordinal 
_pdbx_audit_revision_history.data_content_type 
_pdbx_audit_revision_history.major_revision 
_pdbx_audit_revision_history.minor_revision 
_pdbx_audit_revision_history.revision_date 
1 'Structure model' 1 0 2007-04-24 
2 'Structure model' 1 1 2008-04-30 
3 'Structure model' 1 2 2011-07-13 
4 'Structure model' 1 3 2023-10-25 
# 
_pdbx_audit_revision_details.ordinal             1 
_pdbx_audit_revision_details.revision_ordinal    1 
_pdbx_audit_revision_details.data_content_type   'Structure model' 
_pdbx_audit_revision_details.provider            repository 
_pdbx_audit_revision_details.type                'Initial release' 
_pdbx_audit_revision_details.description         ? 
_pdbx_audit_revision_details.details             ? 
# 
loop_
_pdbx_audit_revision_group.ordinal 
_pdbx_audit_revision_group.revision_ordinal 
_pdbx_audit_revision_group.data_content_type 
_pdbx_audit_revision_group.group 
1 2 'Structure model' 'Version format compliance' 
2 3 'Structure model' 'Version format compliance' 
3 4 'Structure model' 'Data collection'           
4 4 'Structure model' 'Database references'       
5 4 'Structure model' 'Derived calculations'      
6 4 'Structure model' 'Refinement description'    
# 
loop_
_pdbx_audit_revision_category.ordinal 
_pdbx_audit_revision_category.revision_ordinal 
_pdbx_audit_revision_category.data_content_type 
_pdbx_audit_revision_category.category 
1 4 'Structure model' chem_comp_atom                
2 4 'Structure model' chem_comp_bond                
3 4 'Structure model' database_2                    
4 4 'Structure model' pdbx_initial_refinement_model 
5 4 'Structure model' struct_conn                   
# 
loop_
_pdbx_audit_revision_item.ordinal 
_pdbx_audit_revision_item.revision_ordinal 
_pdbx_audit_revision_item.data_content_type 
_pdbx_audit_revision_item.item 
1 4 'Structure model' '_database_2.pdbx_DOI'                
2 4 'Structure model' '_database_2.pdbx_database_accession' 
3 4 'Structure model' '_struct_conn.pdbx_leaving_atom_flag' 
# 
loop_
_software.name 
_software.classification 
_software.version 
_software.citation_id 
_software.pdbx_ordinal 
SHELX     'model building'  . ? 1 
SHELXL-97 refinement        . ? 2 
ADSC      'data collection' . ? 3 
HKL-2000  'data scaling'    . ? 4 
X-PLOR    phasing           . ? 5 
# 
loop_
_pdbx_unobs_or_zero_occ_residues.id 
_pdbx_unobs_or_zero_occ_residues.PDB_model_num 
_pdbx_unobs_or_zero_occ_residues.polymer_flag 
_pdbx_unobs_or_zero_occ_residues.occupancy_flag 
_pdbx_unobs_or_zero_occ_residues.auth_asym_id 
_pdbx_unobs_or_zero_occ_residues.auth_comp_id 
_pdbx_unobs_or_zero_occ_residues.auth_seq_id 
_pdbx_unobs_or_zero_occ_residues.PDB_ins_code 
_pdbx_unobs_or_zero_occ_residues.label_asym_id 
_pdbx_unobs_or_zero_occ_residues.label_comp_id 
_pdbx_unobs_or_zero_occ_residues.label_seq_id 
1 1 Y 1 A HYP 29 ? A HYP 29 
2 1 Y 1 A GLY 30 ? A GLY 30 
3 1 Y 1 B PRO 1  ? B PRO 1  
# 
loop_
_chem_comp_atom.comp_id 
_chem_comp_atom.atom_id 
_chem_comp_atom.type_symbol 
_chem_comp_atom.pdbx_aromatic_flag 
_chem_comp_atom.pdbx_stereo_config 
_chem_comp_atom.pdbx_ordinal 
GLY N    N N N 1  
GLY CA   C N N 2  
GLY C    C N N 3  
GLY O    O N N 4  
GLY OXT  O N N 5  
GLY H    H N N 6  
GLY H2   H N N 7  
GLY HA2  H N N 8  
GLY HA3  H N N 9  
GLY HXT  H N N 10 
HOH O    O N N 11 
HOH H1   H N N 12 
HOH H2   H N N 13 
HYP N    N N N 14 
HYP CA   C N S 15 
HYP C    C N N 16 
HYP O    O N N 17 
HYP CB   C N N 18 
HYP CG   C N R 19 
HYP CD   C N N 20 
HYP OD1  O N N 21 
HYP OXT  O N N 22 
HYP H    H N N 23 
HYP HA   H N N 24 
HYP HB2  H N N 25 
HYP HB3  H N N 26 
HYP HG   H N N 27 
HYP HD22 H N N 28 
HYP HD23 H N N 29 
HYP HD1  H N N 30 
HYP HXT  H N N 31 
LEU N    N N N 32 
LEU CA   C N S 33 
LEU C    C N N 34 
LEU O    O N N 35 
LEU CB   C N N 36 
LEU CG   C N N 37 
LEU CD1  C N N 38 
LEU CD2  C N N 39 
LEU OXT  O N N 40 
LEU H    H N N 41 
LEU H2   H N N 42 
LEU HA   H N N 43 
LEU HB2  H N N 44 
LEU HB3  H N N 45 
LEU HG   H N N 46 
LEU HD11 H N N 47 
LEU HD12 H N N 48 
LEU HD13 H N N 49 
LEU HD21 H N N 50 
LEU HD22 H N N 51 
LEU HD23 H N N 52 
LEU HXT  H N N 53 
PRO N    N N N 54 
PRO CA   C N S 55 
PRO C    C N N 56 
PRO O    O N N 57 
PRO CB   C N N 58 
PRO CG   C N N 59 
PRO CD   C N N 60 
PRO OXT  O N N 61 
PRO H    H N N 62 
PRO HA   H N N 63 
PRO HB2  H N N 64 
PRO HB3  H N N 65 
PRO HG2  H N N 66 
PRO HG3  H N N 67 
PRO HD2  H N N 68 
PRO HD3  H N N 69 
PRO HXT  H N N 70 
# 
loop_
_chem_comp_bond.comp_id 
_chem_comp_bond.atom_id_1 
_chem_comp_bond.atom_id_2 
_chem_comp_bond.value_order 
_chem_comp_bond.pdbx_aromatic_flag 
_chem_comp_bond.pdbx_stereo_config 
_chem_comp_bond.pdbx_ordinal 
GLY N   CA   sing N N 1  
GLY N   H    sing N N 2  
GLY N   H2   sing N N 3  
GLY CA  C    sing N N 4  
GLY CA  HA2  sing N N 5  
GLY CA  HA3  sing N N 6  
GLY C   O    doub N N 7  
GLY C   OXT  sing N N 8  
GLY OXT HXT  sing N N 9  
HOH O   H1   sing N N 10 
HOH O   H2   sing N N 11 
HYP N   CA   sing N N 12 
HYP N   CD   sing N N 13 
HYP N   H    sing N N 14 
HYP CA  C    sing N N 15 
HYP CA  CB   sing N N 16 
HYP CA  HA   sing N N 17 
HYP C   O    doub N N 18 
HYP C   OXT  sing N N 19 
HYP CB  CG   sing N N 20 
HYP CB  HB2  sing N N 21 
HYP CB  HB3  sing N N 22 
HYP CG  CD   sing N N 23 
HYP CG  OD1  sing N N 24 
HYP CG  HG   sing N N 25 
HYP CD  HD22 sing N N 26 
HYP CD  HD23 sing N N 27 
HYP OD1 HD1  sing N N 28 
HYP OXT HXT  sing N N 29 
LEU N   CA   sing N N 30 
LEU N   H    sing N N 31 
LEU N   H2   sing N N 32 
LEU CA  C    sing N N 33 
LEU CA  CB   sing N N 34 
LEU CA  HA   sing N N 35 
LEU C   O    doub N N 36 
LEU C   OXT  sing N N 37 
LEU CB  CG   sing N N 38 
LEU CB  HB2  sing N N 39 
LEU CB  HB3  sing N N 40 
LEU CG  CD1  sing N N 41 
LEU CG  CD2  sing N N 42 
LEU CG  HG   sing N N 43 
LEU CD1 HD11 sing N N 44 
LEU CD1 HD12 sing N N 45 
LEU CD1 HD13 sing N N 46 
LEU CD2 HD21 sing N N 47 
LEU CD2 HD22 sing N N 48 
LEU CD2 HD23 sing N N 49 
LEU OXT HXT  sing N N 50 
PRO N   CA   sing N N 51 
PRO N   CD   sing N N 52 
PRO N   H    sing N N 53 
PRO CA  C    sing N N 54 
PRO CA  CB   sing N N 55 
PRO CA  HA   sing N N 56 
PRO C   O    doub N N 57 
PRO C   OXT  sing N N 58 
PRO CB  CG   sing N N 59 
PRO CB  HB2  sing N N 60 
PRO CB  HB3  sing N N 61 
PRO CG  CD   sing N N 62 
PRO CG  HG2  sing N N 63 
PRO CG  HG3  sing N N 64 
PRO CD  HD2  sing N N 65 
PRO CD  HD3  sing N N 66 
PRO OXT HXT  sing N N 67 
# 
_pdbx_entity_nonpoly.entity_id   2 
_pdbx_entity_nonpoly.name        water 
_pdbx_entity_nonpoly.comp_id     HOH 
# 
_pdbx_initial_refinement_model.id               1 
_pdbx_initial_refinement_model.entity_id_list   ? 
_pdbx_initial_refinement_model.type             'experimental model' 
_pdbx_initial_refinement_model.source_name      PDB 
_pdbx_initial_refinement_model.accession_code   1V4F 
_pdbx_initial_refinement_model.details          'PDB ENTRY 1V4F' 
# 
